data_5AEE
#
_entry.id   5AEE
#
_cell.length_a   77.960
_cell.length_b   107.620
_cell.length_c   103.300
_cell.angle_alpha   90.00
_cell.angle_beta   107.85
_cell.angle_gamma   90.00
#
_symmetry.space_group_name_H-M   'P 1 21 1'
#
loop_
_entity.id
_entity.type
_entity.pdbx_description
1 polymer 'ALPHA-GLUCOSIDASE YIHQ'
2 non-polymer 'CALCIUM ION'
3 non-polymer '4-nitrophenyl alpha-D-6-sulfoquinovoside'
4 non-polymer (4S)-2-METHYL-2,4-PENTANEDIOL
5 non-polymer 'CHLORIDE ION'
6 water water
#
_entity_poly.entity_id   1
_entity_poly.type   'polypeptide(L)'
_entity_poly.pdbx_seq_one_letter_code
;MDTPRPQLLDFQFHQNNDSFTLHFQQRLILTHSKDNPCLWIGSGIADIDMFRGNFSIKDKLQEKIALTDAIVSQSPDGWL
IHFSRGSDISATLNISADDQGRLLLELQNDNLNHNRIWLRLAAQPEDHIYGCGEQFSYFDLRGKPFPLWTSEQGVGRNKQ
TYVTWQADCKENAGGDYYWTFFPQPTFVSTQKYYCHVDNSCYMNFDFSAPEYHELALWEDKATLRFECADTYISLLEKLT
ALLGRQPELPDWIYDGVTLGIQGGTEVCQKKLDTMRNAGVKVNGIWAQDWSGIRMTSFGKRVMWNWKWNSENYPQLDSRI
KQWNQEGVQFLAYINPYVASDKDLCEEAAQHGYLAKDASGGDYLVEFGEFYGGVVDLTNPEAYAWFKEVIKKNMIELGCG
GWMADFGEYLPTDTYLHNGVSAEIMHNAWPALWAKCNYEALEETGKLGEILFFMRAGSTGSQKYSTMMWAGNQNVDWSLD
DGLASVVPAALSLAMTGHGLHHSDIGGYTTLFEMKRSKELLLRWCDFSAFTPMMRTHEGNRPGDNWQFDGDAETIAHFAR
MTTVFTTLKPYLKEAVALNAKSGLPVMRPLFLHYEDDAHTYTLKYQYLLGRDILVAPVHEEGRSDWTLYLPEDNWVHAWT
GEAFRGGEVTVNAPIGKPPVFYRADSEWAALFASLKSILEHHHHHH
;
_entity_poly.pdbx_strand_id   A,B
#
loop_
_chem_comp.id
_chem_comp.type
_chem_comp.name
_chem_comp.formula
CA non-polymer 'CALCIUM ION' 'Ca 2'
CL non-polymer 'CHLORIDE ION' 'Cl -1'
MPD non-polymer (4S)-2-METHYL-2,4-PENTANEDIOL 'C6 H14 O2'
NSQ D-saccharide '4-nitrophenyl alpha-D-6-sulfoquinovoside' 'C12 H15 N O10 S'
#
# COMPACT_ATOMS: atom_id res chain seq x y z
N GLN A 12 29.28 -24.82 -18.89
CA GLN A 12 29.20 -26.03 -17.95
C GLN A 12 27.77 -26.38 -17.62
N PHE A 13 27.27 -27.43 -18.27
CA PHE A 13 25.94 -27.91 -18.03
C PHE A 13 26.04 -29.30 -17.41
N HIS A 14 25.44 -29.49 -16.24
CA HIS A 14 25.51 -30.78 -15.51
C HIS A 14 24.13 -31.19 -15.21
N GLN A 15 23.82 -32.48 -15.35
CA GLN A 15 22.44 -32.93 -15.18
C GLN A 15 22.34 -34.28 -14.52
N ASN A 16 21.25 -34.47 -13.79
CA ASN A 16 20.72 -35.76 -13.44
C ASN A 16 19.29 -35.75 -13.96
N ASN A 17 18.53 -36.80 -13.67
CA ASN A 17 17.24 -37.07 -14.30
C ASN A 17 16.31 -35.85 -14.46
N ASP A 18 15.81 -35.29 -13.37
CA ASP A 18 15.00 -34.05 -13.48
C ASP A 18 15.75 -32.95 -12.70
N SER A 19 17.07 -32.87 -12.88
CA SER A 19 17.92 -31.98 -12.08
C SER A 19 19.15 -31.46 -12.86
N PHE A 20 19.45 -30.17 -12.78
CA PHE A 20 20.60 -29.65 -13.53
C PHE A 20 21.18 -28.39 -12.95
N THR A 21 22.43 -28.07 -13.33
CA THR A 21 23.00 -26.77 -13.05
C THR A 21 23.64 -26.19 -14.31
N LEU A 22 23.68 -24.88 -14.40
CA LEU A 22 24.35 -24.18 -15.49
C LEU A 22 25.29 -23.16 -14.90
N HIS A 23 26.57 -23.29 -15.25
CA HIS A 23 27.55 -22.30 -14.96
C HIS A 23 27.96 -21.71 -16.29
N PHE A 24 28.31 -20.43 -16.25
CA PHE A 24 28.73 -19.69 -17.43
C PHE A 24 29.95 -18.90 -16.97
N GLN A 25 31.14 -19.17 -17.55
CA GLN A 25 32.40 -18.59 -17.05
C GLN A 25 32.55 -18.67 -15.55
N GLN A 26 32.14 -19.81 -15.01
CA GLN A 26 32.20 -20.12 -13.59
C GLN A 26 31.15 -19.46 -12.68
N ARG A 27 30.28 -18.61 -13.23
CA ARG A 27 29.15 -18.07 -12.46
C ARG A 27 28.04 -19.11 -12.52
N LEU A 28 27.52 -19.50 -11.35
CA LEU A 28 26.36 -20.38 -11.31
C LEU A 28 25.13 -19.53 -11.69
N ILE A 29 24.50 -19.84 -12.81
CA ILE A 29 23.36 -19.05 -13.32
C ILE A 29 22.01 -19.69 -12.98
N LEU A 30 21.88 -21.00 -13.29
CA LEU A 30 20.68 -21.80 -13.03
C LEU A 30 20.94 -23.06 -12.17
N THR A 31 20.03 -23.35 -11.26
CA THR A 31 19.97 -24.68 -10.71
C THR A 31 18.52 -25.12 -10.77
N HIS A 32 18.30 -26.39 -11.05
CA HIS A 32 17.00 -26.90 -11.10
C HIS A 32 16.94 -28.29 -10.47
N SER A 33 15.90 -28.57 -9.73
CA SER A 33 15.60 -29.96 -9.36
C SER A 33 14.11 -30.00 -9.08
N LYS A 34 13.55 -31.20 -8.96
CA LYS A 34 12.14 -31.36 -8.64
C LYS A 34 11.80 -30.61 -7.35
N ASP A 35 12.73 -30.61 -6.37
CA ASP A 35 12.50 -29.97 -5.08
C ASP A 35 12.60 -28.46 -5.17
N ASN A 36 13.55 -27.98 -5.98
CA ASN A 36 13.86 -26.59 -6.08
C ASN A 36 13.94 -26.16 -7.52
N PRO A 37 12.76 -25.92 -8.12
CA PRO A 37 12.69 -25.68 -9.54
C PRO A 37 13.19 -24.27 -9.80
N CYS A 38 13.62 -23.98 -11.02
CA CYS A 38 14.03 -22.64 -11.45
C CYS A 38 12.94 -21.95 -12.26
N LEU A 39 11.93 -22.69 -12.69
CA LEU A 39 10.87 -22.25 -13.59
C LEU A 39 9.47 -22.61 -13.17
N TRP A 40 8.64 -21.58 -13.20
CA TRP A 40 7.23 -21.59 -13.00
C TRP A 40 6.61 -20.92 -14.20
N ILE A 41 5.48 -21.45 -14.61
CA ILE A 41 4.67 -20.72 -15.58
C ILE A 41 3.22 -20.70 -15.10
N GLY A 42 2.44 -19.93 -15.79
CA GLY A 42 1.03 -19.82 -15.45
C GLY A 42 0.38 -18.77 -16.22
N SER A 43 -0.59 -18.11 -15.59
CA SER A 43 -1.40 -17.13 -16.29
C SER A 43 -2.05 -16.16 -15.34
N GLY A 44 -2.26 -14.97 -15.86
CA GLY A 44 -2.86 -13.89 -15.11
C GLY A 44 -3.70 -13.05 -16.04
N ILE A 45 -4.63 -12.29 -15.47
CA ILE A 45 -5.32 -11.26 -16.24
C ILE A 45 -4.82 -9.93 -15.68
N ALA A 46 -4.16 -9.16 -16.55
CA ALA A 46 -3.66 -7.82 -16.24
C ALA A 46 -4.85 -6.84 -16.24
N ASP A 47 -5.00 -6.09 -15.16
CA ASP A 47 -5.92 -4.98 -15.09
C ASP A 47 -5.02 -3.75 -14.91
N ILE A 48 -4.69 -3.09 -16.02
CA ILE A 48 -3.80 -1.95 -16.05
C ILE A 48 -4.62 -0.66 -16.30
N ASP A 49 -4.53 0.30 -15.38
CA ASP A 49 -5.23 1.59 -15.48
C ASP A 49 -4.24 2.74 -15.37
N MET A 50 -4.53 3.82 -16.06
CA MET A 50 -3.66 4.93 -16.09
C MET A 50 -4.48 6.16 -15.84
N PHE A 51 -3.96 7.06 -15.02
CA PHE A 51 -4.50 8.41 -14.95
C PHE A 51 -3.30 9.35 -14.98
N ARG A 52 -3.21 10.13 -16.05
CA ARG A 52 -2.14 11.11 -16.23
C ARG A 52 -0.74 10.53 -16.06
N GLY A 53 -0.51 9.42 -16.72
CA GLY A 53 0.77 8.72 -16.65
C GLY A 53 1.07 7.93 -15.37
N ASN A 54 0.17 8.01 -14.41
CA ASN A 54 0.37 7.32 -13.15
C ASN A 54 -0.40 6.01 -13.35
N PHE A 55 0.32 4.90 -13.32
CA PHE A 55 -0.31 3.60 -13.60
C PHE A 55 -0.68 2.86 -12.31
N SER A 56 -1.81 2.19 -12.37
CA SER A 56 -2.28 1.27 -11.38
C SER A 56 -2.30 -0.09 -12.10
N ILE A 57 -1.44 -0.99 -11.67
CA ILE A 57 -1.27 -2.30 -12.27
C ILE A 57 -1.74 -3.38 -11.27
N LYS A 58 -2.82 -4.07 -11.61
CA LYS A 58 -3.32 -5.20 -10.80
C LYS A 58 -3.23 -6.47 -11.65
N ASP A 59 -2.84 -7.59 -11.04
CA ASP A 59 -2.94 -8.90 -11.67
C ASP A 59 -4.07 -9.72 -11.01
N LYS A 60 -4.92 -10.34 -11.80
CA LYS A 60 -5.75 -11.45 -11.29
C LYS A 60 -4.97 -12.71 -11.66
N LEU A 61 -4.16 -13.22 -10.75
CA LEU A 61 -3.36 -14.40 -11.01
C LEU A 61 -4.25 -15.62 -10.96
N GLN A 62 -4.25 -16.33 -12.08
CA GLN A 62 -5.02 -17.53 -12.28
C GLN A 62 -4.27 -18.74 -11.85
N GLU A 63 -3.08 -18.92 -12.42
CA GLU A 63 -2.21 -20.01 -12.03
C GLU A 63 -0.75 -19.62 -11.95
N LYS A 64 -0.04 -20.36 -11.14
CA LYS A 64 1.43 -20.32 -11.02
C LYS A 64 1.89 -21.72 -10.71
N ILE A 65 2.51 -22.36 -11.71
CA ILE A 65 2.78 -23.79 -11.68
C ILE A 65 4.30 -24.03 -11.82
N ALA A 66 4.87 -24.76 -10.87
CA ALA A 66 6.27 -25.06 -10.85
C ALA A 66 6.48 -26.21 -11.86
N LEU A 67 7.35 -25.98 -12.82
CA LEU A 67 7.68 -27.04 -13.80
C LEU A 67 8.82 -27.87 -13.25
N THR A 68 8.46 -28.94 -12.53
CA THR A 68 9.40 -29.74 -11.82
C THR A 68 10.09 -30.83 -12.69
N ASP A 69 9.47 -31.25 -13.78
CA ASP A 69 10.06 -32.22 -14.72
C ASP A 69 10.81 -31.52 -15.85
N ALA A 70 12.00 -32.02 -16.12
CA ALA A 70 12.90 -31.45 -17.11
C ALA A 70 13.53 -32.62 -17.87
N ILE A 71 13.38 -32.58 -19.19
CA ILE A 71 14.03 -33.53 -20.09
C ILE A 71 14.94 -32.67 -20.93
N VAL A 72 16.22 -33.05 -20.93
CA VAL A 72 17.27 -32.35 -21.62
C VAL A 72 17.59 -33.06 -22.92
N SER A 73 17.77 -32.31 -24.00
CA SER A 73 18.37 -32.91 -25.18
C SER A 73 19.44 -31.93 -25.63
N GLN A 74 20.48 -32.44 -26.25
CA GLN A 74 21.69 -31.68 -26.49
C GLN A 74 22.00 -31.59 -27.95
N SER A 75 22.19 -30.36 -28.46
CA SER A 75 22.85 -30.11 -29.74
C SER A 75 24.35 -29.84 -29.54
N PRO A 76 25.15 -30.00 -30.61
CA PRO A 76 26.48 -29.41 -30.58
C PRO A 76 26.50 -27.87 -30.50
N ASP A 77 25.35 -27.20 -30.70
CA ASP A 77 25.19 -25.75 -30.42
C ASP A 77 24.27 -25.37 -29.21
N GLY A 78 23.92 -26.32 -28.36
CA GLY A 78 23.19 -25.99 -27.15
C GLY A 78 22.52 -27.13 -26.45
N TRP A 79 21.69 -26.77 -25.50
CA TRP A 79 20.83 -27.72 -24.84
C TRP A 79 19.41 -27.22 -25.02
N LEU A 80 18.49 -28.13 -25.12
CA LEU A 80 17.08 -27.83 -25.19
C LEU A 80 16.45 -28.57 -24.04
N ILE A 81 15.70 -27.85 -23.22
CA ILE A 81 15.12 -28.41 -21.99
C ILE A 81 13.65 -28.32 -22.13
N HIS A 82 12.98 -29.46 -22.08
CA HIS A 82 11.55 -29.52 -22.08
C HIS A 82 11.14 -29.61 -20.63
N PHE A 83 10.53 -28.56 -20.14
CA PHE A 83 10.01 -28.52 -18.79
C PHE A 83 8.54 -28.88 -18.82
N SER A 84 8.09 -29.66 -17.86
CA SER A 84 6.66 -29.90 -17.76
C SER A 84 6.17 -30.16 -16.35
N ARG A 85 4.86 -30.15 -16.24
CA ARG A 85 4.21 -30.60 -15.06
C ARG A 85 2.95 -31.31 -15.56
N GLY A 86 3.11 -32.51 -16.11
CA GLY A 86 2.05 -33.18 -16.90
C GLY A 86 2.01 -32.69 -18.35
N SER A 87 1.14 -33.34 -19.14
CA SER A 87 1.09 -33.12 -20.59
C SER A 87 0.57 -31.76 -21.04
N ASP A 88 -0.28 -31.15 -20.20
CA ASP A 88 -0.94 -29.90 -20.57
C ASP A 88 -0.25 -28.67 -19.99
N ILE A 89 0.91 -28.85 -19.35
CA ILE A 89 1.67 -27.72 -18.84
C ILE A 89 3.15 -27.95 -19.11
N SER A 90 3.74 -27.14 -19.98
CA SER A 90 5.10 -27.31 -20.35
C SER A 90 5.65 -26.03 -20.97
N ALA A 91 6.97 -25.93 -21.00
CA ALA A 91 7.72 -24.86 -21.64
C ALA A 91 9.03 -25.44 -22.05
N THR A 92 9.71 -24.77 -22.99
CA THR A 92 11.01 -25.17 -23.49
C THR A 92 11.97 -24.04 -23.21
N LEU A 93 13.15 -24.40 -22.76
CA LEU A 93 14.27 -23.50 -22.58
C LEU A 93 15.41 -23.99 -23.45
N ASN A 94 15.83 -23.15 -24.38
CA ASN A 94 17.02 -23.36 -25.13
C ASN A 94 18.17 -22.59 -24.51
N ILE A 95 19.26 -23.29 -24.25
CA ILE A 95 20.50 -22.72 -23.73
C ILE A 95 21.57 -22.81 -24.83
N SER A 96 22.05 -21.66 -25.23
CA SER A 96 23.05 -21.60 -26.27
C SER A 96 23.88 -20.30 -26.10
N ALA A 97 24.68 -19.96 -27.11
CA ALA A 97 25.50 -18.77 -27.21
C ALA A 97 24.96 -17.99 -28.35
N ASP A 98 24.93 -16.66 -28.22
CA ASP A 98 24.45 -15.83 -29.29
C ASP A 98 25.63 -15.55 -30.18
N ASP A 99 25.47 -14.70 -31.20
CA ASP A 99 26.52 -14.54 -32.22
C ASP A 99 27.80 -13.93 -31.71
N GLN A 100 27.81 -13.41 -30.47
CA GLN A 100 29.00 -12.82 -29.86
C GLN A 100 29.50 -13.65 -28.68
N GLY A 101 28.96 -14.86 -28.50
CA GLY A 101 29.32 -15.74 -27.39
C GLY A 101 28.66 -15.41 -26.05
N ARG A 102 27.62 -14.56 -26.03
CA ARG A 102 26.91 -14.29 -24.76
C ARG A 102 26.05 -15.51 -24.42
N LEU A 103 25.84 -15.77 -23.15
CA LEU A 103 24.93 -16.84 -22.77
C LEU A 103 23.51 -16.39 -23.16
N LEU A 104 22.80 -17.24 -23.87
CA LEU A 104 21.47 -16.96 -24.42
C LEU A 104 20.50 -18.01 -23.89
N LEU A 105 19.45 -17.53 -23.21
CA LEU A 105 18.41 -18.38 -22.76
C LEU A 105 17.17 -17.95 -23.53
N GLU A 106 16.54 -18.90 -24.20
CA GLU A 106 15.28 -18.64 -24.87
C GLU A 106 14.23 -19.51 -24.23
N LEU A 107 13.22 -18.87 -23.66
CA LEU A 107 12.10 -19.55 -23.09
C LEU A 107 10.85 -19.37 -23.92
N GLN A 108 10.11 -20.45 -24.07
CA GLN A 108 8.85 -20.45 -24.80
C GLN A 108 7.88 -21.44 -24.14
N ASN A 109 6.82 -20.88 -23.59
CA ASN A 109 5.76 -21.66 -23.00
C ASN A 109 4.94 -22.34 -24.07
N ASP A 110 4.22 -23.40 -23.64
CA ASP A 110 3.46 -24.29 -24.50
C ASP A 110 2.51 -23.53 -25.38
N ASN A 111 1.80 -22.58 -24.83
CA ASN A 111 0.80 -21.84 -25.62
C ASN A 111 0.57 -20.45 -25.01
N LEU A 112 -0.04 -19.56 -25.78
CA LEU A 112 -0.30 -18.18 -25.36
C LEU A 112 -1.16 -18.10 -24.10
N ASN A 113 -1.92 -19.15 -23.75
CA ASN A 113 -2.69 -19.09 -22.51
C ASN A 113 -1.79 -18.96 -21.25
N HIS A 114 -0.58 -19.51 -21.33
CA HIS A 114 0.39 -19.37 -20.24
C HIS A 114 1.22 -18.11 -20.47
N ASN A 115 0.66 -16.99 -20.00
CA ASN A 115 1.21 -15.69 -20.23
C ASN A 115 1.93 -15.15 -19.00
N ARG A 116 2.29 -16.04 -18.06
CA ARG A 116 3.21 -15.68 -16.97
C ARG A 116 4.40 -16.62 -16.95
N ILE A 117 5.53 -16.02 -16.66
CA ILE A 117 6.78 -16.74 -16.40
C ILE A 117 7.43 -16.19 -15.12
N TRP A 118 7.92 -17.09 -14.28
CA TRP A 118 8.82 -16.72 -13.16
C TRP A 118 10.06 -17.59 -13.34
N LEU A 119 11.21 -16.95 -13.46
CA LEU A 119 12.48 -17.65 -13.61
C LEU A 119 13.38 -17.24 -12.51
N ARG A 120 13.94 -18.22 -11.83
CA ARG A 120 14.94 -17.99 -10.80
C ARG A 120 16.35 -18.17 -11.26
N LEU A 121 17.18 -17.20 -10.93
CA LEU A 121 18.56 -17.29 -11.19
C LEU A 121 19.25 -17.49 -9.88
N ALA A 122 20.27 -18.33 -9.86
CA ALA A 122 21.09 -18.50 -8.64
C ALA A 122 21.78 -17.20 -8.20
N ALA A 123 21.93 -17.01 -6.93
CA ALA A 123 22.65 -15.84 -6.40
C ALA A 123 23.25 -16.20 -5.06
N GLN A 124 24.23 -15.42 -4.68
CA GLN A 124 24.81 -15.55 -3.35
C GLN A 124 24.31 -14.41 -2.45
N PRO A 125 24.19 -14.65 -1.14
CA PRO A 125 23.66 -13.63 -0.26
C PRO A 125 24.36 -12.30 -0.29
N GLU A 126 25.67 -12.34 -0.43
CA GLU A 126 26.51 -11.16 -0.46
C GLU A 126 26.39 -10.37 -1.78
N ASP A 127 25.85 -10.93 -2.84
CA ASP A 127 25.85 -10.20 -4.13
C ASP A 127 25.08 -8.84 -4.00
N HIS A 128 25.65 -7.79 -4.59
CA HIS A 128 24.95 -6.54 -4.87
C HIS A 128 24.50 -6.55 -6.32
N ILE A 129 23.44 -5.80 -6.56
CA ILE A 129 22.79 -5.73 -7.87
C ILE A 129 22.63 -4.26 -8.23
N TYR A 130 22.99 -3.92 -9.45
CA TYR A 130 22.89 -2.53 -9.93
C TYR A 130 22.21 -2.50 -11.30
N GLY A 131 21.70 -1.33 -11.63
CA GLY A 131 21.03 -1.16 -12.93
C GLY A 131 19.54 -1.09 -12.82
N CYS A 132 18.87 -1.88 -13.65
CA CYS A 132 17.44 -1.81 -13.86
C CYS A 132 16.98 -0.47 -14.41
N GLY A 133 17.83 0.17 -15.20
CA GLY A 133 17.53 1.48 -15.71
C GLY A 133 17.86 2.62 -14.77
N GLU A 134 16.95 3.58 -14.72
CA GLU A 134 17.17 4.78 -13.86
C GLU A 134 16.34 4.69 -12.60
N GLN A 135 17.02 4.47 -11.51
CA GLN A 135 16.38 4.20 -10.22
C GLN A 135 16.72 5.36 -9.26
N PHE A 136 15.71 5.84 -8.55
CA PHE A 136 15.82 7.09 -7.78
C PHE A 136 15.89 6.86 -6.29
N SER A 137 15.36 5.75 -5.82
CA SER A 137 15.45 5.47 -4.37
C SER A 137 16.59 4.52 -4.00
N TYR A 138 16.91 3.57 -4.88
CA TYR A 138 17.99 2.66 -4.61
C TYR A 138 18.96 2.65 -5.75
N PHE A 139 20.25 2.51 -5.46
CA PHE A 139 21.24 2.16 -6.46
C PHE A 139 21.51 0.65 -6.32
N ASP A 140 22.12 0.22 -5.22
CA ASP A 140 22.10 -1.23 -4.93
C ASP A 140 20.66 -1.69 -4.75
N LEU A 141 20.22 -2.63 -5.58
CA LEU A 141 18.86 -3.02 -5.63
C LEU A 141 18.62 -4.24 -4.74
N ARG A 142 19.70 -4.79 -4.18
CA ARG A 142 19.61 -6.06 -3.51
C ARG A 142 18.73 -5.87 -2.31
N GLY A 143 17.83 -6.81 -2.16
CA GLY A 143 16.97 -6.89 -0.99
C GLY A 143 15.54 -6.43 -1.31
N LYS A 144 15.24 -6.02 -2.54
CA LYS A 144 13.90 -5.50 -2.87
C LYS A 144 13.47 -5.98 -4.22
N PRO A 145 12.15 -5.98 -4.50
CA PRO A 145 11.61 -6.17 -5.86
C PRO A 145 11.46 -4.83 -6.61
N PHE A 146 11.71 -4.87 -7.90
CA PHE A 146 11.51 -3.76 -8.78
C PHE A 146 10.61 -4.17 -9.97
N PRO A 147 9.31 -3.80 -9.89
CA PRO A 147 8.40 -3.73 -11.02
C PRO A 147 9.03 -2.82 -12.10
N LEU A 148 8.95 -3.20 -13.35
CA LEU A 148 9.58 -2.49 -14.45
C LEU A 148 8.49 -2.10 -15.46
N TRP A 149 7.97 -0.90 -15.25
CA TRP A 149 6.88 -0.38 -16.06
C TRP A 149 7.09 1.07 -16.17
N THR A 150 7.38 1.59 -17.39
CA THR A 150 7.64 2.98 -17.44
C THR A 150 6.40 3.76 -17.05
N SER A 151 6.57 4.80 -16.27
CA SER A 151 5.45 5.63 -15.95
C SER A 151 5.98 6.97 -15.48
N GLU A 152 5.06 7.82 -15.01
CA GLU A 152 5.50 8.97 -14.19
C GLU A 152 6.26 8.50 -12.98
N GLN A 153 7.25 9.29 -12.66
CA GLN A 153 8.24 8.95 -11.65
C GLN A 153 7.74 9.06 -10.17
N GLY A 154 6.61 9.71 -9.94
CA GLY A 154 6.16 9.95 -8.58
C GLY A 154 6.47 11.36 -8.10
N VAL A 155 5.56 11.88 -7.30
CA VAL A 155 5.76 13.12 -6.57
C VAL A 155 5.89 12.80 -5.08
N GLY A 156 7.12 12.78 -4.56
CA GLY A 156 7.35 12.33 -3.17
C GLY A 156 7.97 10.95 -3.11
N ARG A 157 7.30 10.00 -3.74
CA ARG A 157 7.86 8.63 -4.02
C ARG A 157 8.04 7.81 -2.76
N ASN A 158 7.58 8.34 -1.62
CA ASN A 158 7.72 7.59 -0.35
C ASN A 158 6.44 7.68 0.43
N LYS A 159 5.83 6.54 0.73
CA LYS A 159 4.50 6.56 1.35
C LYS A 159 4.51 7.18 2.76
N GLN A 160 5.68 7.29 3.36
CA GLN A 160 5.84 7.92 4.65
C GLN A 160 6.15 9.39 4.61
N THR A 161 6.14 10.02 3.44
CA THR A 161 6.28 11.49 3.42
C THR A 161 5.00 12.15 3.01
N TYR A 162 4.87 13.40 3.45
CA TYR A 162 3.64 14.11 3.37
C TYR A 162 3.23 14.47 1.98
N VAL A 163 4.21 14.84 1.18
CA VAL A 163 3.94 15.22 -0.18
C VAL A 163 3.47 14.03 -0.98
N THR A 164 4.05 12.89 -0.71
CA THR A 164 3.66 11.70 -1.41
C THR A 164 2.20 11.41 -1.09
N TRP A 165 1.84 11.57 0.19
CA TRP A 165 0.45 11.35 0.57
C TRP A 165 -0.50 12.34 -0.08
N GLN A 166 -0.14 13.62 -0.09
CA GLN A 166 -0.95 14.60 -0.82
C GLN A 166 -1.14 14.21 -2.29
N ALA A 167 -0.05 13.80 -2.93
CA ALA A 167 -0.10 13.51 -4.37
C ALA A 167 -0.93 12.25 -4.66
N ASP A 168 -0.87 11.31 -3.74
CA ASP A 168 -1.70 10.11 -3.84
C ASP A 168 -3.20 10.44 -3.73
N CYS A 169 -3.57 11.24 -2.73
CA CYS A 169 -4.98 11.67 -2.53
C CYS A 169 -5.51 12.38 -3.71
N LYS A 170 -4.70 13.31 -4.19
CA LYS A 170 -5.10 14.15 -5.28
C LYS A 170 -5.21 13.35 -6.58
N GLU A 171 -4.26 12.46 -6.92
CA GLU A 171 -4.36 11.72 -8.20
C GLU A 171 -3.53 10.45 -8.39
N ASN A 172 -3.47 9.62 -7.35
CA ASN A 172 -2.58 8.48 -7.31
C ASN A 172 -1.17 8.82 -7.82
N ALA A 173 -0.67 10.02 -7.47
CA ALA A 173 0.51 10.55 -8.15
C ALA A 173 1.80 10.54 -7.28
N GLY A 174 1.71 10.01 -6.07
CA GLY A 174 2.87 10.04 -5.18
C GLY A 174 3.95 9.04 -5.54
N GLY A 175 3.50 7.91 -6.04
CA GLY A 175 4.41 6.86 -6.50
C GLY A 175 5.10 6.15 -5.37
N ASP A 176 6.20 5.47 -5.68
CA ASP A 176 6.86 4.66 -4.67
C ASP A 176 8.27 4.46 -5.15
N TYR A 177 9.06 3.79 -4.35
CA TYR A 177 10.49 3.66 -4.57
C TYR A 177 10.99 3.15 -5.94
N TYR A 178 10.16 2.36 -6.63
CA TYR A 178 10.50 1.67 -7.89
C TYR A 178 9.92 2.43 -9.15
N TRP A 179 9.18 3.53 -8.92
CA TRP A 179 8.54 4.21 -10.03
C TRP A 179 9.64 4.93 -10.79
N THR A 180 9.56 4.84 -12.10
CA THR A 180 10.50 5.51 -12.96
C THR A 180 10.01 5.50 -14.39
N PHE A 181 10.41 6.52 -15.16
CA PHE A 181 10.15 6.65 -16.56
C PHE A 181 11.20 5.89 -17.41
N PHE A 182 12.23 5.36 -16.78
CA PHE A 182 13.24 4.54 -17.47
C PHE A 182 13.59 3.30 -16.68
N PRO A 183 12.62 2.42 -16.49
CA PRO A 183 12.97 1.11 -15.96
C PRO A 183 13.57 0.36 -17.15
N GLN A 184 14.46 -0.55 -16.89
CA GLN A 184 15.00 -1.45 -17.92
C GLN A 184 15.30 -2.82 -17.39
N PRO A 185 15.01 -3.87 -18.18
CA PRO A 185 15.18 -5.22 -17.66
C PRO A 185 16.61 -5.71 -17.89
N THR A 186 17.53 -5.05 -17.19
CA THR A 186 18.93 -5.21 -17.35
C THR A 186 19.57 -4.92 -16.00
N PHE A 187 20.40 -5.83 -15.51
CA PHE A 187 21.08 -5.56 -14.30
C PHE A 187 22.47 -6.14 -14.32
N VAL A 188 23.26 -5.60 -13.39
CA VAL A 188 24.66 -6.02 -13.12
C VAL A 188 24.76 -6.63 -11.73
N SER A 189 25.47 -7.76 -11.65
CA SER A 189 25.72 -8.44 -10.39
C SER A 189 27.18 -8.26 -9.99
N THR A 190 27.46 -8.21 -8.70
CA THR A 190 28.83 -8.21 -8.22
C THR A 190 29.51 -9.59 -8.43
N GLN A 191 28.80 -10.56 -8.97
CA GLN A 191 29.49 -11.68 -9.63
C GLN A 191 30.04 -11.31 -10.98
N LYS A 192 30.06 -10.01 -11.32
CA LYS A 192 30.65 -9.51 -12.57
C LYS A 192 30.08 -10.14 -13.80
N TYR A 193 28.76 -10.03 -13.89
CA TYR A 193 28.01 -10.33 -15.10
C TYR A 193 26.86 -9.35 -15.18
N TYR A 194 26.36 -9.16 -16.39
CA TYR A 194 25.08 -8.54 -16.58
C TYR A 194 24.13 -9.53 -17.17
N CYS A 195 22.86 -9.25 -16.95
CA CYS A 195 21.79 -10.00 -17.52
C CYS A 195 20.92 -8.97 -18.22
N HIS A 196 20.57 -9.20 -19.49
CA HIS A 196 19.68 -8.33 -20.24
C HIS A 196 18.55 -9.16 -20.81
N VAL A 197 17.32 -8.71 -20.55
CA VAL A 197 16.12 -9.38 -21.02
C VAL A 197 15.60 -8.59 -22.18
N ASP A 198 15.32 -9.26 -23.29
CA ASP A 198 14.87 -8.56 -24.52
C ASP A 198 13.38 -8.18 -24.47
N ASN A 199 12.57 -8.86 -23.67
CA ASN A 199 11.16 -8.50 -23.57
C ASN A 199 10.90 -7.04 -23.18
N SER A 200 9.72 -6.55 -23.54
CA SER A 200 9.23 -5.28 -23.04
C SER A 200 7.88 -5.37 -22.42
N CYS A 201 7.42 -6.59 -22.05
CA CYS A 201 6.15 -6.75 -21.33
C CYS A 201 6.40 -6.26 -19.91
N TYR A 202 5.33 -6.09 -19.12
CA TYR A 202 5.52 -5.93 -17.66
C TYR A 202 6.41 -7.05 -17.12
N MET A 203 7.36 -6.68 -16.26
CA MET A 203 8.26 -7.57 -15.55
C MET A 203 8.48 -7.07 -14.14
N ASN A 204 8.72 -7.98 -13.23
CA ASN A 204 9.10 -7.63 -11.90
C ASN A 204 10.42 -8.37 -11.64
N PHE A 205 11.50 -7.61 -11.39
CA PHE A 205 12.79 -8.20 -10.99
C PHE A 205 12.95 -8.18 -9.50
N ASP A 206 12.84 -9.36 -8.92
CA ASP A 206 12.88 -9.52 -7.46
C ASP A 206 14.28 -9.90 -6.95
N PHE A 207 14.87 -8.95 -6.21
CA PHE A 207 16.23 -9.09 -5.71
C PHE A 207 16.25 -9.29 -4.21
N SER A 208 15.18 -9.85 -3.69
CA SER A 208 15.11 -9.87 -2.24
C SER A 208 15.47 -11.20 -1.59
N ALA A 209 15.49 -12.31 -2.32
CA ALA A 209 15.83 -13.59 -1.70
C ALA A 209 17.37 -13.68 -1.72
N PRO A 210 17.99 -14.04 -0.58
CA PRO A 210 19.43 -14.23 -0.52
C PRO A 210 20.00 -15.24 -1.52
N GLU A 211 19.28 -16.29 -1.87
CA GLU A 211 19.83 -17.33 -2.74
C GLU A 211 19.41 -17.27 -4.19
N TYR A 212 18.53 -16.39 -4.57
CA TYR A 212 18.18 -16.32 -5.96
C TYR A 212 17.59 -15.00 -6.34
N HIS A 213 17.73 -14.66 -7.62
CA HIS A 213 16.99 -13.53 -8.19
C HIS A 213 15.79 -14.10 -8.88
N GLU A 214 14.61 -13.52 -8.67
CA GLU A 214 13.41 -13.97 -9.40
C GLU A 214 12.95 -12.94 -10.42
N LEU A 215 12.85 -13.37 -11.65
CA LEU A 215 12.37 -12.51 -12.73
C LEU A 215 10.96 -12.94 -13.11
N ALA A 216 10.01 -12.06 -12.95
CA ALA A 216 8.62 -12.38 -13.31
C ALA A 216 8.32 -11.69 -14.62
N LEU A 217 7.83 -12.46 -15.62
CA LEU A 217 7.50 -11.85 -16.92
C LEU A 217 6.07 -12.08 -17.20
N TRP A 218 5.39 -11.05 -17.68
CA TRP A 218 3.98 -11.19 -18.14
C TRP A 218 3.96 -11.44 -19.64
N GLU A 219 4.51 -12.59 -20.02
CA GLU A 219 4.48 -13.02 -21.40
C GLU A 219 4.66 -14.53 -21.47
N ASP A 220 4.29 -15.13 -22.59
CA ASP A 220 4.49 -16.58 -22.81
C ASP A 220 5.91 -17.00 -23.31
N LYS A 221 6.79 -16.04 -23.52
CA LYS A 221 8.16 -16.26 -23.95
C LYS A 221 9.09 -15.16 -23.39
N ALA A 222 10.38 -15.50 -23.37
CA ALA A 222 11.42 -14.66 -22.75
C ALA A 222 12.73 -15.01 -23.40
N THR A 223 13.49 -13.98 -23.72
CA THR A 223 14.85 -14.13 -24.09
C THR A 223 15.73 -13.37 -23.14
N LEU A 224 16.76 -14.04 -22.63
CA LEU A 224 17.76 -13.41 -21.76
C LEU A 224 19.15 -13.70 -22.26
N ARG A 225 20.01 -12.70 -22.13
CA ARG A 225 21.43 -12.79 -22.49
C ARG A 225 22.25 -12.45 -21.29
N PHE A 226 23.42 -13.08 -21.16
CA PHE A 226 24.36 -12.73 -20.10
C PHE A 226 25.77 -12.63 -20.67
N GLU A 227 26.55 -11.78 -20.05
CA GLU A 227 27.93 -11.70 -20.34
C GLU A 227 28.68 -11.41 -19.05
N CYS A 228 29.90 -11.95 -18.95
CA CYS A 228 30.79 -11.75 -17.80
C CYS A 228 31.96 -10.91 -18.20
N ALA A 229 32.68 -10.41 -17.20
CA ALA A 229 33.94 -9.76 -17.41
C ALA A 229 34.71 -9.76 -16.13
N ASP A 230 35.98 -9.39 -16.23
CA ASP A 230 36.86 -9.42 -15.06
C ASP A 230 36.82 -8.15 -14.26
N THR A 231 36.44 -7.02 -14.88
CA THR A 231 36.26 -5.77 -14.14
C THR A 231 34.87 -5.23 -14.55
N TYR A 232 34.37 -4.28 -13.76
CA TYR A 232 33.14 -3.57 -14.04
C TYR A 232 33.30 -2.70 -15.27
N ILE A 233 34.45 -2.06 -15.43
CA ILE A 233 34.69 -1.23 -16.61
C ILE A 233 34.57 -2.07 -17.88
N SER A 234 35.17 -3.27 -17.86
CA SER A 234 35.11 -4.14 -19.02
C SER A 234 33.63 -4.60 -19.25
N LEU A 235 32.96 -4.96 -18.16
CA LEU A 235 31.59 -5.34 -18.21
C LEU A 235 30.72 -4.28 -18.86
N LEU A 236 30.98 -3.00 -18.56
CA LEU A 236 30.19 -1.92 -19.16
C LEU A 236 30.57 -1.71 -20.58
N GLU A 237 31.83 -1.92 -20.89
CA GLU A 237 32.25 -1.99 -22.29
C GLU A 237 31.43 -3.04 -23.02
N LYS A 238 31.20 -4.20 -22.39
CA LYS A 238 30.49 -5.26 -23.08
C LYS A 238 28.99 -4.92 -23.16
N LEU A 239 28.46 -4.43 -22.05
CA LEU A 239 27.04 -4.09 -21.97
C LEU A 239 26.70 -3.04 -23.02
N THR A 240 27.53 -2.02 -23.15
CA THR A 240 27.30 -1.02 -24.19
C THR A 240 27.58 -1.50 -25.61
N ALA A 241 28.44 -2.51 -25.78
CA ALA A 241 28.57 -3.16 -27.08
C ALA A 241 27.26 -3.76 -27.47
N LEU A 242 26.52 -4.30 -26.52
CA LEU A 242 25.18 -4.81 -26.77
C LEU A 242 24.09 -3.75 -26.96
N LEU A 243 24.00 -2.80 -26.06
CA LEU A 243 22.84 -1.91 -25.98
C LEU A 243 23.05 -0.64 -26.80
N GLY A 244 24.30 -0.21 -26.96
CA GLY A 244 24.60 1.02 -27.71
C GLY A 244 25.47 1.98 -26.89
N ARG A 245 26.10 2.92 -27.57
CA ARG A 245 26.97 3.84 -26.93
C ARG A 245 26.51 5.14 -27.45
N GLN A 246 26.61 6.19 -26.60
CA GLN A 246 26.12 7.46 -26.94
C GLN A 246 27.16 8.22 -27.73
N PRO A 247 26.72 9.17 -28.51
CA PRO A 247 27.76 9.96 -29.19
C PRO A 247 28.47 10.90 -28.22
N GLU A 248 29.51 11.55 -28.69
CA GLU A 248 30.11 12.62 -27.98
C GLU A 248 29.15 13.80 -27.94
N LEU A 249 29.21 14.59 -26.86
CA LEU A 249 28.42 15.75 -26.68
C LEU A 249 28.94 16.82 -27.62
N PRO A 250 28.09 17.73 -28.04
CA PRO A 250 28.64 18.91 -28.78
C PRO A 250 29.51 19.74 -27.86
N ASP A 251 30.50 20.39 -28.46
CA ASP A 251 31.54 21.11 -27.76
C ASP A 251 31.00 22.26 -26.93
N TRP A 252 29.85 22.79 -27.33
CA TRP A 252 29.26 23.97 -26.65
C TRP A 252 28.58 23.60 -25.34
N ILE A 253 28.27 22.35 -25.16
CA ILE A 253 27.67 21.92 -23.85
C ILE A 253 28.61 22.25 -22.65
N TYR A 254 29.92 22.30 -22.89
CA TYR A 254 30.87 22.53 -21.84
C TYR A 254 31.10 24.04 -21.53
N ASP A 255 30.37 24.95 -22.18
CA ASP A 255 30.76 26.35 -22.23
C ASP A 255 29.97 27.18 -21.29
N GLY A 256 29.12 26.56 -20.46
CA GLY A 256 28.36 27.30 -19.55
C GLY A 256 27.06 26.63 -19.17
N VAL A 257 26.23 27.42 -18.53
CA VAL A 257 24.90 27.00 -18.11
C VAL A 257 23.91 27.32 -19.24
N THR A 258 22.95 26.40 -19.46
CA THR A 258 21.78 26.68 -20.26
C THR A 258 20.65 27.19 -19.38
N LEU A 259 20.29 28.44 -19.66
CA LEU A 259 19.24 29.11 -18.87
C LEU A 259 17.85 28.70 -19.29
N GLY A 260 17.12 28.02 -18.39
CA GLY A 260 15.69 27.78 -18.55
C GLY A 260 14.87 29.06 -18.30
N ILE A 261 14.30 29.58 -19.39
CA ILE A 261 13.55 30.82 -19.38
C ILE A 261 12.26 30.57 -20.17
N GLN A 262 11.16 31.17 -19.71
CA GLN A 262 9.90 31.20 -20.42
C GLN A 262 9.43 32.65 -20.48
N GLY A 263 8.41 32.92 -21.28
CA GLY A 263 7.76 34.24 -21.25
C GLY A 263 8.18 35.11 -22.43
N GLY A 264 8.91 34.56 -23.39
CA GLY A 264 9.12 35.31 -24.65
C GLY A 264 10.47 35.90 -24.87
N THR A 265 10.62 36.51 -26.05
CA THR A 265 11.93 36.84 -26.52
C THR A 265 12.58 37.88 -25.66
N GLU A 266 11.86 38.93 -25.38
CA GLU A 266 12.41 40.00 -24.57
C GLU A 266 12.86 39.54 -23.16
N VAL A 267 12.06 38.70 -22.52
CA VAL A 267 12.41 38.15 -21.23
C VAL A 267 13.68 37.35 -21.33
N CYS A 268 13.76 36.45 -22.34
CA CYS A 268 14.96 35.73 -22.59
C CYS A 268 16.16 36.64 -22.75
N GLN A 269 16.00 37.66 -23.59
CA GLN A 269 17.10 38.59 -23.80
C GLN A 269 17.56 39.30 -22.48
N LYS A 270 16.59 39.76 -21.71
CA LYS A 270 16.82 40.56 -20.52
C LYS A 270 17.56 39.71 -19.50
N LYS A 271 17.09 38.47 -19.30
CA LYS A 271 17.73 37.55 -18.39
C LYS A 271 19.09 37.13 -18.85
N LEU A 272 19.23 36.87 -20.15
CA LEU A 272 20.54 36.57 -20.69
C LEU A 272 21.57 37.64 -20.35
N ASP A 273 21.17 38.88 -20.60
CA ASP A 273 22.05 39.98 -20.41
C ASP A 273 22.39 40.16 -18.91
N THR A 274 21.38 40.08 -18.04
CA THR A 274 21.66 40.09 -16.57
C THR A 274 22.77 39.09 -16.21
N MET A 275 22.69 37.86 -16.73
CA MET A 275 23.67 36.86 -16.40
C MET A 275 25.07 37.07 -17.00
N ARG A 276 25.09 37.35 -18.29
CA ARG A 276 26.34 37.59 -18.99
C ARG A 276 27.08 38.76 -18.40
N ASN A 277 26.37 39.83 -18.13
CA ASN A 277 26.98 41.09 -17.61
C ASN A 277 27.51 40.97 -16.22
N ALA A 278 27.00 39.99 -15.44
CA ALA A 278 27.51 39.64 -14.13
C ALA A 278 28.64 38.60 -14.23
N GLY A 279 29.10 38.19 -15.41
CA GLY A 279 30.17 37.20 -15.49
C GLY A 279 29.74 35.73 -15.46
N VAL A 280 28.46 35.46 -15.62
CA VAL A 280 28.03 34.05 -15.68
C VAL A 280 28.35 33.52 -17.07
N LYS A 281 28.88 32.31 -17.13
CA LYS A 281 29.17 31.62 -18.41
C LYS A 281 27.86 30.94 -18.84
N VAL A 282 27.31 31.47 -19.90
CA VAL A 282 26.06 31.01 -20.45
C VAL A 282 26.27 30.47 -21.85
N ASN A 283 25.90 29.21 -22.05
CA ASN A 283 25.99 28.57 -23.32
C ASN A 283 24.65 28.41 -24.06
N GLY A 284 23.56 28.83 -23.46
CA GLY A 284 22.27 28.52 -23.99
C GLY A 284 21.14 29.14 -23.30
N ILE A 285 20.06 29.25 -24.06
CA ILE A 285 18.76 29.57 -23.57
C ILE A 285 17.82 28.42 -23.96
N TRP A 286 17.19 27.78 -22.97
CA TRP A 286 16.26 26.73 -23.19
C TRP A 286 14.88 27.27 -22.84
N ALA A 287 14.04 27.44 -23.87
CA ALA A 287 12.70 28.03 -23.72
C ALA A 287 11.68 27.05 -24.10
N GLN A 288 11.15 26.31 -23.11
CA GLN A 288 10.30 25.23 -23.43
C GLN A 288 8.95 25.76 -24.03
N ASP A 289 8.61 27.01 -23.73
CA ASP A 289 7.37 27.61 -24.20
C ASP A 289 7.55 28.28 -25.61
N TRP A 290 8.58 27.83 -26.36
CA TRP A 290 8.83 28.34 -27.73
C TRP A 290 7.55 28.23 -28.64
N SER A 291 6.69 27.24 -28.32
CA SER A 291 5.47 26.93 -29.03
C SER A 291 4.18 27.51 -28.44
N GLY A 292 4.29 28.24 -27.34
CA GLY A 292 3.16 28.75 -26.58
C GLY A 292 3.06 28.11 -25.22
N ILE A 293 2.26 28.74 -24.39
CA ILE A 293 2.00 28.37 -23.01
C ILE A 293 0.56 27.91 -22.85
N ARG A 294 0.37 26.90 -22.02
CA ARG A 294 -0.95 26.49 -21.58
C ARG A 294 -0.98 26.57 -20.05
N MET A 295 -1.92 27.37 -19.52
CA MET A 295 -2.14 27.53 -18.10
C MET A 295 -3.08 26.43 -17.63
N THR A 296 -2.75 25.81 -16.53
CA THR A 296 -3.61 24.77 -15.98
C THR A 296 -3.47 24.93 -14.51
N SER A 297 -4.17 24.08 -13.74
CA SER A 297 -4.03 24.17 -12.34
C SER A 297 -2.66 23.67 -11.91
N PHE A 298 -2.05 22.74 -12.64
CA PHE A 298 -0.68 22.26 -12.35
C PHE A 298 0.31 23.38 -12.42
N GLY A 299 0.19 24.19 -13.47
CA GLY A 299 0.96 25.40 -13.58
C GLY A 299 1.11 25.89 -15.00
N LYS A 300 2.27 26.42 -15.31
CA LYS A 300 2.53 26.94 -16.63
C LYS A 300 3.15 25.77 -17.43
N ARG A 301 2.41 25.26 -18.41
CA ARG A 301 2.85 24.16 -19.26
C ARG A 301 3.08 24.65 -20.66
N VAL A 302 3.55 23.78 -21.53
CA VAL A 302 3.89 24.17 -22.89
C VAL A 302 2.64 23.91 -23.70
N MET A 303 2.44 24.67 -24.74
CA MET A 303 1.36 24.36 -25.74
C MET A 303 1.90 23.28 -26.63
N TRP A 304 1.31 22.11 -26.57
CA TRP A 304 1.86 20.95 -27.35
C TRP A 304 1.53 20.86 -28.83
N ASN A 305 2.04 21.85 -29.55
CA ASN A 305 1.95 21.90 -30.96
C ASN A 305 3.26 22.50 -31.41
N TRP A 306 4.01 21.70 -32.13
CA TRP A 306 5.44 21.83 -32.25
C TRP A 306 5.79 22.72 -33.41
N LYS A 307 5.51 24.00 -33.21
CA LYS A 307 5.80 25.03 -34.18
C LYS A 307 6.10 26.28 -33.40
N TRP A 308 7.06 27.04 -33.85
CA TRP A 308 7.42 28.29 -33.25
C TRP A 308 6.20 29.18 -33.20
N ASN A 309 5.92 29.71 -32.02
CA ASN A 309 4.87 30.68 -31.78
C ASN A 309 5.48 32.08 -31.85
N SER A 310 5.36 32.74 -33.02
CA SER A 310 5.96 34.06 -33.21
C SER A 310 5.27 35.20 -32.50
N GLU A 311 4.05 34.99 -32.01
CA GLU A 311 3.42 36.01 -31.11
C GLU A 311 4.12 36.02 -29.76
N ASN A 312 4.40 34.88 -29.16
CA ASN A 312 5.14 34.89 -27.89
C ASN A 312 6.63 35.10 -28.02
N TYR A 313 7.20 34.62 -29.11
CA TYR A 313 8.61 34.74 -29.35
C TYR A 313 8.81 35.48 -30.69
N PRO A 314 8.53 36.77 -30.70
CA PRO A 314 8.80 37.61 -31.89
C PRO A 314 10.28 37.59 -32.19
N GLN A 315 10.58 37.57 -33.48
CA GLN A 315 11.97 37.63 -33.99
C GLN A 315 12.89 36.51 -33.59
N LEU A 316 12.34 35.38 -33.18
CA LEU A 316 13.14 34.26 -32.69
C LEU A 316 14.12 33.74 -33.74
N ASP A 317 13.64 33.72 -34.97
CA ASP A 317 14.40 33.19 -36.10
C ASP A 317 15.73 33.94 -36.22
N SER A 318 15.67 35.27 -36.13
CA SER A 318 16.88 36.05 -36.22
C SER A 318 17.61 36.03 -34.88
N ARG A 319 16.88 36.08 -33.78
CA ARG A 319 17.48 36.17 -32.44
C ARG A 319 18.32 34.92 -32.11
N ILE A 320 17.85 33.74 -32.57
CA ILE A 320 18.64 32.53 -32.42
C ILE A 320 20.04 32.71 -32.98
N LYS A 321 20.14 33.27 -34.17
CA LYS A 321 21.45 33.44 -34.77
C LYS A 321 22.27 34.54 -34.11
N GLN A 322 21.65 35.63 -33.69
CA GLN A 322 22.40 36.65 -32.89
C GLN A 322 22.91 36.10 -31.58
N TRP A 323 22.06 35.35 -30.90
CA TRP A 323 22.56 34.58 -29.77
C TRP A 323 23.71 33.61 -30.09
N ASN A 324 23.58 32.84 -31.17
CA ASN A 324 24.64 31.97 -31.53
C ASN A 324 25.92 32.77 -31.80
N GLN A 325 25.82 33.96 -32.41
CA GLN A 325 27.02 34.74 -32.67
C GLN A 325 27.81 35.03 -31.37
N GLU A 326 27.09 35.16 -30.25
CA GLU A 326 27.67 35.42 -28.94
C GLU A 326 27.86 34.12 -28.14
N GLY A 327 27.78 32.95 -28.78
CA GLY A 327 28.08 31.73 -28.06
C GLY A 327 26.93 31.17 -27.25
N VAL A 328 25.69 31.53 -27.64
CA VAL A 328 24.49 31.11 -26.98
C VAL A 328 23.63 30.28 -27.94
N GLN A 329 23.39 29.02 -27.58
CA GLN A 329 22.49 28.17 -28.35
C GLN A 329 21.07 28.40 -27.89
N PHE A 330 20.10 28.12 -28.75
CA PHE A 330 18.69 28.13 -28.39
C PHE A 330 18.19 26.71 -28.36
N LEU A 331 17.61 26.36 -27.23
CA LEU A 331 17.02 25.00 -27.09
C LEU A 331 15.51 25.10 -26.88
N ALA A 332 14.76 24.13 -27.45
CA ALA A 332 13.29 24.14 -27.43
C ALA A 332 12.74 22.88 -26.69
N TYR A 333 11.55 22.43 -27.04
CA TYR A 333 10.83 21.39 -26.30
C TYR A 333 9.93 20.67 -27.33
N ILE A 334 9.91 19.35 -27.26
CA ILE A 334 8.97 18.55 -28.12
C ILE A 334 8.72 17.27 -27.34
N ASN A 335 7.51 16.77 -27.43
CA ASN A 335 7.20 15.42 -27.03
C ASN A 335 6.49 14.68 -28.17
N PRO A 336 6.20 13.39 -28.03
CA PRO A 336 5.65 12.71 -29.17
C PRO A 336 4.08 12.64 -29.16
N TYR A 337 3.48 13.58 -28.46
CA TYR A 337 2.07 13.75 -28.40
C TYR A 337 1.74 15.05 -29.06
N VAL A 338 0.49 15.19 -29.52
CA VAL A 338 0.04 16.45 -30.13
C VAL A 338 -1.33 16.95 -29.61
N ALA A 339 -1.33 18.21 -29.10
CA ALA A 339 -2.52 18.82 -28.52
C ALA A 339 -3.70 18.72 -29.46
N SER A 340 -4.78 18.12 -28.97
CA SER A 340 -5.96 17.88 -29.80
C SER A 340 -6.62 19.14 -30.29
N ASP A 341 -6.36 20.26 -29.67
CA ASP A 341 -6.96 21.54 -30.05
C ASP A 341 -6.03 22.35 -30.98
N LYS A 342 -5.09 21.68 -31.65
CA LYS A 342 -4.13 22.36 -32.52
C LYS A 342 -3.87 21.60 -33.79
N ASP A 343 -3.16 22.27 -34.69
CA ASP A 343 -2.94 21.87 -36.07
C ASP A 343 -2.30 20.51 -36.31
N LEU A 344 -1.20 20.22 -35.59
CA LEU A 344 -0.48 18.99 -35.86
C LEU A 344 -1.33 17.79 -35.57
N CYS A 345 -2.14 17.86 -34.54
CA CYS A 345 -3.04 16.77 -34.19
C CYS A 345 -4.05 16.55 -35.29
N GLU A 346 -4.55 17.66 -35.83
CA GLU A 346 -5.47 17.59 -36.96
C GLU A 346 -4.80 16.97 -38.17
N GLU A 347 -3.60 17.44 -38.49
CA GLU A 347 -2.87 16.87 -39.62
C GLU A 347 -2.56 15.38 -39.41
N ALA A 348 -2.13 15.03 -38.19
CA ALA A 348 -1.92 13.61 -37.86
C ALA A 348 -3.21 12.80 -38.05
N ALA A 349 -4.30 13.33 -37.51
CA ALA A 349 -5.59 12.64 -37.60
C ALA A 349 -5.98 12.36 -39.06
N GLN A 350 -5.80 13.34 -39.95
CA GLN A 350 -6.12 13.23 -41.37
C GLN A 350 -5.34 12.18 -42.18
N HIS A 351 -4.11 11.91 -41.77
CA HIS A 351 -3.27 10.89 -42.38
C HIS A 351 -3.27 9.58 -41.65
N GLY A 352 -4.10 9.46 -40.59
CA GLY A 352 -4.19 8.25 -39.79
C GLY A 352 -2.88 8.00 -39.08
N TYR A 353 -2.24 9.05 -38.54
CA TYR A 353 -0.92 8.92 -37.90
C TYR A 353 -0.97 8.75 -36.38
N LEU A 354 -2.15 8.66 -35.84
CA LEU A 354 -2.34 8.59 -34.43
C LEU A 354 -2.68 7.21 -33.99
N ALA A 355 -2.26 6.87 -32.78
CA ALA A 355 -2.72 5.61 -32.14
C ALA A 355 -4.21 5.59 -32.03
N LYS A 356 -4.77 4.40 -32.09
CA LYS A 356 -6.19 4.24 -32.23
C LYS A 356 -6.77 3.70 -30.93
N ASP A 357 -8.07 3.89 -30.73
CA ASP A 357 -8.81 3.16 -29.65
C ASP A 357 -9.53 1.93 -30.27
N ALA A 358 -10.18 1.13 -29.45
CA ALA A 358 -10.80 -0.10 -29.88
C ALA A 358 -11.91 0.14 -30.89
N SER A 359 -12.63 1.25 -30.76
CA SER A 359 -13.63 1.64 -31.76
C SER A 359 -13.05 2.05 -33.13
N GLY A 360 -11.72 2.15 -33.24
CA GLY A 360 -11.06 2.57 -34.48
C GLY A 360 -10.93 4.07 -34.65
N GLY A 361 -11.43 4.85 -33.66
CA GLY A 361 -11.16 6.26 -33.58
C GLY A 361 -9.71 6.56 -33.14
N ASP A 362 -9.36 7.82 -33.17
CA ASP A 362 -8.06 8.23 -32.69
C ASP A 362 -8.14 8.38 -31.18
N TYR A 363 -7.16 7.81 -30.49
CA TYR A 363 -7.19 7.76 -29.05
C TYR A 363 -6.79 9.14 -28.50
N LEU A 364 -7.67 9.80 -27.75
CA LEU A 364 -7.29 11.06 -27.12
C LEU A 364 -6.94 10.82 -25.67
N VAL A 365 -5.71 11.16 -25.31
CA VAL A 365 -5.24 10.94 -23.98
C VAL A 365 -5.47 12.20 -23.20
N GLU A 366 -5.88 12.02 -21.94
CA GLU A 366 -6.01 13.19 -21.01
C GLU A 366 -4.64 13.45 -20.38
N PHE A 367 -4.07 14.65 -20.61
CA PHE A 367 -2.68 14.98 -20.18
C PHE A 367 -2.62 15.97 -19.02
N GLY A 368 -3.78 16.41 -18.52
CA GLY A 368 -3.86 17.32 -17.35
C GLY A 368 -4.57 18.55 -17.81
N GLU A 369 -5.88 18.41 -17.99
CA GLU A 369 -6.79 19.47 -18.41
C GLU A 369 -6.65 19.84 -19.87
N PHE A 370 -6.15 18.93 -20.70
CA PHE A 370 -6.18 19.07 -22.13
C PHE A 370 -5.95 17.66 -22.66
N TYR A 371 -6.24 17.46 -23.93
CA TYR A 371 -6.13 16.16 -24.56
C TYR A 371 -5.09 16.22 -25.63
N GLY A 372 -4.50 15.08 -25.91
CA GLY A 372 -3.62 14.99 -27.03
C GLY A 372 -3.76 13.68 -27.73
N GLY A 373 -3.41 13.70 -29.00
CA GLY A 373 -3.13 12.46 -29.74
C GLY A 373 -1.74 11.93 -29.46
N VAL A 374 -1.57 10.62 -29.67
CA VAL A 374 -0.31 9.97 -29.52
C VAL A 374 0.09 9.65 -30.93
N VAL A 375 1.20 10.23 -31.38
CA VAL A 375 1.70 9.96 -32.70
C VAL A 375 2.13 8.50 -32.71
N ASP A 376 1.62 7.72 -33.65
CA ASP A 376 1.88 6.29 -33.64
C ASP A 376 3.20 6.02 -34.28
N LEU A 377 4.24 6.03 -33.45
CA LEU A 377 5.62 5.84 -33.95
C LEU A 377 5.91 4.42 -34.56
N THR A 378 5.01 3.45 -34.35
CA THR A 378 5.04 2.14 -34.98
C THR A 378 4.54 2.20 -36.43
N ASN A 379 3.93 3.31 -36.84
CA ASN A 379 3.58 3.49 -38.24
C ASN A 379 4.75 4.17 -38.94
N PRO A 380 5.47 3.45 -39.84
CA PRO A 380 6.62 4.09 -40.48
C PRO A 380 6.34 5.43 -41.11
N GLU A 381 5.13 5.64 -41.63
CA GLU A 381 4.79 6.92 -42.26
C GLU A 381 4.65 8.02 -41.21
N ALA A 382 3.99 7.70 -40.10
CA ALA A 382 3.79 8.67 -39.00
C ALA A 382 5.17 9.00 -38.39
N TYR A 383 6.01 7.96 -38.29
CA TYR A 383 7.38 8.10 -37.76
C TYR A 383 8.20 9.07 -38.65
N ALA A 384 8.14 8.87 -39.94
CA ALA A 384 8.83 9.75 -40.86
C ALA A 384 8.30 11.16 -40.80
N TRP A 385 7.00 11.29 -40.70
CA TRP A 385 6.35 12.58 -40.69
C TRP A 385 6.78 13.32 -39.43
N PHE A 386 6.76 12.63 -38.27
CA PHE A 386 7.15 13.30 -37.04
C PHE A 386 8.61 13.72 -37.00
N LYS A 387 9.44 12.87 -37.53
CA LYS A 387 10.85 13.21 -37.74
C LYS A 387 10.99 14.48 -38.64
N GLU A 388 10.09 14.68 -39.61
CA GLU A 388 10.20 15.86 -40.49
C GLU A 388 9.73 17.08 -39.72
N VAL A 389 8.80 16.88 -38.79
CA VAL A 389 8.38 17.97 -37.94
C VAL A 389 9.58 18.47 -37.16
N ILE A 390 10.36 17.54 -36.59
CA ILE A 390 11.56 17.95 -35.83
C ILE A 390 12.50 18.72 -36.78
N LYS A 391 12.77 18.12 -37.92
CA LYS A 391 13.73 18.67 -38.86
C LYS A 391 13.34 20.02 -39.34
N LYS A 392 12.07 20.15 -39.72
CA LYS A 392 11.59 21.40 -40.29
C LYS A 392 11.30 22.44 -39.25
N ASN A 393 10.64 22.07 -38.15
CA ASN A 393 10.15 23.06 -37.19
C ASN A 393 11.11 23.38 -36.04
N MET A 394 12.11 22.51 -35.85
CA MET A 394 13.15 22.74 -34.82
C MET A 394 14.55 22.85 -35.37
N ILE A 395 15.01 21.86 -36.18
CA ILE A 395 16.36 21.96 -36.65
C ILE A 395 16.51 23.16 -37.63
N GLU A 396 15.60 23.28 -38.58
CA GLU A 396 15.73 24.30 -39.62
C GLU A 396 15.44 25.65 -38.99
N LEU A 397 14.65 25.68 -37.93
CA LEU A 397 14.48 26.92 -37.16
C LEU A 397 15.77 27.43 -36.52
N GLY A 398 16.67 26.52 -36.23
CA GLY A 398 17.94 26.92 -35.67
C GLY A 398 18.20 26.46 -34.26
N CYS A 399 17.38 25.56 -33.72
CA CYS A 399 17.61 25.02 -32.40
C CYS A 399 18.92 24.24 -32.35
N GLY A 400 19.71 24.48 -31.31
CA GLY A 400 20.89 23.72 -31.04
C GLY A 400 20.58 22.47 -30.22
N GLY A 401 19.34 22.33 -29.88
CA GLY A 401 18.94 21.19 -28.98
C GLY A 401 17.56 21.36 -28.45
N TRP A 402 17.10 20.41 -27.61
CA TRP A 402 15.80 20.52 -27.09
C TRP A 402 15.64 19.44 -26.05
N MET A 403 14.72 19.67 -25.14
CA MET A 403 14.05 18.62 -24.33
C MET A 403 13.17 17.76 -25.23
N ALA A 404 13.53 16.48 -25.41
CA ALA A 404 12.65 15.49 -26.02
C ALA A 404 12.01 14.67 -24.91
N ASP A 405 10.77 15.04 -24.61
CA ASP A 405 10.15 14.69 -23.33
C ASP A 405 9.17 13.58 -23.57
N PHE A 406 8.72 12.98 -22.48
CA PHE A 406 7.66 11.99 -22.44
C PHE A 406 8.11 10.76 -23.18
N GLY A 407 7.18 9.86 -23.54
CA GLY A 407 7.57 8.51 -23.98
C GLY A 407 7.04 7.45 -23.00
N GLU A 408 6.62 7.90 -21.81
CA GLU A 408 6.15 6.94 -20.71
C GLU A 408 4.64 6.78 -20.57
N TYR A 409 3.89 7.38 -21.47
CA TYR A 409 2.46 7.59 -21.24
C TYR A 409 1.57 6.80 -22.11
N LEU A 410 2.09 5.82 -22.86
CA LEU A 410 1.22 5.08 -23.73
C LEU A 410 0.20 4.28 -22.93
N PRO A 411 -1.12 4.53 -23.14
CA PRO A 411 -2.12 3.66 -22.46
C PRO A 411 -2.16 2.27 -23.09
N THR A 412 -2.58 1.29 -22.30
CA THR A 412 -2.54 -0.10 -22.69
C THR A 412 -3.76 -0.51 -23.52
N ASP A 413 -4.73 0.37 -23.71
CA ASP A 413 -5.84 0.08 -24.63
C ASP A 413 -5.76 0.95 -25.86
N THR A 414 -4.55 1.38 -26.23
CA THR A 414 -4.34 1.95 -27.56
C THR A 414 -4.10 0.79 -28.49
N TYR A 415 -4.33 0.98 -29.78
CA TYR A 415 -4.06 -0.03 -30.82
C TYR A 415 -3.12 0.58 -31.81
N LEU A 416 -2.04 -0.13 -32.12
CA LEU A 416 -0.96 0.44 -32.86
C LEU A 416 -0.87 -0.21 -34.22
N HIS A 417 -0.35 0.57 -35.16
CA HIS A 417 -0.22 0.19 -36.51
C HIS A 417 0.57 -1.11 -36.74
N ASN A 418 1.58 -1.41 -35.93
CA ASN A 418 2.36 -2.61 -36.08
C ASN A 418 1.63 -3.85 -35.55
N GLY A 419 0.49 -3.69 -34.90
CA GLY A 419 -0.33 -4.83 -34.46
C GLY A 419 0.19 -5.47 -33.21
N VAL A 420 1.14 -4.83 -32.54
CA VAL A 420 1.68 -5.37 -31.29
C VAL A 420 0.84 -4.81 -30.15
N SER A 421 0.51 -5.63 -29.15
CA SER A 421 -0.27 -5.16 -28.04
C SER A 421 0.37 -3.92 -27.37
N ALA A 422 -0.45 -2.92 -27.03
CA ALA A 422 0.02 -1.80 -26.25
C ALA A 422 0.64 -2.21 -24.90
N GLU A 423 0.28 -3.38 -24.37
CA GLU A 423 0.89 -3.83 -23.13
C GLU A 423 2.34 -4.24 -23.32
N ILE A 424 2.73 -4.52 -24.57
CA ILE A 424 4.11 -4.78 -24.95
C ILE A 424 4.79 -3.49 -25.44
N MET A 425 4.09 -2.67 -26.20
CA MET A 425 4.68 -1.51 -26.82
C MET A 425 4.88 -0.40 -25.81
N HIS A 426 4.13 -0.41 -24.72
CA HIS A 426 4.22 0.67 -23.73
C HIS A 426 5.66 0.94 -23.24
N ASN A 427 6.37 -0.14 -22.85
CA ASN A 427 7.71 -0.01 -22.32
C ASN A 427 8.70 0.30 -23.43
N ALA A 428 8.39 -0.09 -24.69
CA ALA A 428 9.33 0.09 -25.79
C ALA A 428 9.27 1.47 -26.39
N TRP A 429 8.26 2.25 -26.01
CA TRP A 429 8.03 3.57 -26.61
C TRP A 429 9.18 4.57 -26.51
N PRO A 430 9.81 4.67 -25.29
CA PRO A 430 10.83 5.70 -25.16
C PRO A 430 11.95 5.55 -26.15
N ALA A 431 12.47 4.34 -26.33
CA ALA A 431 13.59 4.14 -27.29
C ALA A 431 13.19 4.48 -28.73
N LEU A 432 11.93 4.24 -29.04
CA LEU A 432 11.39 4.53 -30.33
C LEU A 432 11.35 6.00 -30.54
N TRP A 433 10.84 6.71 -29.52
CA TRP A 433 10.90 8.16 -29.57
C TRP A 433 12.34 8.68 -29.65
N ALA A 434 13.22 8.14 -28.81
CA ALA A 434 14.66 8.47 -28.92
C ALA A 434 15.22 8.28 -30.34
N LYS A 435 14.94 7.12 -30.93
CA LYS A 435 15.41 6.90 -32.29
C LYS A 435 14.89 7.94 -33.27
N CYS A 436 13.64 8.39 -33.12
CA CYS A 436 13.10 9.39 -34.02
C CYS A 436 13.91 10.66 -33.98
N ASN A 437 14.21 11.12 -32.75
CA ASN A 437 15.11 12.26 -32.54
C ASN A 437 16.54 12.04 -33.07
N TYR A 438 17.08 10.88 -32.72
CA TYR A 438 18.42 10.53 -33.18
C TYR A 438 18.52 10.61 -34.69
N GLU A 439 17.52 10.00 -35.37
CA GLU A 439 17.51 10.02 -36.84
C GLU A 439 17.34 11.38 -37.47
N ALA A 440 16.57 12.29 -36.81
CA ALA A 440 16.44 13.70 -37.22
C ALA A 440 17.78 14.36 -37.26
N LEU A 441 18.56 14.10 -36.22
CA LEU A 441 19.90 14.62 -36.22
C LEU A 441 20.74 13.98 -37.25
N GLU A 442 20.60 12.68 -37.32
CA GLU A 442 21.46 11.96 -38.26
C GLU A 442 21.19 12.37 -39.72
N GLU A 443 19.92 12.51 -40.07
CA GLU A 443 19.56 12.88 -41.40
C GLU A 443 19.89 14.32 -41.74
N THR A 444 20.06 15.20 -40.78
CA THR A 444 20.54 16.57 -41.04
C THR A 444 22.04 16.81 -40.83
N GLY A 445 22.85 15.79 -40.58
CA GLY A 445 24.29 16.00 -40.26
C GLY A 445 24.54 16.78 -38.96
N LYS A 446 23.74 16.53 -37.93
CA LYS A 446 23.81 17.34 -36.73
C LYS A 446 24.17 16.53 -35.49
N LEU A 447 24.51 15.24 -35.64
CA LEU A 447 24.98 14.45 -34.51
C LEU A 447 26.32 14.97 -34.12
N GLY A 448 26.55 15.14 -32.84
CA GLY A 448 27.71 15.87 -32.35
C GLY A 448 27.56 17.38 -32.34
N GLU A 449 26.44 17.91 -32.88
CA GLU A 449 26.26 19.37 -32.96
C GLU A 449 25.00 19.86 -32.25
N ILE A 450 23.92 19.08 -32.36
CA ILE A 450 22.72 19.34 -31.68
C ILE A 450 22.58 18.34 -30.55
N LEU A 451 22.08 18.83 -29.44
CA LEU A 451 21.95 17.97 -28.27
C LEU A 451 20.47 17.94 -27.82
N PHE A 452 19.90 16.75 -27.78
CA PHE A 452 18.57 16.61 -27.19
C PHE A 452 18.70 15.80 -25.94
N PHE A 453 17.78 16.01 -25.02
CA PHE A 453 17.86 15.33 -23.75
C PHE A 453 16.53 14.78 -23.44
N MET A 454 16.50 13.62 -22.78
CA MET A 454 15.30 12.87 -22.62
C MET A 454 15.14 12.42 -21.20
N ARG A 455 13.91 12.13 -20.88
CA ARG A 455 13.51 11.73 -19.50
C ARG A 455 13.18 10.26 -19.56
N ALA A 456 12.11 9.91 -20.26
CA ALA A 456 11.77 8.50 -20.47
C ALA A 456 12.87 7.77 -21.25
N GLY A 457 13.06 6.52 -20.93
CA GLY A 457 13.97 5.70 -21.74
C GLY A 457 13.59 4.27 -21.65
N SER A 458 14.19 3.47 -22.56
CA SER A 458 14.03 2.03 -22.59
C SER A 458 15.24 1.45 -23.30
N THR A 459 15.29 0.13 -23.40
CA THR A 459 16.39 -0.58 -24.11
C THR A 459 16.61 0.05 -25.48
N GLY A 460 17.80 0.56 -25.68
CA GLY A 460 18.18 1.26 -26.88
C GLY A 460 18.41 2.74 -26.77
N SER A 461 17.86 3.34 -25.70
CA SER A 461 18.19 4.69 -25.31
C SER A 461 19.69 4.89 -25.13
N GLN A 462 20.41 3.79 -24.87
CA GLN A 462 21.86 3.79 -24.79
C GLN A 462 22.46 4.19 -26.15
N LYS A 463 21.79 3.83 -27.25
CA LYS A 463 22.25 4.26 -28.60
C LYS A 463 21.68 5.57 -29.06
N TYR A 464 20.36 5.74 -28.87
CA TYR A 464 19.60 6.80 -29.51
C TYR A 464 19.40 8.06 -28.66
N SER A 465 19.56 8.02 -27.36
CA SER A 465 19.40 9.28 -26.53
C SER A 465 20.74 9.92 -26.26
N THR A 466 20.95 11.11 -26.86
CA THR A 466 22.18 11.77 -26.68
C THR A 466 22.44 12.25 -25.25
N MET A 467 21.42 12.34 -24.40
CA MET A 467 21.58 12.83 -23.00
C MET A 467 20.32 12.50 -22.26
N MET A 468 20.47 11.93 -21.07
CA MET A 468 19.32 11.78 -20.19
C MET A 468 19.29 12.96 -19.19
N TRP A 469 18.08 13.39 -18.79
CA TRP A 469 17.96 14.23 -17.62
C TRP A 469 17.09 13.47 -16.60
N ALA A 470 17.25 13.84 -15.34
CA ALA A 470 16.62 13.11 -14.23
C ALA A 470 15.10 13.36 -14.02
N GLY A 471 14.43 13.99 -14.96
CA GLY A 471 13.01 14.17 -14.86
C GLY A 471 12.68 15.12 -13.72
N ASN A 472 11.56 14.92 -13.09
CA ASN A 472 11.00 15.91 -12.14
C ASN A 472 11.26 15.54 -10.72
N GLN A 473 12.25 16.20 -10.15
CA GLN A 473 12.42 16.27 -8.72
C GLN A 473 11.51 17.32 -8.14
N ASN A 474 11.04 17.02 -6.94
CA ASN A 474 10.45 18.04 -6.11
C ASN A 474 11.43 19.09 -5.82
N VAL A 475 10.94 20.31 -5.63
CA VAL A 475 11.83 21.37 -5.18
C VAL A 475 12.05 21.24 -3.65
N ASP A 476 12.50 20.09 -3.19
CA ASP A 476 12.69 19.83 -1.78
C ASP A 476 14.00 19.07 -1.56
N TRP A 477 14.24 18.73 -0.31
CA TRP A 477 15.49 18.08 0.03
C TRP A 477 15.26 16.62 0.42
N SER A 478 14.15 16.07 0.01
CA SER A 478 13.87 14.69 0.29
C SER A 478 14.86 13.71 -0.38
N LEU A 479 15.03 12.56 0.28
CA LEU A 479 15.89 11.53 -0.25
C LEU A 479 15.31 10.92 -1.49
N ASP A 480 14.03 10.64 -1.49
CA ASP A 480 13.43 9.88 -2.59
C ASP A 480 13.03 10.77 -3.78
N ASP A 481 12.86 12.09 -3.58
CA ASP A 481 12.46 12.92 -4.72
C ASP A 481 13.08 14.32 -4.81
N GLY A 482 14.15 14.54 -4.08
CA GLY A 482 14.83 15.81 -4.06
C GLY A 482 16.17 15.63 -4.74
N LEU A 483 17.02 16.61 -4.49
CA LEU A 483 18.39 16.68 -5.03
C LEU A 483 19.13 15.35 -4.91
N ALA A 484 19.04 14.71 -3.72
CA ALA A 484 19.69 13.48 -3.48
C ALA A 484 19.47 12.39 -4.47
N SER A 485 18.23 12.31 -4.92
CA SER A 485 17.76 11.17 -5.73
C SER A 485 18.37 11.17 -7.07
N VAL A 486 18.92 12.29 -7.44
CA VAL A 486 19.51 12.39 -8.77
C VAL A 486 20.77 11.51 -8.84
N VAL A 487 21.45 11.28 -7.70
CA VAL A 487 22.69 10.57 -7.74
C VAL A 487 22.42 9.11 -7.99
N PRO A 488 21.52 8.48 -7.21
CA PRO A 488 21.31 7.07 -7.63
C PRO A 488 20.78 6.90 -9.07
N ALA A 489 20.01 7.87 -9.54
CA ALA A 489 19.49 7.88 -10.90
C ALA A 489 20.62 7.83 -11.93
N ALA A 490 21.64 8.62 -11.66
CA ALA A 490 22.81 8.75 -12.54
C ALA A 490 23.61 7.43 -12.44
N LEU A 491 23.71 6.86 -11.24
CA LEU A 491 24.61 5.72 -11.10
C LEU A 491 23.92 4.49 -11.60
N SER A 492 22.64 4.32 -11.26
CA SER A 492 21.86 3.25 -11.85
C SER A 492 21.90 3.26 -13.38
N LEU A 493 21.76 4.44 -13.98
CA LEU A 493 21.91 4.54 -15.45
C LEU A 493 23.28 4.17 -15.98
N ALA A 494 24.32 4.68 -15.32
CA ALA A 494 25.67 4.32 -15.68
C ALA A 494 25.82 2.80 -15.77
N MET A 495 25.25 2.07 -14.79
CA MET A 495 25.34 0.64 -14.78
C MET A 495 24.44 -0.11 -15.74
N THR A 496 23.48 0.63 -16.32
CA THR A 496 22.61 0.16 -17.36
C THR A 496 23.06 0.74 -18.74
N GLY A 497 24.23 1.30 -18.80
CA GLY A 497 24.84 1.66 -20.07
C GLY A 497 24.62 3.03 -20.60
N HIS A 498 24.06 3.93 -19.78
CA HIS A 498 23.89 5.34 -20.21
C HIS A 498 24.72 6.20 -19.31
N GLY A 499 25.74 6.86 -19.92
CA GLY A 499 26.73 7.58 -19.14
C GLY A 499 26.66 9.10 -19.21
N LEU A 500 25.59 9.67 -19.79
CA LEU A 500 25.40 11.11 -19.86
C LEU A 500 24.10 11.47 -19.18
N HIS A 501 24.21 12.19 -18.06
CA HIS A 501 23.13 12.41 -17.16
C HIS A 501 23.25 13.76 -16.48
N HIS A 502 22.14 14.50 -16.44
CA HIS A 502 22.07 15.77 -15.73
C HIS A 502 20.70 15.92 -15.10
N SER A 503 20.48 17.00 -14.35
CA SER A 503 19.22 17.31 -13.75
C SER A 503 18.96 18.77 -13.79
N ASP A 504 17.67 19.08 -13.64
CA ASP A 504 17.22 20.43 -13.50
C ASP A 504 17.94 21.11 -12.36
N ILE A 505 18.67 22.15 -12.65
CA ILE A 505 19.24 22.93 -11.49
C ILE A 505 18.08 23.61 -10.75
N GLY A 506 17.84 23.12 -9.53
CA GLY A 506 16.77 23.58 -8.67
C GLY A 506 15.59 22.63 -8.55
N GLY A 507 15.57 21.54 -9.28
CA GLY A 507 14.35 20.72 -9.29
C GLY A 507 13.21 21.32 -10.12
N TYR A 508 12.09 20.63 -10.10
CA TYR A 508 10.96 21.04 -10.94
C TYR A 508 9.61 21.20 -10.25
N THR A 509 9.20 20.15 -9.52
CA THR A 509 7.88 19.98 -9.07
C THR A 509 7.55 20.86 -7.88
N THR A 510 6.55 21.71 -8.09
CA THR A 510 6.24 22.85 -7.24
C THR A 510 4.73 22.69 -7.02
N LEU A 511 4.38 21.98 -5.95
CA LEU A 511 3.02 21.62 -5.65
C LEU A 511 2.89 21.69 -4.15
N PHE A 512 1.68 21.92 -3.70
CA PHE A 512 1.35 21.77 -2.26
C PHE A 512 2.23 22.63 -1.37
N GLU A 513 2.44 23.87 -1.59
CA GLU A 513 3.42 24.43 -0.57
C GLU A 513 4.94 23.98 -0.64
N MET A 514 5.36 23.03 -1.47
CA MET A 514 6.78 22.95 -1.85
C MET A 514 7.10 24.17 -2.76
N LYS A 515 8.12 24.92 -2.44
CA LYS A 515 8.55 26.07 -3.23
C LYS A 515 10.07 26.07 -3.15
N ARG A 516 10.76 26.42 -4.21
CA ARG A 516 12.20 26.24 -4.24
C ARG A 516 12.81 27.40 -3.54
N SER A 517 13.63 27.11 -2.54
CA SER A 517 14.38 28.14 -1.83
C SER A 517 15.63 28.52 -2.62
N LYS A 518 16.14 29.71 -2.34
CA LYS A 518 17.44 30.12 -2.79
C LYS A 518 18.51 29.14 -2.41
N GLU A 519 18.47 28.67 -1.17
CA GLU A 519 19.43 27.74 -0.70
C GLU A 519 19.39 26.49 -1.57
N LEU A 520 18.22 26.01 -1.92
CA LEU A 520 18.15 24.73 -2.69
C LEU A 520 18.65 24.99 -4.11
N LEU A 521 18.30 26.15 -4.67
CA LEU A 521 18.84 26.52 -6.01
C LEU A 521 20.39 26.46 -6.03
N LEU A 522 21.06 27.04 -5.06
CA LEU A 522 22.50 27.17 -5.00
C LEU A 522 23.18 25.86 -4.72
N ARG A 523 22.62 25.05 -3.85
CA ARG A 523 23.18 23.76 -3.60
C ARG A 523 23.13 22.86 -4.87
N TRP A 524 22.06 23.03 -5.64
CA TRP A 524 21.80 22.21 -6.79
C TRP A 524 22.75 22.69 -7.86
N CYS A 525 23.02 23.99 -7.89
CA CYS A 525 23.97 24.57 -8.83
C CYS A 525 25.39 24.00 -8.54
N ASP A 526 25.73 23.85 -7.25
CA ASP A 526 27.04 23.36 -6.89
C ASP A 526 27.16 21.90 -7.35
N PHE A 527 26.09 21.14 -7.26
CA PHE A 527 26.04 19.74 -7.70
C PHE A 527 26.19 19.64 -9.24
N SER A 528 25.34 20.35 -9.96
CA SER A 528 25.35 20.25 -11.44
C SER A 528 26.64 20.74 -12.11
N ALA A 529 27.40 21.59 -11.44
CA ALA A 529 28.69 22.03 -11.94
C ALA A 529 29.69 20.86 -12.02
N PHE A 530 29.41 19.79 -11.30
CA PHE A 530 30.15 18.58 -11.34
C PHE A 530 29.42 17.43 -12.02
N THR A 531 28.77 17.74 -13.15
CA THR A 531 28.07 16.78 -14.01
C THR A 531 28.36 17.28 -15.43
N PRO A 532 28.04 16.48 -16.46
CA PRO A 532 28.38 16.92 -17.83
C PRO A 532 27.53 17.99 -18.44
N MET A 533 26.46 18.43 -17.78
CA MET A 533 25.60 19.48 -18.29
C MET A 533 24.95 20.32 -17.22
N MET A 534 25.06 21.64 -17.39
CA MET A 534 24.39 22.59 -16.52
C MET A 534 23.18 23.22 -17.19
N ARG A 535 22.01 22.93 -16.65
CA ARG A 535 20.78 23.50 -17.21
C ARG A 535 19.79 23.80 -16.13
N THR A 536 19.21 24.99 -16.17
CA THR A 536 18.20 25.34 -15.20
C THR A 536 16.78 25.08 -15.69
N HIS A 537 15.85 25.13 -14.73
CA HIS A 537 14.39 25.03 -15.00
C HIS A 537 13.68 26.01 -14.09
N GLU A 538 12.64 26.65 -14.62
CA GLU A 538 11.75 27.48 -13.86
C GLU A 538 10.87 26.68 -12.90
N GLY A 539 10.63 25.40 -13.19
CA GLY A 539 9.65 24.58 -12.51
C GLY A 539 8.24 24.84 -13.11
N ASN A 540 7.26 24.13 -12.60
CA ASN A 540 5.89 24.26 -13.12
C ASN A 540 5.15 25.49 -12.68
N ARG A 541 5.67 26.12 -11.65
CA ARG A 541 5.13 27.38 -11.10
C ARG A 541 6.24 28.32 -10.92
N PRO A 542 6.64 28.95 -12.01
CA PRO A 542 7.83 29.80 -11.90
C PRO A 542 7.87 30.84 -10.80
N GLY A 543 6.75 31.49 -10.57
CA GLY A 543 6.70 32.63 -9.67
C GLY A 543 6.70 32.15 -8.24
N ASP A 544 6.53 30.86 -7.96
CA ASP A 544 6.73 30.32 -6.58
C ASP A 544 8.17 29.86 -6.19
N ASN A 545 9.04 29.78 -7.18
CA ASN A 545 10.41 29.33 -6.98
C ASN A 545 11.44 30.42 -7.10
N TRP A 546 12.49 30.33 -6.29
CA TRP A 546 13.65 31.12 -6.47
C TRP A 546 14.31 30.71 -7.81
N GLN A 547 14.72 31.73 -8.54
CA GLN A 547 15.30 31.54 -9.83
C GLN A 547 16.72 32.08 -9.91
N PHE A 548 17.37 31.72 -11.01
CA PHE A 548 18.80 31.95 -11.19
C PHE A 548 19.15 33.45 -11.12
N ASP A 549 18.17 34.32 -11.25
CA ASP A 549 18.42 35.77 -11.16
C ASP A 549 17.65 36.43 -10.06
N GLY A 550 17.26 35.67 -9.03
CA GLY A 550 16.49 36.18 -7.98
C GLY A 550 17.17 37.33 -7.20
N ASP A 551 18.47 37.28 -7.04
CA ASP A 551 19.21 38.43 -6.45
C ASP A 551 20.70 38.39 -6.83
N ALA A 552 21.44 39.41 -6.43
CA ALA A 552 22.81 39.56 -6.87
C ALA A 552 23.64 38.44 -6.36
N GLU A 553 23.32 37.94 -5.18
CA GLU A 553 24.09 36.87 -4.65
C GLU A 553 23.90 35.54 -5.46
N THR A 554 22.67 35.26 -5.86
CA THR A 554 22.33 34.09 -6.71
C THR A 554 23.08 34.19 -7.99
N ILE A 555 23.03 35.34 -8.63
CA ILE A 555 23.72 35.56 -9.89
C ILE A 555 25.23 35.29 -9.78
N ALA A 556 25.83 35.83 -8.73
CA ALA A 556 27.23 35.72 -8.46
C ALA A 556 27.58 34.27 -8.20
N HIS A 557 26.71 33.55 -7.49
CA HIS A 557 26.94 32.12 -7.24
C HIS A 557 26.98 31.37 -8.60
N PHE A 558 26.06 31.74 -9.47
CA PHE A 558 26.06 31.17 -10.78
C PHE A 558 27.33 31.53 -11.55
N ALA A 559 27.78 32.78 -11.46
CA ALA A 559 29.00 33.14 -12.16
C ALA A 559 30.17 32.30 -11.64
N ARG A 560 30.23 32.12 -10.32
CA ARG A 560 31.28 31.29 -9.77
C ARG A 560 31.15 29.85 -10.29
N MET A 561 30.01 29.21 -10.13
CA MET A 561 29.96 27.78 -10.42
C MET A 561 29.98 27.45 -11.91
N THR A 562 29.54 28.38 -12.74
CA THR A 562 29.73 28.22 -14.18
C THR A 562 31.17 28.36 -14.58
N THR A 563 31.91 29.20 -13.88
CA THR A 563 33.36 29.27 -14.07
C THR A 563 34.04 27.97 -13.71
N VAL A 564 33.63 27.37 -12.59
CA VAL A 564 34.10 26.06 -12.20
C VAL A 564 33.84 25.05 -13.29
N PHE A 565 32.57 24.93 -13.71
CA PHE A 565 32.17 24.00 -14.79
C PHE A 565 32.96 24.20 -16.03
N THR A 566 33.07 25.44 -16.49
CA THR A 566 33.83 25.63 -17.72
C THR A 566 35.35 25.33 -17.58
N THR A 567 35.96 25.51 -16.40
CA THR A 567 37.33 25.13 -16.17
C THR A 567 37.56 23.65 -16.43
N LEU A 568 36.58 22.85 -16.03
CA LEU A 568 36.64 21.39 -16.26
C LEU A 568 36.44 20.87 -17.70
N LYS A 569 36.16 21.76 -18.65
CA LYS A 569 35.83 21.43 -20.00
C LYS A 569 36.70 20.33 -20.61
N PRO A 570 38.05 20.50 -20.61
CA PRO A 570 38.89 19.47 -21.25
C PRO A 570 38.78 18.14 -20.56
N TYR A 571 38.70 18.15 -19.25
CA TYR A 571 38.49 16.91 -18.45
C TYR A 571 37.16 16.25 -18.78
N LEU A 572 36.09 17.05 -18.73
CA LEU A 572 34.79 16.56 -19.11
C LEU A 572 34.76 15.96 -20.50
N LYS A 573 35.40 16.61 -21.47
CA LYS A 573 35.32 16.19 -22.83
C LYS A 573 36.01 14.84 -22.99
N GLU A 574 37.12 14.64 -22.24
CA GLU A 574 37.82 13.39 -22.33
C GLU A 574 36.93 12.30 -21.76
N ALA A 575 36.34 12.57 -20.60
CA ALA A 575 35.40 11.60 -19.96
C ALA A 575 34.27 11.28 -20.94
N VAL A 576 33.77 12.31 -21.65
CA VAL A 576 32.66 12.10 -22.64
C VAL A 576 33.13 11.27 -23.84
N ALA A 577 34.39 11.49 -24.28
CA ALA A 577 34.98 10.68 -25.34
C ALA A 577 35.06 9.22 -24.92
N LEU A 578 35.54 8.98 -23.73
CA LEU A 578 35.63 7.62 -23.17
C LEU A 578 34.26 6.92 -23.07
N ASN A 579 33.28 7.68 -22.66
CA ASN A 579 31.90 7.19 -22.69
C ASN A 579 31.49 6.74 -24.07
N ALA A 580 31.77 7.54 -25.08
CA ALA A 580 31.45 7.23 -26.46
C ALA A 580 32.21 6.05 -27.00
N LYS A 581 33.47 5.94 -26.61
CA LYS A 581 34.32 4.91 -27.17
C LYS A 581 34.16 3.58 -26.47
N SER A 582 33.81 3.57 -25.19
CA SER A 582 33.77 2.29 -24.50
C SER A 582 32.72 2.09 -23.41
N GLY A 583 31.76 2.99 -23.29
CA GLY A 583 30.67 2.89 -22.29
C GLY A 583 31.07 3.20 -20.84
N LEU A 584 32.24 3.83 -20.69
CA LEU A 584 32.79 4.22 -19.42
C LEU A 584 32.08 5.53 -19.04
N PRO A 585 31.11 5.45 -18.12
CA PRO A 585 30.17 6.57 -17.92
C PRO A 585 30.83 7.73 -17.25
N VAL A 586 30.26 8.91 -17.43
CA VAL A 586 30.95 10.11 -16.95
C VAL A 586 30.84 10.24 -15.43
N MET A 587 29.66 9.88 -14.91
CA MET A 587 29.46 9.79 -13.48
C MET A 587 29.50 8.32 -13.11
N ARG A 588 30.45 7.94 -12.26
CA ARG A 588 30.77 6.54 -12.07
C ARG A 588 30.59 6.15 -10.60
N PRO A 589 30.10 4.96 -10.40
CA PRO A 589 30.07 4.47 -9.03
C PRO A 589 31.54 4.26 -8.58
N LEU A 590 31.85 4.54 -7.30
CA LEU A 590 33.21 4.41 -6.80
C LEU A 590 33.82 3.05 -7.06
N PHE A 591 33.01 1.99 -7.00
CA PHE A 591 33.56 0.62 -7.21
C PHE A 591 34.08 0.36 -8.59
N LEU A 592 33.83 1.22 -9.57
CA LEU A 592 34.49 1.03 -10.85
C LEU A 592 35.99 1.14 -10.76
N HIS A 593 36.47 1.99 -9.87
CA HIS A 593 37.90 2.23 -9.69
C HIS A 593 38.46 1.81 -8.34
N TYR A 594 37.62 1.43 -7.38
CA TYR A 594 38.02 1.01 -6.05
C TYR A 594 37.27 -0.31 -5.78
N GLU A 595 37.47 -1.29 -6.68
CA GLU A 595 36.72 -2.55 -6.67
C GLU A 595 36.93 -3.38 -5.42
N ASP A 596 38.13 -3.28 -4.86
CA ASP A 596 38.52 -4.02 -3.65
C ASP A 596 38.01 -3.38 -2.36
N ASP A 597 37.41 -2.18 -2.44
CA ASP A 597 36.87 -1.49 -1.29
C ASP A 597 35.39 -1.89 -1.16
N ALA A 598 35.07 -2.72 -0.16
CA ALA A 598 33.70 -3.15 0.06
C ALA A 598 32.71 -2.03 0.35
N HIS A 599 33.19 -0.97 1.00
CA HIS A 599 32.32 0.09 1.35
C HIS A 599 31.82 0.81 0.10
N THR A 600 32.59 0.84 -0.96
CA THR A 600 32.12 1.60 -2.13
C THR A 600 30.85 1.00 -2.80
N TYR A 601 30.54 -0.28 -2.53
CA TYR A 601 29.42 -0.96 -3.18
C TYR A 601 28.05 -0.52 -2.67
N THR A 602 28.01 0.14 -1.51
CA THR A 602 26.80 0.52 -0.83
C THR A 602 26.57 2.02 -0.85
N LEU A 603 27.46 2.77 -1.48
CA LEU A 603 27.31 4.21 -1.59
C LEU A 603 26.21 4.50 -2.62
N LYS A 604 25.36 5.45 -2.29
CA LYS A 604 24.27 5.91 -3.13
C LYS A 604 24.40 7.36 -3.52
N TYR A 605 25.03 8.19 -2.67
CA TYR A 605 24.96 9.66 -2.84
C TYR A 605 26.31 10.32 -3.10
N GLN A 606 27.26 9.54 -3.58
CA GLN A 606 28.50 10.10 -4.12
C GLN A 606 28.98 9.27 -5.31
N TYR A 607 29.78 9.93 -6.13
CA TYR A 607 30.17 9.39 -7.39
C TYR A 607 31.58 9.94 -7.73
N LEU A 608 32.20 9.29 -8.71
CA LEU A 608 33.37 9.84 -9.34
C LEU A 608 32.94 10.53 -10.63
N LEU A 609 33.47 11.70 -10.87
CA LEU A 609 33.29 12.43 -12.13
C LEU A 609 34.58 12.18 -12.86
N GLY A 610 34.47 11.37 -13.90
CA GLY A 610 35.64 10.81 -14.48
C GLY A 610 36.32 9.86 -13.53
N ARG A 611 37.60 9.63 -13.75
CA ARG A 611 38.43 8.81 -12.83
C ARG A 611 38.83 9.54 -11.54
N ASP A 612 39.04 10.84 -11.64
CA ASP A 612 39.91 11.56 -10.72
C ASP A 612 39.23 12.56 -9.79
N ILE A 613 37.91 12.81 -9.96
CA ILE A 613 37.22 13.75 -9.08
C ILE A 613 36.14 12.98 -8.34
N LEU A 614 36.07 13.15 -7.04
CA LEU A 614 35.08 12.44 -6.21
C LEU A 614 34.13 13.53 -5.71
N VAL A 615 32.83 13.30 -5.87
CA VAL A 615 31.82 14.31 -5.59
C VAL A 615 30.82 13.69 -4.64
N ALA A 616 30.49 14.48 -3.62
CA ALA A 616 29.55 14.06 -2.60
C ALA A 616 28.66 15.25 -2.34
N PRO A 617 27.62 15.47 -3.17
CA PRO A 617 26.83 16.72 -3.06
C PRO A 617 26.09 16.84 -1.75
N VAL A 618 26.06 18.05 -1.24
CA VAL A 618 25.26 18.30 -0.07
C VAL A 618 23.81 18.18 -0.53
N HIS A 619 23.06 17.26 0.09
CA HIS A 619 21.66 17.07 -0.22
C HIS A 619 20.62 17.32 0.89
N GLU A 620 21.02 18.03 1.98
CA GLU A 620 20.22 18.38 3.12
C GLU A 620 20.30 19.85 3.31
N GLU A 621 19.17 20.40 3.74
CA GLU A 621 19.03 21.77 4.08
C GLU A 621 19.79 22.07 5.32
N GLY A 622 20.32 23.29 5.32
CA GLY A 622 20.93 23.87 6.53
C GLY A 622 22.30 23.35 6.95
N ARG A 623 23.05 22.72 6.06
CA ARG A 623 24.33 22.14 6.44
C ARG A 623 25.45 23.13 6.26
N SER A 624 26.37 23.16 7.20
CA SER A 624 27.60 23.91 7.01
C SER A 624 28.75 22.94 6.86
N ASP A 625 28.52 21.65 7.12
CA ASP A 625 29.49 20.69 6.80
C ASP A 625 28.82 19.44 6.19
N TRP A 626 29.64 18.48 5.84
CA TRP A 626 29.18 17.31 5.13
C TRP A 626 30.15 16.15 5.38
N THR A 627 29.58 14.98 5.55
CA THR A 627 30.28 13.75 5.75
C THR A 627 30.14 12.82 4.56
N LEU A 628 31.26 12.20 4.17
CA LEU A 628 31.31 11.32 2.98
C LEU A 628 32.44 10.32 3.18
N TYR A 629 32.61 9.46 2.21
CA TYR A 629 33.60 8.46 2.25
C TYR A 629 34.63 8.67 1.17
N LEU A 630 35.92 8.66 1.55
CA LEU A 630 37.04 8.68 0.60
C LEU A 630 37.65 7.30 0.58
N PRO A 631 37.67 6.65 -0.59
CA PRO A 631 38.40 5.40 -0.64
C PRO A 631 39.93 5.67 -0.51
N GLU A 632 40.72 4.62 -0.40
CA GLU A 632 42.19 4.83 -0.16
C GLU A 632 42.87 5.37 -1.41
N ASP A 633 43.27 6.62 -1.35
CA ASP A 633 43.97 7.27 -2.42
C ASP A 633 44.49 8.56 -1.80
N ASN A 634 45.37 9.27 -2.52
CA ASN A 634 45.71 10.65 -2.16
C ASN A 634 44.78 11.65 -2.79
N TRP A 635 43.96 12.28 -1.95
CA TRP A 635 42.91 13.18 -2.38
C TRP A 635 43.31 14.58 -2.00
N VAL A 636 42.86 15.51 -2.80
CA VAL A 636 43.02 16.92 -2.47
C VAL A 636 41.62 17.51 -2.50
N HIS A 637 41.25 18.24 -1.43
CA HIS A 637 40.03 18.98 -1.41
C HIS A 637 40.11 20.14 -2.44
N ALA A 638 39.06 20.30 -3.23
CA ALA A 638 39.10 21.14 -4.38
C ALA A 638 39.21 22.62 -3.99
N TRP A 639 38.57 22.98 -2.87
CA TRP A 639 38.43 24.39 -2.52
C TRP A 639 39.55 24.90 -1.65
N THR A 640 40.22 24.01 -0.94
CA THR A 640 41.28 24.42 -0.02
C THR A 640 42.67 24.00 -0.45
N GLY A 641 42.78 22.93 -1.26
CA GLY A 641 44.05 22.26 -1.48
C GLY A 641 44.41 21.27 -0.36
N GLU A 642 43.53 21.09 0.63
CA GLU A 642 43.92 20.28 1.75
C GLU A 642 44.04 18.82 1.30
N ALA A 643 45.06 18.14 1.80
CA ALA A 643 45.27 16.73 1.51
C ALA A 643 44.55 15.87 2.49
N PHE A 644 44.12 14.71 1.96
CA PHE A 644 43.29 13.74 2.66
C PHE A 644 43.67 12.37 2.15
N ARG A 645 43.50 11.38 2.99
CA ARG A 645 43.69 9.98 2.69
C ARG A 645 42.34 9.32 2.94
N GLY A 646 42.24 8.02 2.75
CA GLY A 646 40.93 7.38 2.75
C GLY A 646 40.26 7.34 4.12
N GLY A 647 38.98 7.01 4.10
CA GLY A 647 38.19 6.81 5.31
C GLY A 647 37.07 7.81 5.34
N GLU A 648 36.18 7.63 6.29
CA GLU A 648 35.00 8.53 6.41
C GLU A 648 35.50 9.93 6.86
N VAL A 649 35.01 10.96 6.22
CA VAL A 649 35.50 12.31 6.54
C VAL A 649 34.36 13.29 6.59
N THR A 650 34.47 14.29 7.47
CA THR A 650 33.54 15.43 7.54
C THR A 650 34.32 16.67 7.13
N VAL A 651 33.86 17.42 6.11
CA VAL A 651 34.52 18.69 5.69
C VAL A 651 33.53 19.87 5.80
N ASN A 652 34.05 21.08 5.97
CA ASN A 652 33.23 22.27 5.83
C ASN A 652 32.66 22.28 4.39
N ALA A 653 31.42 22.72 4.24
CA ALA A 653 30.77 22.65 2.91
C ALA A 653 29.82 23.77 2.82
N PRO A 654 30.34 25.02 2.89
CA PRO A 654 29.49 26.15 2.63
C PRO A 654 29.00 26.14 1.16
N ILE A 655 27.92 26.86 0.89
CA ILE A 655 27.43 27.01 -0.46
C ILE A 655 28.56 27.55 -1.34
N GLY A 656 28.87 26.85 -2.42
CA GLY A 656 29.86 27.26 -3.39
C GLY A 656 31.17 26.49 -3.24
N LYS A 657 31.24 25.64 -2.22
CA LYS A 657 32.44 24.85 -1.96
C LYS A 657 31.92 23.47 -1.69
N PRO A 658 31.32 22.83 -2.73
CA PRO A 658 30.78 21.48 -2.51
C PRO A 658 31.85 20.47 -2.16
N PRO A 659 31.49 19.39 -1.46
CA PRO A 659 32.47 18.39 -1.12
C PRO A 659 32.95 17.64 -2.37
N VAL A 660 34.07 18.13 -2.91
CA VAL A 660 34.68 17.65 -4.10
C VAL A 660 36.15 17.52 -3.78
N PHE A 661 36.71 16.40 -4.20
CA PHE A 661 38.11 16.04 -3.95
C PHE A 661 38.67 15.51 -5.26
N TYR A 662 39.96 15.72 -5.49
CA TYR A 662 40.58 15.17 -6.67
C TYR A 662 41.82 14.40 -6.32
N ARG A 663 42.11 13.40 -7.13
CA ARG A 663 43.31 12.61 -7.01
C ARG A 663 44.57 13.46 -7.22
N ALA A 664 45.43 13.55 -6.20
CA ALA A 664 46.70 14.29 -6.36
C ALA A 664 47.57 13.72 -7.48
N ASP A 665 47.48 12.42 -7.73
CA ASP A 665 48.25 11.79 -8.82
C ASP A 665 47.64 11.92 -10.23
N SER A 666 46.54 12.66 -10.39
CA SER A 666 45.90 12.81 -11.67
C SER A 666 46.77 13.62 -12.60
N GLU A 667 46.91 13.14 -13.81
CA GLU A 667 47.53 13.96 -14.85
C GLU A 667 46.82 15.29 -15.03
N TRP A 668 45.58 15.43 -14.51
CA TRP A 668 44.84 16.68 -14.56
C TRP A 668 45.01 17.57 -13.35
N ALA A 669 45.88 17.20 -12.41
CA ALA A 669 46.02 17.91 -11.13
C ALA A 669 46.25 19.40 -11.24
N ALA A 670 47.05 19.88 -12.19
CA ALA A 670 47.24 21.33 -12.28
C ALA A 670 45.94 22.04 -12.71
N LEU A 671 45.10 21.41 -13.51
CA LEU A 671 43.81 22.05 -13.89
C LEU A 671 42.99 22.10 -12.64
N PHE A 672 42.88 20.95 -12.00
CA PHE A 672 42.08 20.91 -10.74
C PHE A 672 42.56 21.92 -9.70
N ALA A 673 43.88 22.10 -9.58
CA ALA A 673 44.45 22.98 -8.58
C ALA A 673 44.02 24.45 -8.81
N SER A 674 43.62 24.81 -10.02
CA SER A 674 43.18 26.18 -10.29
C SER A 674 41.79 26.49 -9.72
N LEU A 675 41.04 25.46 -9.31
CA LEU A 675 39.70 25.64 -8.78
C LEU A 675 39.68 26.42 -7.48
N LYS A 676 40.62 26.14 -6.55
CA LYS A 676 40.68 26.88 -5.28
C LYS A 676 41.03 28.37 -5.40
N SER A 677 41.40 28.83 -6.59
CA SER A 677 41.62 30.27 -6.84
C SER A 677 40.42 31.02 -7.47
N ILE A 678 39.41 30.33 -8.01
CA ILE A 678 38.24 31.03 -8.58
C ILE A 678 37.57 31.93 -7.52
N ASP B 10 -31.88 -30.40 1.30
CA ASP B 10 -31.23 -31.50 0.54
C ASP B 10 -30.44 -30.99 -0.70
N PHE B 11 -29.81 -31.94 -1.40
CA PHE B 11 -28.87 -31.64 -2.44
C PHE B 11 -29.25 -32.21 -3.74
N GLN B 12 -28.96 -31.44 -4.76
CA GLN B 12 -29.05 -31.92 -6.10
C GLN B 12 -27.66 -31.73 -6.67
N PHE B 13 -27.03 -32.85 -6.98
CA PHE B 13 -25.74 -32.87 -7.61
C PHE B 13 -26.01 -33.37 -9.02
N HIS B 14 -25.57 -32.65 -10.03
CA HIS B 14 -25.67 -33.09 -11.44
C HIS B 14 -24.26 -33.10 -12.05
N GLN B 15 -23.87 -34.19 -12.71
CA GLN B 15 -22.50 -34.41 -13.26
C GLN B 15 -22.54 -34.62 -14.80
N ASN B 16 -21.54 -34.12 -15.56
CA ASN B 16 -21.47 -34.18 -17.08
C ASN B 16 -20.13 -34.68 -17.80
N ASN B 17 -19.35 -33.76 -18.44
CA ASN B 17 -18.07 -34.03 -19.25
C ASN B 17 -16.97 -33.28 -18.54
N ASP B 18 -16.68 -33.91 -17.44
CA ASP B 18 -16.10 -33.35 -16.28
C ASP B 18 -16.60 -32.05 -15.66
N SER B 19 -17.89 -31.78 -15.81
CA SER B 19 -18.55 -30.62 -15.18
C SER B 19 -19.64 -31.08 -14.21
N PHE B 20 -19.89 -30.26 -13.19
CA PHE B 20 -20.93 -30.55 -12.24
C PHE B 20 -21.45 -29.26 -11.60
N THR B 21 -22.62 -29.39 -10.99
CA THR B 21 -23.18 -28.31 -10.20
C THR B 21 -23.73 -28.97 -8.94
N LEU B 22 -23.72 -28.22 -7.83
CA LEU B 22 -24.38 -28.63 -6.63
C LEU B 22 -25.35 -27.52 -6.29
N HIS B 23 -26.63 -27.87 -6.14
CA HIS B 23 -27.66 -27.02 -5.56
C HIS B 23 -27.94 -27.51 -4.17
N PHE B 24 -28.26 -26.57 -3.27
CA PHE B 24 -28.59 -26.88 -1.89
C PHE B 24 -29.84 -26.07 -1.63
N GLN B 25 -30.93 -26.75 -1.32
CA GLN B 25 -32.27 -26.18 -1.30
C GLN B 25 -32.48 -25.15 -2.39
N GLN B 26 -32.12 -25.54 -3.60
CA GLN B 26 -32.28 -24.73 -4.82
C GLN B 26 -31.32 -23.58 -5.03
N ARG B 27 -30.42 -23.31 -4.07
CA ARG B 27 -29.37 -22.33 -4.26
C ARG B 27 -28.23 -23.06 -4.95
N LEU B 28 -27.72 -22.45 -6.00
CA LEU B 28 -26.56 -22.95 -6.67
C LEU B 28 -25.31 -22.56 -5.86
N ILE B 29 -24.60 -23.55 -5.35
CA ILE B 29 -23.46 -23.37 -4.45
C ILE B 29 -22.14 -23.58 -5.16
N LEU B 30 -22.02 -24.73 -5.85
CA LEU B 30 -20.85 -25.03 -6.68
C LEU B 30 -21.17 -25.27 -8.16
N THR B 31 -20.31 -24.72 -9.04
CA THR B 31 -20.25 -25.12 -10.44
C THR B 31 -18.80 -25.36 -10.74
N HIS B 32 -18.54 -26.40 -11.54
CA HIS B 32 -17.21 -26.76 -11.87
C HIS B 32 -17.17 -27.34 -13.26
N SER B 33 -16.33 -26.79 -14.10
CA SER B 33 -16.01 -27.38 -15.36
C SER B 33 -14.47 -27.36 -15.54
N LYS B 34 -13.94 -28.17 -16.46
CA LYS B 34 -12.54 -28.09 -16.92
C LYS B 34 -12.12 -26.67 -17.25
N ASP B 35 -12.99 -25.88 -17.86
CA ASP B 35 -12.65 -24.50 -18.24
C ASP B 35 -12.94 -23.48 -17.18
N ASN B 36 -13.86 -23.80 -16.25
CA ASN B 36 -14.19 -22.93 -15.11
C ASN B 36 -14.25 -23.76 -13.85
N PRO B 37 -13.08 -24.13 -13.35
CA PRO B 37 -13.00 -24.92 -12.12
C PRO B 37 -13.48 -24.10 -10.91
N CYS B 38 -13.89 -24.80 -9.86
CA CYS B 38 -14.26 -24.20 -8.61
C CYS B 38 -13.13 -24.24 -7.59
N LEU B 39 -12.04 -24.89 -7.90
CA LEU B 39 -11.03 -25.19 -6.88
C LEU B 39 -9.63 -25.10 -7.42
N TRP B 40 -8.80 -24.40 -6.66
CA TRP B 40 -7.40 -24.34 -6.88
C TRP B 40 -6.72 -24.64 -5.59
N ILE B 41 -5.57 -25.28 -5.67
CA ILE B 41 -4.73 -25.44 -4.54
C ILE B 41 -3.30 -25.14 -4.89
N GLY B 42 -2.50 -25.06 -3.83
CA GLY B 42 -1.14 -24.67 -4.02
C GLY B 42 -0.40 -24.51 -2.73
N SER B 43 0.52 -23.61 -2.71
CA SER B 43 1.33 -23.48 -1.50
C SER B 43 1.94 -22.15 -1.45
N GLY B 44 2.15 -21.69 -0.24
CA GLY B 44 2.80 -20.40 -0.06
C GLY B 44 3.52 -20.41 1.25
N ILE B 45 4.41 -19.45 1.39
CA ILE B 45 5.08 -19.25 2.67
C ILE B 45 4.54 -17.97 3.27
N ALA B 46 3.91 -18.10 4.42
CA ALA B 46 3.43 -16.93 5.15
C ALA B 46 4.61 -16.05 5.63
N ASP B 47 4.62 -14.81 5.23
CA ASP B 47 5.55 -13.80 5.75
C ASP B 47 4.73 -12.77 6.58
N ILE B 48 4.58 -13.06 7.86
CA ILE B 48 3.74 -12.29 8.78
C ILE B 48 4.61 -11.67 9.84
N ASP B 49 4.68 -10.36 9.91
CA ASP B 49 5.23 -9.73 11.13
C ASP B 49 4.22 -8.72 11.73
N MET B 50 4.36 -8.52 13.02
CA MET B 50 3.48 -7.71 13.82
C MET B 50 4.29 -6.55 14.38
N PHE B 51 3.82 -5.33 14.24
CA PHE B 51 4.32 -4.28 15.14
C PHE B 51 3.15 -3.84 15.99
N ARG B 52 3.22 -4.20 17.27
CA ARG B 52 2.27 -3.75 18.29
C ARG B 52 0.83 -4.02 17.89
N GLY B 53 0.62 -5.21 17.35
CA GLY B 53 -0.69 -5.67 16.90
C GLY B 53 -1.16 -5.27 15.51
N ASN B 54 -0.40 -4.40 14.84
CA ASN B 54 -0.69 -4.04 13.49
C ASN B 54 0.15 -5.10 12.76
N PHE B 55 -0.55 -5.91 11.96
CA PHE B 55 0.10 -7.02 11.28
C PHE B 55 0.37 -6.60 9.83
N SER B 56 1.57 -6.90 9.35
CA SER B 56 1.87 -6.92 7.94
C SER B 56 1.87 -8.38 7.52
N ILE B 57 0.93 -8.72 6.64
CA ILE B 57 0.83 -10.06 6.05
C ILE B 57 1.15 -10.04 4.54
N LYS B 58 2.05 -10.91 4.16
CA LYS B 58 2.32 -11.13 2.75
C LYS B 58 2.59 -12.64 2.58
N ASP B 59 2.35 -13.11 1.35
CA ASP B 59 2.50 -14.53 0.95
C ASP B 59 3.64 -14.55 -0.05
N LYS B 60 4.67 -15.35 0.20
CA LYS B 60 5.52 -15.83 -0.88
C LYS B 60 4.72 -16.95 -1.50
N LEU B 61 3.87 -16.59 -2.44
CA LEU B 61 3.07 -17.59 -3.16
C LEU B 61 3.97 -18.49 -4.02
N GLN B 62 3.89 -19.79 -3.78
CA GLN B 62 4.76 -20.72 -4.50
C GLN B 62 4.02 -21.35 -5.70
N GLU B 63 2.83 -21.85 -5.43
CA GLU B 63 2.01 -22.37 -6.47
C GLU B 63 0.56 -22.07 -6.22
N LYS B 64 -0.15 -22.03 -7.34
CA LYS B 64 -1.57 -21.95 -7.40
C LYS B 64 -1.98 -22.68 -8.67
N ILE B 65 -2.67 -23.81 -8.50
CA ILE B 65 -3.04 -24.69 -9.60
C ILE B 65 -4.53 -25.02 -9.63
N ALA B 66 -5.13 -24.83 -10.79
CA ALA B 66 -6.55 -25.14 -10.96
C ALA B 66 -6.69 -26.68 -11.03
N LEU B 67 -7.59 -27.23 -10.23
CA LEU B 67 -7.82 -28.66 -10.27
C LEU B 67 -8.96 -28.93 -11.24
N THR B 68 -8.62 -29.21 -12.50
CA THR B 68 -9.59 -29.25 -13.57
C THR B 68 -10.32 -30.61 -13.69
N ASP B 69 -9.65 -31.64 -13.21
CA ASP B 69 -10.19 -33.01 -13.21
C ASP B 69 -10.91 -33.34 -11.92
N ALA B 70 -12.19 -33.74 -12.04
CA ALA B 70 -13.04 -34.13 -10.96
C ALA B 70 -13.72 -35.49 -11.18
N ILE B 71 -13.50 -36.41 -10.27
CA ILE B 71 -14.04 -37.80 -10.34
C ILE B 71 -14.97 -37.92 -9.15
N VAL B 72 -16.20 -38.34 -9.41
CA VAL B 72 -17.26 -38.30 -8.43
C VAL B 72 -17.51 -39.74 -7.93
N SER B 73 -17.68 -39.89 -6.62
CA SER B 73 -18.16 -41.12 -5.98
C SER B 73 -19.41 -40.78 -5.20
N GLN B 74 -20.44 -41.58 -5.32
CA GLN B 74 -21.59 -41.48 -4.44
C GLN B 74 -21.27 -42.18 -3.11
N SER B 75 -21.99 -41.87 -2.05
CA SER B 75 -21.77 -42.42 -0.69
C SER B 75 -23.07 -42.22 0.09
N PRO B 76 -23.25 -42.89 1.26
CA PRO B 76 -24.61 -42.83 1.84
C PRO B 76 -25.06 -41.41 2.16
N ASP B 77 -24.11 -40.62 2.70
CA ASP B 77 -24.37 -39.28 3.21
C ASP B 77 -24.28 -38.21 2.10
N GLY B 78 -23.70 -38.58 0.95
CA GLY B 78 -23.64 -37.72 -0.26
C GLY B 78 -22.52 -38.13 -1.23
N TRP B 79 -21.66 -37.19 -1.62
CA TRP B 79 -20.66 -37.38 -2.69
C TRP B 79 -19.22 -37.14 -2.24
N LEU B 80 -18.29 -37.91 -2.80
CA LEU B 80 -16.86 -37.63 -2.60
C LEU B 80 -16.30 -37.26 -3.95
N ILE B 81 -15.67 -36.10 -4.05
CA ILE B 81 -15.19 -35.62 -5.34
C ILE B 81 -13.72 -35.63 -5.19
N HIS B 82 -13.03 -36.39 -6.05
CA HIS B 82 -11.58 -36.35 -6.10
C HIS B 82 -11.14 -35.41 -7.22
N PHE B 83 -10.48 -34.32 -6.85
CA PHE B 83 -10.01 -33.28 -7.79
C PHE B 83 -8.53 -33.50 -8.08
N SER B 84 -8.07 -33.16 -9.29
CA SER B 84 -6.64 -33.26 -9.51
C SER B 84 -6.17 -32.48 -10.73
N ARG B 85 -4.85 -32.42 -10.83
CA ARG B 85 -4.17 -31.91 -12.02
C ARG B 85 -2.89 -32.77 -12.17
N GLY B 86 -3.02 -33.92 -12.79
CA GLY B 86 -2.00 -34.97 -12.74
C GLY B 86 -1.79 -35.53 -11.33
N SER B 87 -0.72 -36.31 -11.21
CA SER B 87 -0.56 -37.25 -10.10
C SER B 87 -0.06 -36.65 -8.78
N ASP B 88 0.66 -35.54 -8.86
CA ASP B 88 1.24 -34.95 -7.65
C ASP B 88 0.43 -33.78 -7.07
N ILE B 89 -0.76 -33.51 -7.64
CA ILE B 89 -1.62 -32.42 -7.19
C ILE B 89 -3.07 -32.85 -7.17
N SER B 90 -3.58 -33.07 -5.97
CA SER B 90 -4.96 -33.44 -5.84
C SER B 90 -5.55 -33.00 -4.50
N ALA B 91 -6.87 -33.03 -4.42
CA ALA B 91 -7.62 -32.75 -3.21
C ALA B 91 -8.92 -33.50 -3.21
N THR B 92 -9.45 -33.82 -2.04
CA THR B 92 -10.76 -34.44 -1.99
C THR B 92 -11.76 -33.50 -1.37
N LEU B 93 -12.96 -33.49 -1.92
CA LEU B 93 -14.08 -32.69 -1.41
C LEU B 93 -15.22 -33.65 -1.04
N ASN B 94 -15.57 -33.67 0.25
CA ASN B 94 -16.66 -34.48 0.71
C ASN B 94 -17.89 -33.62 0.90
N ILE B 95 -18.96 -33.95 0.17
CA ILE B 95 -20.23 -33.27 0.26
C ILE B 95 -21.24 -34.13 0.99
N SER B 96 -21.80 -33.60 2.08
CA SER B 96 -22.88 -34.26 2.80
C SER B 96 -23.83 -33.30 3.49
N ALA B 97 -24.95 -33.85 3.93
CA ALA B 97 -25.86 -33.20 4.85
C ALA B 97 -25.73 -34.09 6.04
N ASP B 98 -24.63 -33.90 6.75
CA ASP B 98 -24.37 -34.56 8.04
C ASP B 98 -24.40 -33.45 9.07
N ASP B 99 -25.56 -33.22 9.70
CA ASP B 99 -25.74 -32.11 10.65
C ASP B 99 -27.19 -32.02 11.17
N GLN B 100 -28.07 -31.51 10.29
CA GLN B 100 -29.43 -31.01 10.62
C GLN B 100 -30.08 -30.39 9.37
N GLY B 101 -29.88 -31.00 8.21
CA GLY B 101 -30.13 -30.32 6.94
C GLY B 101 -29.12 -29.21 6.66
N ARG B 102 -27.95 -29.23 7.33
CA ARG B 102 -26.84 -28.34 7.00
C ARG B 102 -25.96 -29.02 5.98
N LEU B 103 -25.63 -28.30 4.94
CA LEU B 103 -24.67 -28.78 3.98
C LEU B 103 -23.29 -28.73 4.59
N LEU B 104 -22.54 -29.80 4.45
CA LEU B 104 -21.18 -29.87 4.96
C LEU B 104 -20.22 -30.16 3.81
N LEU B 105 -19.29 -29.25 3.53
CA LEU B 105 -18.22 -29.48 2.58
C LEU B 105 -16.93 -29.67 3.36
N GLU B 106 -16.25 -30.79 3.14
CA GLU B 106 -15.00 -31.07 3.76
C GLU B 106 -13.97 -31.27 2.67
N LEU B 107 -12.98 -30.40 2.66
CA LEU B 107 -11.96 -30.36 1.64
C LEU B 107 -10.65 -30.68 2.36
N GLN B 108 -9.92 -31.65 1.79
CA GLN B 108 -8.63 -32.05 2.27
C GLN B 108 -7.69 -32.18 1.10
N ASN B 109 -6.59 -31.41 1.08
CA ASN B 109 -5.60 -31.55 -0.02
C ASN B 109 -4.80 -32.80 0.18
N ASP B 110 -4.25 -33.31 -0.92
CA ASP B 110 -3.31 -34.46 -0.91
C ASP B 110 -2.35 -34.46 0.28
N ASN B 111 -1.54 -33.42 0.43
CA ASN B 111 -0.61 -33.40 1.55
C ASN B 111 -0.47 -32.01 2.14
N LEU B 112 0.19 -31.94 3.31
CA LEU B 112 0.32 -30.68 4.05
C LEU B 112 1.19 -29.62 3.32
N ASN B 113 1.96 -30.02 2.30
CA ASN B 113 2.74 -29.06 1.51
C ASN B 113 1.87 -28.17 0.70
N HIS B 114 0.69 -28.67 0.31
CA HIS B 114 -0.30 -27.86 -0.37
C HIS B 114 -1.11 -27.12 0.64
N ASN B 115 -0.58 -26.00 1.10
CA ASN B 115 -1.19 -25.25 2.23
C ASN B 115 -1.95 -24.00 1.79
N ARG B 116 -2.44 -24.02 0.55
CA ARG B 116 -3.30 -23.00 0.02
C ARG B 116 -4.46 -23.64 -0.70
N ILE B 117 -5.62 -23.03 -0.58
CA ILE B 117 -6.87 -23.45 -1.21
C ILE B 117 -7.57 -22.19 -1.70
N TRP B 118 -8.16 -22.22 -2.90
CA TRP B 118 -9.02 -21.17 -3.41
C TRP B 118 -10.26 -21.88 -3.86
N LEU B 119 -11.40 -21.56 -3.23
CA LEU B 119 -12.65 -22.22 -3.51
C LEU B 119 -13.60 -21.20 -4.00
N ARG B 120 -14.19 -21.43 -5.16
CA ARG B 120 -15.19 -20.54 -5.69
C ARG B 120 -16.52 -21.11 -5.43
N LEU B 121 -17.40 -20.29 -4.86
CA LEU B 121 -18.84 -20.58 -4.74
C LEU B 121 -19.55 -19.81 -5.81
N ALA B 122 -20.58 -20.38 -6.42
CA ALA B 122 -21.43 -19.60 -7.33
C ALA B 122 -22.18 -18.45 -6.61
N ALA B 123 -22.35 -17.37 -7.35
CA ALA B 123 -23.08 -16.22 -6.90
C ALA B 123 -23.81 -15.56 -8.08
N GLN B 124 -24.82 -14.74 -7.81
CA GLN B 124 -25.47 -13.92 -8.81
C GLN B 124 -25.01 -12.50 -8.61
N PRO B 125 -24.95 -11.72 -9.70
CA PRO B 125 -24.45 -10.35 -9.55
C PRO B 125 -25.25 -9.46 -8.57
N GLU B 126 -26.54 -9.69 -8.44
CA GLU B 126 -27.42 -8.89 -7.62
C GLU B 126 -27.23 -9.17 -6.12
N ASP B 127 -26.58 -10.27 -5.76
CA ASP B 127 -26.57 -10.72 -4.35
C ASP B 127 -25.82 -9.72 -3.47
N HIS B 128 -26.24 -9.65 -2.23
CA HIS B 128 -25.50 -8.90 -1.27
C HIS B 128 -24.99 -9.86 -0.25
N ILE B 129 -23.99 -9.40 0.46
CA ILE B 129 -23.26 -10.24 1.42
C ILE B 129 -23.07 -9.46 2.70
N TYR B 130 -23.36 -10.12 3.82
CA TYR B 130 -23.19 -9.58 5.11
C TYR B 130 -22.47 -10.48 6.04
N GLY B 131 -21.83 -9.84 7.00
CA GLY B 131 -21.13 -10.57 8.03
C GLY B 131 -19.62 -10.35 8.01
N CYS B 132 -18.91 -11.48 8.05
CA CYS B 132 -17.49 -11.52 8.22
C CYS B 132 -17.01 -10.91 9.52
N GLY B 133 -17.83 -11.08 10.58
CA GLY B 133 -17.47 -10.59 11.86
C GLY B 133 -17.87 -9.14 12.02
N GLU B 134 -17.03 -8.39 12.72
CA GLU B 134 -17.29 -7.00 13.01
C GLU B 134 -16.56 -6.13 11.98
N GLN B 135 -17.31 -5.62 11.04
CA GLN B 135 -16.76 -4.87 9.90
C GLN B 135 -17.12 -3.40 10.06
N PHE B 136 -16.19 -2.51 9.75
CA PHE B 136 -16.34 -1.12 10.19
C PHE B 136 -16.45 -0.18 9.03
N SER B 137 -15.95 -0.57 7.86
CA SER B 137 -16.14 0.31 6.68
C SER B 137 -17.34 -0.08 5.76
N TYR B 138 -17.73 -1.34 5.81
CA TYR B 138 -18.78 -1.85 4.94
C TYR B 138 -19.64 -2.78 5.77
N PHE B 139 -20.94 -2.82 5.45
CA PHE B 139 -21.88 -3.75 6.02
C PHE B 139 -22.15 -4.69 4.86
N ASP B 140 -22.72 -4.21 3.78
CA ASP B 140 -22.74 -5.03 2.54
C ASP B 140 -21.31 -5.20 2.05
N LEU B 141 -20.84 -6.44 1.92
CA LEU B 141 -19.44 -6.74 1.60
C LEU B 141 -19.23 -6.95 0.08
N ARG B 142 -20.32 -7.04 -0.70
CA ARG B 142 -20.21 -7.32 -2.11
C ARG B 142 -19.41 -6.25 -2.78
N GLY B 143 -18.53 -6.65 -3.70
CA GLY B 143 -17.67 -5.74 -4.49
C GLY B 143 -16.24 -5.64 -3.93
N LYS B 144 -15.92 -6.27 -2.81
CA LYS B 144 -14.57 -6.10 -2.19
C LYS B 144 -14.13 -7.40 -1.60
N PRO B 145 -12.81 -7.60 -1.50
CA PRO B 145 -12.21 -8.64 -0.68
C PRO B 145 -11.99 -8.30 0.80
N PHE B 146 -12.21 -9.30 1.63
CA PHE B 146 -11.95 -9.20 3.03
C PHE B 146 -10.94 -10.26 3.53
N PRO B 147 -9.68 -9.82 3.71
CA PRO B 147 -8.77 -10.52 4.58
C PRO B 147 -9.32 -10.67 6.00
N LEU B 148 -9.26 -11.88 6.51
CA LEU B 148 -9.78 -12.25 7.86
C LEU B 148 -8.58 -12.65 8.76
N TRP B 149 -8.06 -11.64 9.46
CA TRP B 149 -6.94 -11.80 10.35
C TRP B 149 -7.14 -10.82 11.48
N THR B 150 -7.39 -11.33 12.69
CA THR B 150 -7.57 -10.47 13.79
C THR B 150 -6.35 -9.58 14.12
N SER B 151 -6.57 -8.28 14.25
CA SER B 151 -5.50 -7.36 14.47
C SER B 151 -6.04 -6.14 15.20
N GLU B 152 -5.17 -5.19 15.54
CA GLU B 152 -5.66 -3.89 15.81
C GLU B 152 -6.53 -3.45 14.65
N GLN B 153 -7.43 -2.52 14.96
CA GLN B 153 -8.49 -2.21 14.06
C GLN B 153 -8.13 -1.03 13.11
N GLY B 154 -7.03 -0.36 13.40
CA GLY B 154 -6.52 0.76 12.57
C GLY B 154 -6.88 2.11 13.23
N VAL B 155 -6.11 3.14 12.92
CA VAL B 155 -6.36 4.45 13.37
C VAL B 155 -6.55 5.20 12.09
N GLY B 156 -7.81 5.52 11.79
CA GLY B 156 -8.06 6.27 10.52
C GLY B 156 -8.70 5.33 9.54
N ARG B 157 -8.01 4.23 9.25
CA ARG B 157 -8.48 3.09 8.41
C ARG B 157 -8.75 3.41 6.97
N ASN B 158 -8.18 4.47 6.46
CA ASN B 158 -8.47 4.87 5.12
C ASN B 158 -7.27 5.65 4.65
N LYS B 159 -6.60 5.09 3.66
CA LYS B 159 -5.30 5.60 3.17
C LYS B 159 -5.41 7.01 2.64
N GLN B 160 -6.58 7.42 2.24
CA GLN B 160 -6.79 8.77 1.80
C GLN B 160 -7.09 9.76 2.89
N THR B 161 -7.01 9.39 4.17
CA THR B 161 -7.19 10.44 5.23
C THR B 161 -5.88 10.66 6.01
N TYR B 162 -5.77 11.88 6.55
CA TYR B 162 -4.59 12.41 7.13
C TYR B 162 -4.17 11.64 8.37
N VAL B 163 -5.14 11.31 9.23
CA VAL B 163 -4.86 10.53 10.42
C VAL B 163 -4.30 9.17 10.09
N THR B 164 -4.83 8.55 9.05
CA THR B 164 -4.35 7.23 8.63
C THR B 164 -2.92 7.30 8.21
N TRP B 165 -2.58 8.33 7.40
CA TRP B 165 -1.23 8.56 6.98
C TRP B 165 -0.31 8.77 8.16
N GLN B 166 -0.69 9.65 9.12
CA GLN B 166 0.09 9.84 10.31
C GLN B 166 0.27 8.55 11.08
N ALA B 167 -0.79 7.77 11.24
CA ALA B 167 -0.64 6.55 12.03
C ALA B 167 0.25 5.48 11.29
N ASP B 168 0.21 5.49 9.97
CA ASP B 168 1.03 4.56 9.17
C ASP B 168 2.51 4.96 9.25
N CYS B 169 2.80 6.26 9.29
CA CYS B 169 4.16 6.71 9.50
C CYS B 169 4.73 6.20 10.79
N LYS B 170 3.89 6.16 11.82
CA LYS B 170 4.38 5.87 13.16
C LYS B 170 4.55 4.39 13.36
N GLU B 171 3.52 3.59 13.08
CA GLU B 171 3.53 2.19 13.51
C GLU B 171 2.94 1.19 12.51
N ASN B 172 2.88 1.53 11.23
CA ASN B 172 1.99 0.81 10.35
C ASN B 172 0.58 0.69 10.99
N ALA B 173 0.11 1.75 11.66
CA ALA B 173 -1.08 1.65 12.55
C ALA B 173 -2.36 2.23 11.94
N GLY B 174 -2.27 2.88 10.77
CA GLY B 174 -3.45 3.45 10.12
C GLY B 174 -4.50 2.42 9.71
N GLY B 175 -4.02 1.27 9.26
CA GLY B 175 -4.90 0.18 8.77
C GLY B 175 -5.66 0.52 7.51
N ASP B 176 -6.74 -0.21 7.30
CA ASP B 176 -7.49 -0.15 6.07
C ASP B 176 -8.85 -0.69 6.31
N TYR B 177 -9.66 -0.67 5.25
CA TYR B 177 -11.12 -0.87 5.35
C TYR B 177 -11.50 -2.21 5.98
N TYR B 178 -10.59 -3.19 5.88
CA TYR B 178 -10.86 -4.57 6.32
C TYR B 178 -10.30 -4.91 7.69
N TRP B 179 -9.53 -4.01 8.27
CA TRP B 179 -8.93 -4.26 9.56
C TRP B 179 -9.95 -4.42 10.65
N THR B 180 -9.75 -5.41 11.47
CA THR B 180 -10.70 -5.64 12.55
C THR B 180 -10.14 -6.65 13.50
N PHE B 181 -10.60 -6.55 14.73
CA PHE B 181 -10.21 -7.40 15.82
C PHE B 181 -11.20 -8.55 15.94
N PHE B 182 -12.24 -8.50 15.14
CA PHE B 182 -13.27 -9.54 15.10
C PHE B 182 -13.68 -9.91 13.64
N PRO B 183 -12.72 -10.37 12.84
CA PRO B 183 -13.04 -10.99 11.56
C PRO B 183 -13.59 -12.36 11.90
N GLN B 184 -14.47 -12.87 11.06
CA GLN B 184 -14.95 -14.24 11.25
C GLN B 184 -15.27 -14.79 9.88
N PRO B 185 -14.85 -16.03 9.61
CA PRO B 185 -15.12 -16.68 8.34
C PRO B 185 -16.54 -17.20 8.21
N THR B 186 -17.47 -16.25 8.25
CA THR B 186 -18.87 -16.47 8.26
C THR B 186 -19.60 -15.36 7.57
N PHE B 187 -20.47 -15.71 6.64
CA PHE B 187 -21.27 -14.70 5.96
C PHE B 187 -22.62 -15.22 5.58
N VAL B 188 -23.45 -14.27 5.21
CA VAL B 188 -24.84 -14.41 4.90
C VAL B 188 -25.02 -13.80 3.55
N SER B 189 -25.69 -14.55 2.71
CA SER B 189 -26.01 -14.07 1.39
C SER B 189 -27.47 -13.73 1.30
N THR B 190 -27.80 -12.83 0.38
CA THR B 190 -29.21 -12.60 0.09
C THR B 190 -29.94 -13.67 -0.70
N GLN B 191 -29.25 -14.73 -1.15
CA GLN B 191 -29.90 -16.02 -1.48
C GLN B 191 -30.39 -16.76 -0.22
N LYS B 192 -30.33 -16.10 0.94
CA LYS B 192 -30.83 -16.66 2.20
C LYS B 192 -30.18 -17.99 2.61
N TYR B 193 -28.86 -17.91 2.65
CA TYR B 193 -28.07 -18.91 3.31
C TYR B 193 -26.93 -18.24 4.08
N TYR B 194 -26.40 -19.00 5.01
CA TYR B 194 -25.12 -18.67 5.61
C TYR B 194 -24.13 -19.68 5.22
N CYS B 195 -22.88 -19.22 5.24
CA CYS B 195 -21.71 -20.05 5.07
C CYS B 195 -20.79 -19.77 6.24
N HIS B 196 -20.51 -20.81 7.00
CA HIS B 196 -19.55 -20.78 8.04
C HIS B 196 -18.35 -21.72 7.75
N VAL B 197 -17.13 -21.21 7.90
CA VAL B 197 -15.91 -22.02 7.73
C VAL B 197 -15.32 -22.33 9.10
N ASP B 198 -15.01 -23.57 9.37
CA ASP B 198 -14.45 -23.87 10.73
C ASP B 198 -12.98 -23.47 10.97
N ASN B 199 -12.27 -23.13 9.93
CA ASN B 199 -10.85 -22.89 10.03
C ASN B 199 -10.54 -21.60 10.79
N SER B 200 -9.34 -21.56 11.36
CA SER B 200 -8.85 -20.34 11.97
C SER B 200 -7.52 -19.84 11.37
N CYS B 201 -7.12 -20.37 10.23
CA CYS B 201 -5.91 -19.90 9.54
C CYS B 201 -6.24 -18.58 8.93
N TYR B 202 -5.25 -17.91 8.42
CA TYR B 202 -5.54 -16.80 7.48
C TYR B 202 -6.47 -17.19 6.32
N MET B 203 -7.48 -16.33 6.07
CA MET B 203 -8.38 -16.45 4.96
C MET B 203 -8.63 -15.08 4.35
N ASN B 204 -8.98 -15.10 3.07
CA ASN B 204 -9.46 -13.94 2.36
C ASN B 204 -10.71 -14.32 1.62
N PHE B 205 -11.77 -13.64 1.96
CA PHE B 205 -13.09 -13.90 1.39
C PHE B 205 -13.30 -12.79 0.40
N ASP B 206 -13.28 -13.13 -0.86
CA ASP B 206 -13.39 -12.14 -1.93
C ASP B 206 -14.76 -12.15 -2.52
N PHE B 207 -15.50 -11.08 -2.28
CA PHE B 207 -16.88 -10.90 -2.77
C PHE B 207 -16.95 -9.92 -3.92
N SER B 208 -15.86 -9.77 -4.64
CA SER B 208 -15.85 -8.74 -5.72
C SER B 208 -16.24 -9.24 -7.12
N ALA B 209 -16.31 -10.54 -7.40
CA ALA B 209 -16.65 -10.99 -8.75
C ALA B 209 -18.16 -11.16 -8.87
N PRO B 210 -18.74 -10.70 -9.96
CA PRO B 210 -20.19 -10.79 -10.05
C PRO B 210 -20.77 -12.23 -10.05
N GLU B 211 -20.05 -13.24 -10.55
CA GLU B 211 -20.59 -14.61 -10.66
C GLU B 211 -20.12 -15.60 -9.66
N TYR B 212 -19.19 -15.22 -8.77
CA TYR B 212 -18.72 -16.16 -7.74
C TYR B 212 -18.09 -15.43 -6.53
N HIS B 213 -18.17 -16.08 -5.38
CA HIS B 213 -17.39 -15.72 -4.23
C HIS B 213 -16.16 -16.57 -4.26
N GLU B 214 -15.02 -15.98 -3.88
CA GLU B 214 -13.79 -16.76 -3.81
C GLU B 214 -13.21 -16.76 -2.42
N LEU B 215 -13.14 -17.94 -1.82
CA LEU B 215 -12.67 -18.07 -0.47
C LEU B 215 -11.23 -18.60 -0.56
N ALA B 216 -10.27 -17.78 -0.18
CA ALA B 216 -8.86 -18.21 -0.07
C ALA B 216 -8.53 -18.66 1.33
N LEU B 217 -8.02 -19.88 1.52
CA LEU B 217 -7.60 -20.36 2.84
C LEU B 217 -6.13 -20.72 2.88
N TRP B 218 -5.43 -20.31 3.94
CA TRP B 218 -4.00 -20.70 4.15
C TRP B 218 -3.94 -21.96 4.99
N GLU B 219 -4.47 -23.04 4.44
CA GLU B 219 -4.31 -24.32 5.05
C GLU B 219 -4.45 -25.40 3.99
N ASP B 220 -4.10 -26.62 4.36
CA ASP B 220 -4.25 -27.78 3.46
C ASP B 220 -5.62 -28.45 3.55
N LYS B 221 -6.49 -27.92 4.40
CA LYS B 221 -7.81 -28.52 4.58
C LYS B 221 -8.78 -27.42 5.00
N ALA B 222 -10.07 -27.65 4.71
CA ALA B 222 -11.15 -26.75 5.04
C ALA B 222 -12.43 -27.50 5.32
N THR B 223 -13.26 -26.93 6.20
CA THR B 223 -14.62 -27.44 6.45
C THR B 223 -15.55 -26.24 6.43
N LEU B 224 -16.57 -26.31 5.60
CA LEU B 224 -17.58 -25.26 5.41
C LEU B 224 -18.93 -25.85 5.70
N ARG B 225 -19.79 -25.08 6.35
CA ARG B 225 -21.14 -25.47 6.69
C ARG B 225 -22.06 -24.44 6.14
N PHE B 226 -23.18 -24.85 5.58
CA PHE B 226 -24.20 -23.94 5.06
C PHE B 226 -25.56 -24.37 5.56
N GLU B 227 -26.41 -23.37 5.79
CA GLU B 227 -27.86 -23.57 5.98
C GLU B 227 -28.62 -22.52 5.23
N CYS B 228 -29.84 -22.86 4.87
CA CYS B 228 -30.73 -21.90 4.28
C CYS B 228 -31.87 -21.64 5.22
N ALA B 229 -32.54 -20.57 4.95
CA ALA B 229 -33.77 -20.26 5.65
C ALA B 229 -34.68 -19.44 4.80
N ASP B 230 -35.96 -19.46 5.13
CA ASP B 230 -36.94 -18.65 4.41
C ASP B 230 -36.89 -17.15 4.72
N THR B 231 -36.39 -16.77 5.90
CA THR B 231 -36.27 -15.33 6.28
C THR B 231 -34.90 -15.16 6.92
N TYR B 232 -34.43 -13.92 6.93
CA TYR B 232 -33.19 -13.64 7.64
C TYR B 232 -33.28 -13.93 9.13
N ILE B 233 -34.44 -13.72 9.70
CA ILE B 233 -34.67 -13.97 11.10
C ILE B 233 -34.52 -15.44 11.40
N SER B 234 -35.12 -16.29 10.59
CA SER B 234 -34.96 -17.73 10.77
C SER B 234 -33.47 -18.11 10.55
N LEU B 235 -32.83 -17.48 9.57
CA LEU B 235 -31.45 -17.74 9.31
C LEU B 235 -30.51 -17.47 10.46
N LEU B 236 -30.75 -16.35 11.16
CA LEU B 236 -29.93 -16.01 12.29
C LEU B 236 -30.26 -16.97 13.45
N GLU B 237 -31.50 -17.31 13.64
CA GLU B 237 -31.79 -18.38 14.64
C GLU B 237 -30.95 -19.64 14.30
N LYS B 238 -30.88 -20.06 13.00
CA LYS B 238 -30.04 -21.24 12.62
C LYS B 238 -28.59 -20.99 12.84
N LEU B 239 -28.13 -19.81 12.46
CA LEU B 239 -26.73 -19.47 12.61
C LEU B 239 -26.26 -19.51 14.05
N THR B 240 -27.01 -18.87 14.94
CA THR B 240 -26.69 -18.83 16.38
C THR B 240 -26.99 -20.20 17.07
N ALA B 241 -27.86 -21.03 16.51
CA ALA B 241 -27.93 -22.44 17.00
C ALA B 241 -26.61 -23.16 16.74
N LEU B 242 -25.90 -22.81 15.67
CA LEU B 242 -24.62 -23.42 15.36
C LEU B 242 -23.53 -22.77 16.18
N LEU B 243 -23.52 -21.43 16.24
CA LEU B 243 -22.38 -20.76 16.83
C LEU B 243 -22.50 -20.44 18.30
N GLY B 244 -23.71 -20.33 18.79
CA GLY B 244 -23.96 -19.98 20.19
C GLY B 244 -24.87 -18.79 20.34
N ARG B 245 -25.60 -18.79 21.45
CA ARG B 245 -26.33 -17.61 21.79
C ARG B 245 -25.76 -16.95 23.06
N GLN B 246 -25.96 -15.63 23.14
CA GLN B 246 -25.56 -14.90 24.30
C GLN B 246 -26.54 -14.99 25.44
N PRO B 247 -26.06 -14.96 26.69
CA PRO B 247 -26.95 -14.91 27.84
C PRO B 247 -27.72 -13.63 27.84
N GLU B 248 -28.79 -13.63 28.58
CA GLU B 248 -29.47 -12.35 28.88
C GLU B 248 -28.55 -11.42 29.68
N LEU B 249 -28.66 -10.12 29.42
CA LEU B 249 -27.90 -9.14 30.18
C LEU B 249 -28.38 -9.06 31.61
N PRO B 250 -27.48 -8.78 32.55
CA PRO B 250 -27.93 -8.38 33.89
C PRO B 250 -28.89 -7.24 33.86
N ASP B 251 -29.85 -7.32 34.75
CA ASP B 251 -30.95 -6.35 34.82
C ASP B 251 -30.46 -4.89 35.04
N TRP B 252 -29.30 -4.71 35.70
CA TRP B 252 -28.80 -3.39 36.07
C TRP B 252 -28.17 -2.68 34.89
N ILE B 253 -27.93 -3.39 33.82
CA ILE B 253 -27.30 -2.76 32.61
C ILE B 253 -28.21 -1.72 32.06
N TYR B 254 -29.53 -1.96 32.21
CA TYR B 254 -30.53 -1.09 31.67
C TYR B 254 -30.76 0.19 32.55
N ASP B 255 -30.02 0.32 33.65
CA ASP B 255 -30.36 1.30 34.72
C ASP B 255 -29.63 2.57 34.66
N GLY B 256 -28.81 2.78 33.67
CA GLY B 256 -28.17 4.05 33.51
C GLY B 256 -26.89 3.88 32.71
N VAL B 257 -26.09 4.91 32.81
CA VAL B 257 -24.79 4.91 32.12
C VAL B 257 -23.73 4.48 33.11
N THR B 258 -22.80 3.71 32.59
CA THR B 258 -21.58 3.33 33.21
C THR B 258 -20.54 4.38 32.95
N LEU B 259 -20.13 5.07 34.02
CA LEU B 259 -19.12 6.13 33.93
C LEU B 259 -17.70 5.61 33.81
N GLY B 260 -17.03 6.03 32.75
CA GLY B 260 -15.67 5.67 32.56
C GLY B 260 -14.82 6.70 33.28
N ILE B 261 -14.13 6.28 34.34
CA ILE B 261 -13.36 7.20 35.16
C ILE B 261 -12.02 6.55 35.44
N GLN B 262 -10.97 7.35 35.50
CA GLN B 262 -9.63 6.88 35.97
C GLN B 262 -8.92 7.68 37.07
N GLY B 263 -9.34 8.83 37.50
CA GLY B 263 -8.17 9.20 38.57
C GLY B 263 -7.92 8.58 40.02
N GLY B 264 -8.37 7.36 40.36
CA GLY B 264 -8.48 6.92 41.76
C GLY B 264 -9.83 7.03 42.38
N THR B 265 -9.90 6.43 43.57
CA THR B 265 -11.17 6.42 44.31
C THR B 265 -11.86 7.77 44.52
N GLU B 266 -11.10 8.76 44.91
CA GLU B 266 -11.68 10.07 45.19
C GLU B 266 -12.29 10.71 43.94
N VAL B 267 -11.56 10.60 42.82
CA VAL B 267 -11.99 11.16 41.56
C VAL B 267 -13.23 10.43 41.10
N CYS B 268 -13.25 9.10 41.24
CA CYS B 268 -14.48 8.35 40.97
C CYS B 268 -15.65 8.86 41.79
N GLN B 269 -15.44 9.02 43.08
CA GLN B 269 -16.51 9.53 43.96
C GLN B 269 -17.06 10.88 43.59
N LYS B 270 -16.13 11.74 43.32
CA LYS B 270 -16.47 13.09 42.91
C LYS B 270 -17.32 13.14 41.65
N LYS B 271 -16.89 12.48 40.60
CA LYS B 271 -17.64 12.42 39.36
C LYS B 271 -18.98 11.70 39.44
N LEU B 272 -19.08 10.65 40.24
CA LEU B 272 -20.32 9.98 40.48
C LEU B 272 -21.33 10.89 41.04
N ASP B 273 -20.91 11.58 42.12
CA ASP B 273 -21.78 12.51 42.82
C ASP B 273 -22.23 13.61 41.94
N THR B 274 -21.33 14.17 41.17
CA THR B 274 -21.71 15.27 40.26
C THR B 274 -22.80 14.76 39.34
N MET B 275 -22.59 13.59 38.74
CA MET B 275 -23.58 13.11 37.76
C MET B 275 -24.88 12.68 38.38
N ARG B 276 -24.84 11.84 39.40
CA ARG B 276 -26.03 11.30 39.99
C ARG B 276 -26.84 12.44 40.65
N ASN B 277 -26.15 13.38 41.24
CA ASN B 277 -26.86 14.49 41.89
C ASN B 277 -27.51 15.42 40.94
N ALA B 278 -27.00 15.53 39.71
CA ALA B 278 -27.59 16.33 38.68
C ALA B 278 -28.69 15.59 37.95
N GLY B 279 -29.04 14.39 38.40
CA GLY B 279 -30.11 13.66 37.80
C GLY B 279 -29.73 12.65 36.72
N VAL B 280 -28.45 12.40 36.58
CA VAL B 280 -27.99 11.48 35.54
C VAL B 280 -28.28 10.07 36.09
N LYS B 281 -28.80 9.19 35.27
CA LYS B 281 -29.04 7.78 35.76
C LYS B 281 -27.71 7.04 35.54
N VAL B 282 -27.05 6.66 36.62
CA VAL B 282 -25.71 6.08 36.61
C VAL B 282 -25.83 4.70 37.21
N ASN B 283 -25.47 3.66 36.43
CA ASN B 283 -25.58 2.27 36.94
C ASN B 283 -24.22 1.72 37.35
N GLY B 284 -23.16 2.43 36.99
CA GLY B 284 -21.86 1.93 37.20
C GLY B 284 -20.72 2.88 37.10
N ILE B 285 -19.61 2.47 37.72
CA ILE B 285 -18.31 3.13 37.57
C ILE B 285 -17.40 2.07 36.96
N TRP B 286 -16.84 2.42 35.82
CA TRP B 286 -15.91 1.56 35.09
C TRP B 286 -14.55 2.16 35.13
N ALA B 287 -13.67 1.57 35.93
CA ALA B 287 -12.34 2.16 36.20
C ALA B 287 -11.26 1.24 35.75
N GLN B 288 -10.76 1.47 34.55
CA GLN B 288 -9.82 0.52 33.93
C GLN B 288 -8.48 0.52 34.62
N ASP B 289 -8.21 1.61 35.37
CA ASP B 289 -6.98 1.75 36.14
C ASP B 289 -7.06 1.22 37.54
N TRP B 290 -8.04 0.37 37.80
CA TRP B 290 -8.20 -0.31 39.10
C TRP B 290 -6.88 -1.00 39.51
N SER B 291 -6.07 -1.43 38.52
CA SER B 291 -4.80 -2.14 38.76
C SER B 291 -3.57 -1.23 38.69
N GLY B 292 -3.80 0.04 38.45
CA GLY B 292 -2.79 1.04 38.32
C GLY B 292 -2.82 1.65 36.96
N ILE B 293 -2.16 2.77 36.86
CA ILE B 293 -1.93 3.51 35.62
C ILE B 293 -0.49 3.35 35.10
N ARG B 294 -0.35 3.14 33.79
CA ARG B 294 0.94 3.20 33.19
C ARG B 294 0.87 4.35 32.26
N MET B 295 1.85 5.20 32.37
CA MET B 295 1.96 6.34 31.47
C MET B 295 2.93 6.01 30.39
N THR B 296 2.52 6.27 29.15
CA THR B 296 3.41 6.07 28.02
C THR B 296 3.24 7.28 27.15
N SER B 297 3.98 7.33 26.06
CA SER B 297 3.81 8.43 25.10
C SER B 297 2.47 8.27 24.37
N PHE B 298 1.88 7.07 24.38
CA PHE B 298 0.51 6.93 23.87
C PHE B 298 -0.50 7.72 24.73
N GLY B 299 -0.30 7.65 26.04
CA GLY B 299 -1.10 8.35 26.98
C GLY B 299 -1.26 7.51 28.23
N LYS B 300 -2.44 7.57 28.80
CA LYS B 300 -2.72 6.93 30.12
C LYS B 300 -3.23 5.56 29.81
N ARG B 301 -2.43 4.56 30.12
CA ARG B 301 -2.78 3.15 29.91
C ARG B 301 -2.98 2.45 31.25
N VAL B 302 -3.43 1.19 31.21
CA VAL B 302 -3.58 0.41 32.43
C VAL B 302 -2.23 -0.34 32.72
N MET B 303 -1.98 -0.59 33.98
CA MET B 303 -0.94 -1.45 34.48
C MET B 303 -1.48 -2.85 34.47
N TRP B 304 -0.85 -3.69 33.66
CA TRP B 304 -1.40 -4.98 33.33
C TRP B 304 -0.96 -5.99 34.33
N ASN B 305 -1.50 -5.87 35.50
CA ASN B 305 -1.31 -6.82 36.53
C ASN B 305 -2.60 -6.88 37.27
N TRP B 306 -3.26 -8.03 37.28
CA TRP B 306 -4.72 -8.08 37.49
C TRP B 306 -5.02 -8.36 38.95
N LYS B 307 -4.75 -7.32 39.76
CA LYS B 307 -4.92 -7.35 41.17
C LYS B 307 -5.22 -5.91 41.53
N TRP B 308 -6.22 -5.71 42.32
CA TRP B 308 -6.54 -4.34 42.88
C TRP B 308 -5.28 -3.65 43.40
N ASN B 309 -4.94 -2.51 42.81
CA ASN B 309 -3.84 -1.67 43.22
C ASN B 309 -4.37 -0.64 44.26
N SER B 310 -4.11 -0.92 45.54
CA SER B 310 -4.59 -0.02 46.61
C SER B 310 -3.87 1.33 46.70
N GLU B 311 -2.74 1.51 46.02
CA GLU B 311 -2.17 2.84 45.97
C GLU B 311 -2.91 3.73 44.95
N ASN B 312 -3.26 3.19 43.81
CA ASN B 312 -4.09 3.95 42.87
C ASN B 312 -5.54 4.07 43.31
N TYR B 313 -6.06 3.06 44.01
CA TYR B 313 -7.46 3.01 44.38
C TYR B 313 -7.54 2.66 45.85
N PRO B 314 -7.13 3.60 46.72
CA PRO B 314 -7.31 3.35 48.14
C PRO B 314 -8.77 3.14 48.56
N GLN B 315 -8.98 2.14 49.42
CA GLN B 315 -10.27 1.83 49.93
C GLN B 315 -11.28 1.36 48.87
N LEU B 316 -10.82 0.92 47.71
CA LEU B 316 -11.76 0.49 46.68
C LEU B 316 -12.58 -0.67 47.26
N ASP B 317 -11.95 -1.52 48.03
CA ASP B 317 -12.69 -2.69 48.51
C ASP B 317 -13.91 -2.30 49.30
N SER B 318 -13.87 -1.24 50.15
CA SER B 318 -15.10 -0.79 50.77
C SER B 318 -15.97 0.06 49.84
N ARG B 319 -15.35 0.89 48.99
CA ARG B 319 -16.11 1.85 48.26
C ARG B 319 -17.02 1.20 47.18
N ILE B 320 -16.54 0.10 46.59
CA ILE B 320 -17.40 -0.74 45.77
C ILE B 320 -18.70 -1.05 46.44
N LYS B 321 -18.63 -1.45 47.70
CA LYS B 321 -19.85 -1.87 48.38
C LYS B 321 -20.67 -0.63 48.69
N GLN B 322 -20.02 0.47 49.01
CA GLN B 322 -20.78 1.73 49.19
C GLN B 322 -21.56 2.08 47.88
N TRP B 323 -20.84 2.00 46.76
CA TRP B 323 -21.49 2.17 45.47
C TRP B 323 -22.62 1.20 45.23
N ASN B 324 -22.38 -0.07 45.53
CA ASN B 324 -23.46 -1.03 45.42
C ASN B 324 -24.70 -0.63 46.21
N GLN B 325 -24.52 -0.13 47.41
CA GLN B 325 -25.60 0.29 48.29
C GLN B 325 -26.43 1.39 47.67
N GLU B 326 -25.78 2.20 46.85
CA GLU B 326 -26.40 3.29 46.11
C GLU B 326 -26.80 2.91 44.67
N GLY B 327 -26.88 1.62 44.37
CA GLY B 327 -27.21 1.08 43.03
C GLY B 327 -26.21 1.29 41.94
N VAL B 328 -24.93 1.35 42.29
CA VAL B 328 -23.88 1.52 41.30
C VAL B 328 -22.94 0.33 41.40
N GLN B 329 -22.76 -0.34 40.26
CA GLN B 329 -21.80 -1.37 40.12
C GLN B 329 -20.40 -0.80 39.90
N PHE B 330 -19.39 -1.60 40.27
CA PHE B 330 -18.00 -1.28 39.88
C PHE B 330 -17.56 -2.27 38.79
N LEU B 331 -17.00 -1.73 37.71
CA LEU B 331 -16.43 -2.51 36.69
C LEU B 331 -14.91 -2.23 36.51
N ALA B 332 -14.19 -3.26 36.12
CA ALA B 332 -12.73 -3.22 36.07
C ALA B 332 -12.22 -3.53 34.63
N TYR B 333 -11.01 -4.05 34.50
CA TYR B 333 -10.38 -4.26 33.23
C TYR B 333 -9.41 -5.40 33.39
N ILE B 334 -9.42 -6.29 32.42
CA ILE B 334 -8.44 -7.36 32.33
C ILE B 334 -8.18 -7.72 30.89
N ASN B 335 -6.98 -8.21 30.65
CA ASN B 335 -6.66 -8.79 29.36
C ASN B 335 -5.82 -10.03 29.57
N PRO B 336 -5.59 -10.83 28.50
CA PRO B 336 -4.96 -12.10 28.81
C PRO B 336 -3.40 -12.02 28.67
N TYR B 337 -2.82 -10.85 28.90
CA TYR B 337 -1.41 -10.67 28.95
C TYR B 337 -1.12 -10.18 30.34
N VAL B 338 0.15 -10.29 30.74
CA VAL B 338 0.58 -9.92 32.07
C VAL B 338 1.89 -9.15 31.90
N ALA B 339 1.94 -7.93 32.46
CA ALA B 339 3.08 -7.05 32.34
C ALA B 339 4.30 -7.74 32.94
N SER B 340 5.40 -7.60 32.23
CA SER B 340 6.66 -8.34 32.59
C SER B 340 7.27 -7.78 33.86
N ASP B 341 6.94 -6.54 34.21
CA ASP B 341 7.43 -5.91 35.40
C ASP B 341 6.58 -6.13 36.70
N LYS B 342 5.61 -7.06 36.70
CA LYS B 342 4.75 -7.29 37.85
C LYS B 342 4.63 -8.75 38.19
N ASP B 343 4.02 -9.03 39.33
CA ASP B 343 4.03 -10.35 39.96
C ASP B 343 3.34 -11.43 39.20
N LEU B 344 2.19 -11.09 38.56
CA LEU B 344 1.47 -12.17 37.89
C LEU B 344 2.30 -12.83 36.82
N CYS B 345 3.03 -12.03 36.06
CA CYS B 345 3.89 -12.50 35.04
C CYS B 345 5.00 -13.40 35.59
N GLU B 346 5.60 -12.98 36.70
CA GLU B 346 6.61 -13.78 37.46
C GLU B 346 5.95 -15.11 37.84
N GLU B 347 4.78 -15.06 38.47
CA GLU B 347 4.08 -16.29 38.88
C GLU B 347 3.78 -17.20 37.65
N ALA B 348 3.40 -16.56 36.52
CA ALA B 348 3.09 -17.28 35.33
C ALA B 348 4.36 -17.98 34.80
N ALA B 349 5.46 -17.23 34.74
CA ALA B 349 6.75 -17.72 34.29
C ALA B 349 7.21 -18.90 35.13
N GLN B 350 7.07 -18.77 36.44
CA GLN B 350 7.48 -19.85 37.37
C GLN B 350 6.75 -21.15 37.20
N HIS B 351 5.45 -21.05 36.88
CA HIS B 351 4.63 -22.25 36.58
C HIS B 351 4.61 -22.69 35.12
N GLY B 352 5.30 -21.98 34.22
CA GLY B 352 5.37 -22.35 32.82
C GLY B 352 4.04 -22.09 32.12
N TYR B 353 3.36 -21.02 32.52
CA TYR B 353 2.04 -20.68 32.00
C TYR B 353 2.06 -19.65 30.87
N LEU B 354 3.22 -19.16 30.49
CA LEU B 354 3.37 -18.26 29.38
C LEU B 354 3.60 -18.95 28.09
N ALA B 355 3.16 -18.32 27.00
CA ALA B 355 3.50 -18.77 25.67
C ALA B 355 5.03 -18.72 25.46
N LYS B 356 5.61 -19.64 24.68
CA LYS B 356 7.06 -19.70 24.54
C LYS B 356 7.54 -19.08 23.26
N ASP B 357 8.82 -18.77 23.16
CA ASP B 357 9.43 -18.37 21.89
C ASP B 357 10.19 -19.60 21.30
N ALA B 358 10.91 -19.43 20.20
CA ALA B 358 11.48 -20.60 19.49
C ALA B 358 12.58 -21.29 20.28
N SER B 359 13.25 -20.51 21.12
CA SER B 359 14.31 -21.01 21.95
C SER B 359 13.81 -21.58 23.28
N GLY B 360 12.49 -21.65 23.49
CA GLY B 360 11.91 -22.28 24.68
C GLY B 360 11.76 -21.30 25.85
N GLY B 361 12.15 -20.05 25.64
CA GLY B 361 11.98 -19.04 26.69
C GLY B 361 10.57 -18.50 26.72
N ASP B 362 10.24 -17.75 27.76
CA ASP B 362 8.94 -17.08 27.80
C ASP B 362 8.93 -15.95 26.78
N TYR B 363 7.90 -15.93 25.92
CA TYR B 363 7.83 -14.91 24.87
C TYR B 363 7.39 -13.58 25.49
N LEU B 364 8.21 -12.53 25.35
CA LEU B 364 7.82 -11.21 25.78
C LEU B 364 7.42 -10.37 24.62
N VAL B 365 6.16 -9.94 24.64
CA VAL B 365 5.62 -9.13 23.63
C VAL B 365 5.86 -7.66 23.99
N GLU B 366 6.20 -6.87 22.99
CA GLU B 366 6.35 -5.42 23.11
C GLU B 366 4.94 -4.83 22.94
N PHE B 367 4.43 -4.14 23.97
CA PHE B 367 3.06 -3.63 23.96
C PHE B 367 2.98 -2.11 23.88
N GLY B 368 4.08 -1.48 23.54
CA GLY B 368 4.19 -0.04 23.52
C GLY B 368 4.82 0.57 24.76
N GLU B 369 6.15 0.50 24.84
CA GLU B 369 6.97 0.99 25.98
C GLU B 369 6.81 0.16 27.23
N PHE B 370 6.35 -1.08 27.06
CA PHE B 370 6.39 -2.05 28.11
C PHE B 370 6.23 -3.38 27.47
N TYR B 371 6.51 -4.42 28.25
CA TYR B 371 6.56 -5.78 27.75
C TYR B 371 5.62 -6.56 28.60
N GLY B 372 5.04 -7.61 28.03
CA GLY B 372 4.24 -8.50 28.79
C GLY B 372 4.36 -9.88 28.23
N GLY B 373 4.01 -10.86 29.07
CA GLY B 373 3.92 -12.22 28.63
C GLY B 373 2.51 -12.52 28.18
N VAL B 374 2.38 -13.60 27.41
CA VAL B 374 1.12 -14.04 26.90
C VAL B 374 0.68 -15.24 27.71
N VAL B 375 -0.46 -15.16 28.39
CA VAL B 375 -0.87 -16.35 29.17
C VAL B 375 -1.25 -17.43 28.15
N ASP B 376 -0.66 -18.61 28.26
CA ASP B 376 -0.92 -19.61 27.32
C ASP B 376 -2.22 -20.28 27.67
N LEU B 377 -3.31 -19.73 27.13
CA LEU B 377 -4.62 -20.31 27.34
C LEU B 377 -4.83 -21.72 26.74
N THR B 378 -3.91 -22.22 25.90
CA THR B 378 -3.99 -23.61 25.39
C THR B 378 -3.48 -24.59 26.43
N ASN B 379 -2.85 -24.10 27.48
CA ASN B 379 -2.34 -24.94 28.56
C ASN B 379 -3.46 -25.04 29.55
N PRO B 380 -4.10 -26.22 29.70
CA PRO B 380 -5.22 -26.29 30.66
C PRO B 380 -4.90 -25.82 32.05
N GLU B 381 -3.68 -25.97 32.53
CA GLU B 381 -3.33 -25.46 33.86
C GLU B 381 -3.31 -23.90 33.87
N ALA B 382 -2.73 -23.29 32.83
CA ALA B 382 -2.59 -21.85 32.74
C ALA B 382 -3.96 -21.18 32.64
N TYR B 383 -4.82 -21.78 31.82
CA TYR B 383 -6.21 -21.38 31.65
C TYR B 383 -6.94 -21.46 32.99
N ALA B 384 -6.80 -22.57 33.71
CA ALA B 384 -7.46 -22.69 35.02
C ALA B 384 -6.93 -21.65 36.04
N TRP B 385 -5.63 -21.49 36.06
CA TRP B 385 -5.01 -20.48 36.90
C TRP B 385 -5.55 -19.06 36.58
N PHE B 386 -5.62 -18.70 35.32
CA PHE B 386 -6.01 -17.34 34.94
C PHE B 386 -7.50 -17.14 35.23
N LYS B 387 -8.32 -18.17 34.95
CA LYS B 387 -9.69 -18.15 35.45
C LYS B 387 -9.81 -17.92 36.97
N GLU B 388 -8.88 -18.43 37.77
CA GLU B 388 -8.86 -18.18 39.23
C GLU B 388 -8.46 -16.77 39.54
N VAL B 389 -7.57 -16.22 38.72
CA VAL B 389 -7.20 -14.79 38.87
C VAL B 389 -8.47 -13.97 38.73
N ILE B 390 -9.29 -14.21 37.72
CA ILE B 390 -10.55 -13.50 37.56
C ILE B 390 -11.44 -13.73 38.73
N LYS B 391 -11.62 -14.99 39.09
CA LYS B 391 -12.48 -15.25 40.24
C LYS B 391 -12.09 -14.57 41.52
N LYS B 392 -10.83 -14.71 41.88
CA LYS B 392 -10.33 -14.23 43.18
C LYS B 392 -10.09 -12.76 43.16
N ASN B 393 -9.49 -12.24 42.09
CA ASN B 393 -9.12 -10.81 42.05
C ASN B 393 -10.18 -9.87 41.53
N MET B 394 -11.13 -10.41 40.79
CA MET B 394 -12.20 -9.60 40.24
C MET B 394 -13.57 -9.92 40.81
N ILE B 395 -13.97 -11.17 40.73
CA ILE B 395 -15.32 -11.48 41.14
C ILE B 395 -15.36 -11.34 42.67
N GLU B 396 -14.33 -11.84 43.35
CA GLU B 396 -14.41 -11.87 44.80
C GLU B 396 -14.19 -10.44 45.36
N LEU B 397 -13.48 -9.58 44.63
CA LEU B 397 -13.40 -8.16 44.96
C LEU B 397 -14.76 -7.48 44.95
N GLY B 398 -15.70 -8.02 44.17
CA GLY B 398 -17.03 -7.46 44.07
C GLY B 398 -17.30 -6.70 42.78
N CYS B 399 -16.46 -6.84 41.76
CA CYS B 399 -16.78 -6.23 40.51
C CYS B 399 -18.08 -6.79 39.91
N GLY B 400 -18.91 -5.91 39.39
CA GLY B 400 -20.11 -6.27 38.63
C GLY B 400 -19.84 -6.58 37.17
N GLY B 401 -18.57 -6.49 36.76
CA GLY B 401 -18.26 -6.51 35.36
C GLY B 401 -16.89 -5.96 35.09
N TRP B 402 -16.50 -6.05 33.83
CA TRP B 402 -15.17 -5.63 33.40
C TRP B 402 -15.08 -5.63 31.90
N MET B 403 -14.20 -4.81 31.40
CA MET B 403 -13.76 -4.83 30.06
C MET B 403 -12.77 -6.02 29.95
N ALA B 404 -13.10 -7.04 29.15
CA ALA B 404 -12.22 -8.21 28.89
C ALA B 404 -11.63 -7.91 27.53
N ASP B 405 -10.43 -7.37 27.57
CA ASP B 405 -9.80 -6.67 26.40
C ASP B 405 -8.80 -7.64 25.68
N PHE B 406 -8.41 -7.26 24.48
CA PHE B 406 -7.38 -7.91 23.71
C PHE B 406 -7.81 -9.33 23.27
N GLY B 407 -6.88 -10.15 22.86
CA GLY B 407 -7.23 -11.39 22.12
C GLY B 407 -6.75 -11.38 20.70
N GLU B 408 -6.36 -10.21 20.18
CA GLU B 408 -6.00 -9.99 18.80
C GLU B 408 -4.51 -9.93 18.54
N TYR B 409 -3.70 -10.15 19.57
CA TYR B 409 -2.32 -9.76 19.56
C TYR B 409 -1.39 -10.98 19.66
N LEU B 410 -1.89 -12.20 19.46
CA LEU B 410 -0.98 -13.36 19.47
C LEU B 410 0.06 -13.33 18.35
N PRO B 411 1.37 -13.15 18.71
CA PRO B 411 2.34 -13.17 17.63
C PRO B 411 2.42 -14.57 17.00
N THR B 412 2.73 -14.59 15.72
CA THR B 412 2.76 -15.88 14.94
C THR B 412 4.00 -16.74 15.17
N ASP B 413 4.97 -16.20 15.88
CA ASP B 413 6.14 -16.98 16.32
C ASP B 413 6.20 -17.24 17.84
N THR B 414 5.04 -17.27 18.48
CA THR B 414 4.89 -17.90 19.76
C THR B 414 4.70 -19.37 19.58
N TYR B 415 4.97 -20.14 20.64
CA TYR B 415 4.86 -21.61 20.61
C TYR B 415 3.99 -21.97 21.78
N LEU B 416 2.98 -22.76 21.53
CA LEU B 416 1.90 -22.93 22.49
C LEU B 416 1.95 -24.34 22.99
N HIS B 417 1.37 -24.54 24.15
CA HIS B 417 1.33 -25.76 24.80
C HIS B 417 0.67 -26.84 24.02
N ASN B 418 -0.41 -26.52 23.32
CA ASN B 418 -1.17 -27.55 22.60
C ASN B 418 -0.50 -27.99 21.28
N GLY B 419 0.67 -27.45 20.96
CA GLY B 419 1.38 -27.81 19.77
C GLY B 419 0.75 -27.39 18.48
N VAL B 420 -0.32 -26.62 18.51
CA VAL B 420 -0.90 -26.04 17.27
C VAL B 420 -0.12 -24.79 16.88
N SER B 421 0.14 -24.60 15.59
CA SER B 421 0.85 -23.39 15.13
C SER B 421 0.12 -22.10 15.57
N ALA B 422 0.89 -21.11 16.03
CA ALA B 422 0.40 -19.76 16.25
C ALA B 422 -0.26 -19.16 15.02
N GLU B 423 0.07 -19.64 13.81
CA GLU B 423 -0.58 -19.12 12.58
C GLU B 423 -2.01 -19.61 12.47
N ILE B 424 -2.34 -20.61 13.27
CA ILE B 424 -3.67 -21.11 13.40
C ILE B 424 -4.30 -20.60 14.72
N MET B 425 -3.55 -20.55 15.83
CA MET B 425 -4.12 -20.16 17.11
C MET B 425 -4.37 -18.67 17.20
N HIS B 426 -3.69 -17.88 16.38
CA HIS B 426 -3.84 -16.48 16.39
C HIS B 426 -5.30 -15.99 16.30
N ASN B 427 -6.03 -16.43 15.28
CA ASN B 427 -7.40 -16.00 15.03
C ASN B 427 -8.34 -16.71 15.99
N ALA B 428 -7.97 -17.86 16.52
CA ALA B 428 -8.83 -18.52 17.54
C ALA B 428 -8.72 -17.98 19.00
N TRP B 429 -7.70 -17.17 19.28
CA TRP B 429 -7.44 -16.71 20.63
C TRP B 429 -8.62 -15.97 21.26
N PRO B 430 -9.33 -15.08 20.51
CA PRO B 430 -10.34 -14.27 21.19
C PRO B 430 -11.48 -15.02 21.89
N ALA B 431 -11.99 -16.02 21.21
CA ALA B 431 -13.02 -16.86 21.79
C ALA B 431 -12.55 -17.78 22.91
N LEU B 432 -11.27 -18.15 22.89
CA LEU B 432 -10.67 -18.95 23.97
C LEU B 432 -10.55 -18.04 25.22
N TRP B 433 -10.17 -16.80 25.00
CA TRP B 433 -10.26 -15.79 26.03
C TRP B 433 -11.66 -15.49 26.49
N ALA B 434 -12.63 -15.42 25.57
CA ALA B 434 -14.00 -15.23 25.97
C ALA B 434 -14.43 -16.37 26.90
N LYS B 435 -14.02 -17.57 26.56
CA LYS B 435 -14.51 -18.74 27.32
C LYS B 435 -13.99 -18.71 28.73
N CYS B 436 -12.75 -18.26 28.86
CA CYS B 436 -12.09 -18.13 30.15
C CYS B 436 -12.89 -17.21 31.07
N ASN B 437 -13.29 -16.08 30.53
CA ASN B 437 -14.23 -15.17 31.24
C ASN B 437 -15.59 -15.77 31.50
N TYR B 438 -16.15 -16.43 30.47
CA TYR B 438 -17.48 -17.00 30.59
C TYR B 438 -17.50 -18.02 31.75
N GLU B 439 -16.49 -18.87 31.72
CA GLU B 439 -16.39 -19.95 32.73
C GLU B 439 -16.10 -19.45 34.15
N ALA B 440 -15.35 -18.36 34.32
CA ALA B 440 -15.26 -17.66 35.62
C ALA B 440 -16.67 -17.27 36.17
N LEU B 441 -17.52 -16.74 35.28
CA LEU B 441 -18.89 -16.40 35.69
C LEU B 441 -19.65 -17.67 35.99
N GLU B 442 -19.56 -18.68 35.12
CA GLU B 442 -20.36 -19.86 35.27
C GLU B 442 -20.01 -20.54 36.57
N GLU B 443 -18.75 -20.62 36.87
CA GLU B 443 -18.28 -21.30 38.10
C GLU B 443 -18.55 -20.54 39.37
N THR B 444 -18.75 -19.23 39.29
CA THR B 444 -19.20 -18.51 40.47
C THR B 444 -20.67 -18.25 40.49
N GLY B 445 -21.43 -18.83 39.57
CA GLY B 445 -22.87 -18.57 39.54
C GLY B 445 -23.25 -17.14 39.19
N LYS B 446 -22.45 -16.49 38.34
CA LYS B 446 -22.69 -15.08 38.09
C LYS B 446 -23.12 -14.74 36.68
N LEU B 447 -23.37 -15.74 35.83
CA LEU B 447 -23.99 -15.43 34.57
C LEU B 447 -25.35 -14.79 34.77
N GLY B 448 -25.57 -13.69 34.08
CA GLY B 448 -26.80 -12.91 34.21
C GLY B 448 -26.67 -11.90 35.33
N GLU B 449 -25.55 -11.88 36.02
CA GLU B 449 -25.33 -10.96 37.15
C GLU B 449 -24.14 -10.11 36.84
N ILE B 450 -23.05 -10.73 36.37
CA ILE B 450 -21.84 -10.00 35.99
C ILE B 450 -21.79 -9.82 34.48
N LEU B 451 -21.43 -8.64 34.02
CA LEU B 451 -21.27 -8.36 32.58
C LEU B 451 -19.82 -8.00 32.23
N PHE B 452 -19.19 -8.86 31.42
CA PHE B 452 -17.97 -8.50 30.74
C PHE B 452 -18.24 -8.16 29.27
N PHE B 453 -17.43 -7.25 28.80
CA PHE B 453 -17.48 -6.79 27.44
C PHE B 453 -16.12 -6.91 26.75
N MET B 454 -16.15 -7.37 25.48
CA MET B 454 -14.95 -7.73 24.76
C MET B 454 -14.85 -6.93 23.49
N ARG B 455 -13.64 -6.80 23.01
CA ARG B 455 -13.34 -6.11 21.76
C ARG B 455 -13.07 -7.21 20.71
N ALA B 456 -11.98 -7.92 20.85
CA ALA B 456 -11.66 -8.99 19.91
C ALA B 456 -12.66 -10.12 20.00
N GLY B 457 -12.93 -10.74 18.88
CA GLY B 457 -13.76 -11.94 18.89
C GLY B 457 -13.33 -12.91 17.81
N SER B 458 -13.82 -14.10 17.91
CA SER B 458 -13.64 -15.12 16.91
C SER B 458 -14.84 -16.10 17.10
N THR B 459 -14.92 -17.07 16.22
CA THR B 459 -15.96 -18.03 16.24
C THR B 459 -16.11 -18.61 17.62
N GLY B 460 -17.32 -18.54 18.15
CA GLY B 460 -17.60 -19.00 19.55
C GLY B 460 -17.76 -17.84 20.55
N SER B 461 -17.35 -16.62 20.16
CA SER B 461 -17.64 -15.46 20.94
C SER B 461 -19.17 -15.27 20.98
N GLN B 462 -19.90 -15.83 20.00
CA GLN B 462 -21.33 -15.76 19.97
C GLN B 462 -21.86 -16.46 21.25
N LYS B 463 -21.19 -17.51 21.68
CA LYS B 463 -21.63 -18.23 22.95
C LYS B 463 -20.97 -17.58 24.21
N TYR B 464 -19.70 -17.21 24.13
CA TYR B 464 -18.89 -16.94 25.32
C TYR B 464 -18.77 -15.44 25.70
N SER B 465 -18.91 -14.51 24.75
CA SER B 465 -18.76 -13.09 25.08
C SER B 465 -20.14 -12.57 25.41
N THR B 466 -20.32 -12.10 26.67
CA THR B 466 -21.55 -11.55 27.11
C THR B 466 -21.92 -10.20 26.44
N MET B 467 -20.95 -9.56 25.81
CA MET B 467 -21.22 -8.26 25.21
C MET B 467 -20.03 -7.92 24.39
N MET B 468 -20.26 -7.30 23.26
CA MET B 468 -19.16 -6.78 22.47
C MET B 468 -19.12 -5.28 22.54
N TRP B 469 -17.96 -4.65 22.51
CA TRP B 469 -17.89 -3.25 22.16
C TRP B 469 -17.04 -3.00 20.95
N ALA B 470 -17.33 -1.91 20.32
CA ALA B 470 -16.69 -1.57 19.06
C ALA B 470 -15.28 -1.15 19.06
N GLY B 471 -14.53 -1.49 20.07
CA GLY B 471 -13.11 -1.07 20.24
C GLY B 471 -12.83 0.41 20.09
N ASN B 472 -11.76 0.77 19.39
CA ASN B 472 -11.29 2.12 19.45
C ASN B 472 -11.66 2.83 18.21
N GLN B 473 -12.62 3.74 18.32
CA GLN B 473 -12.86 4.77 17.31
C GLN B 473 -12.00 5.96 17.57
N ASN B 474 -11.65 6.68 16.52
CA ASN B 474 -11.09 7.94 16.71
C ASN B 474 -12.06 8.86 17.34
N VAL B 475 -11.53 9.88 18.03
CA VAL B 475 -12.44 10.96 18.53
C VAL B 475 -12.73 11.94 17.38
N ASP B 476 -13.26 11.43 16.30
CA ASP B 476 -13.52 12.29 15.14
C ASP B 476 -14.84 11.85 14.48
N TRP B 477 -15.16 12.51 13.40
CA TRP B 477 -16.41 12.29 12.68
C TRP B 477 -16.21 11.50 11.36
N SER B 478 -15.06 10.88 11.20
CA SER B 478 -14.76 10.13 9.96
C SER B 478 -15.71 9.00 9.73
N LEU B 479 -15.89 8.65 8.47
CA LEU B 479 -16.72 7.49 8.17
C LEU B 479 -16.04 6.21 8.54
N ASP B 480 -14.72 6.12 8.30
CA ASP B 480 -14.04 4.86 8.56
C ASP B 480 -13.64 4.54 9.97
N ASP B 481 -13.51 5.54 10.81
CA ASP B 481 -13.07 5.29 12.17
C ASP B 481 -13.71 6.20 13.21
N GLY B 482 -14.85 6.79 12.90
CA GLY B 482 -15.56 7.79 13.74
C GLY B 482 -16.82 7.13 14.29
N LEU B 483 -17.74 7.94 14.79
CA LEU B 483 -19.06 7.51 15.25
C LEU B 483 -19.75 6.63 14.22
N ALA B 484 -19.77 7.07 12.96
CA ALA B 484 -20.48 6.33 11.88
C ALA B 484 -20.10 4.87 11.81
N SER B 485 -18.80 4.58 12.05
CA SER B 485 -18.24 3.26 11.76
C SER B 485 -18.77 2.24 12.73
N VAL B 486 -19.37 2.74 13.79
CA VAL B 486 -19.95 1.82 14.84
C VAL B 486 -21.20 1.12 14.30
N VAL B 487 -21.90 1.75 13.37
CA VAL B 487 -23.16 1.15 12.94
C VAL B 487 -22.90 -0.09 12.03
N PRO B 488 -22.07 0.06 11.00
CA PRO B 488 -21.70 -1.24 10.32
C PRO B 488 -21.12 -2.30 11.20
N ALA B 489 -20.38 -1.90 12.23
CA ALA B 489 -19.85 -2.88 13.13
C ALA B 489 -20.94 -3.60 13.93
N ALA B 490 -21.98 -2.88 14.37
CA ALA B 490 -23.09 -3.55 15.05
C ALA B 490 -23.84 -4.50 14.07
N LEU B 491 -24.04 -4.01 12.88
CA LEU B 491 -24.87 -4.69 11.88
C LEU B 491 -24.16 -5.91 11.30
N SER B 492 -22.86 -5.80 11.01
CA SER B 492 -22.08 -7.00 10.50
C SER B 492 -22.05 -8.07 11.57
N LEU B 493 -21.84 -7.65 12.79
CA LEU B 493 -21.90 -8.58 13.95
C LEU B 493 -23.17 -9.22 14.16
N ALA B 494 -24.23 -8.43 14.06
CA ALA B 494 -25.60 -8.99 14.18
C ALA B 494 -25.81 -10.15 13.16
N MET B 495 -25.35 -9.88 11.96
CA MET B 495 -25.38 -10.88 10.91
C MET B 495 -24.42 -12.03 11.08
N THR B 496 -23.47 -11.92 12.01
CA THR B 496 -22.51 -13.00 12.25
C THR B 496 -22.91 -13.69 13.57
N GLY B 497 -24.08 -13.38 14.07
CA GLY B 497 -24.60 -14.08 15.29
C GLY B 497 -24.30 -13.46 16.64
N HIS B 498 -23.76 -12.25 16.67
CA HIS B 498 -23.61 -11.58 17.99
C HIS B 498 -24.52 -10.42 18.03
N GLY B 499 -25.47 -10.45 18.96
CA GLY B 499 -26.52 -9.46 19.02
C GLY B 499 -26.42 -8.37 20.10
N LEU B 500 -25.30 -8.26 20.81
CA LEU B 500 -25.11 -7.35 21.96
C LEU B 500 -23.86 -6.57 21.72
N HIS B 501 -24.04 -5.32 21.35
CA HIS B 501 -22.98 -4.45 20.85
C HIS B 501 -23.16 -3.00 21.43
N HIS B 502 -22.09 -2.42 21.96
CA HIS B 502 -22.11 -0.98 22.31
C HIS B 502 -20.84 -0.31 21.86
N SER B 503 -20.70 0.99 22.12
CA SER B 503 -19.45 1.66 21.86
C SER B 503 -19.13 2.63 22.94
N ASP B 504 -17.86 3.05 22.96
CA ASP B 504 -17.40 4.05 23.87
C ASP B 504 -18.13 5.34 23.54
N ILE B 505 -18.85 5.91 24.50
CA ILE B 505 -19.52 7.19 24.27
C ILE B 505 -18.43 8.20 24.14
N GLY B 506 -18.32 8.75 22.94
CA GLY B 506 -17.35 9.73 22.62
C GLY B 506 -16.11 9.22 21.90
N GLY B 507 -16.00 7.91 21.62
CA GLY B 507 -14.76 7.37 21.04
C GLY B 507 -13.61 7.30 22.04
N TYR B 508 -12.47 6.83 21.51
CA TYR B 508 -11.25 6.52 22.28
C TYR B 508 -10.00 7.24 21.82
N THR B 509 -9.66 7.06 20.53
CA THR B 509 -8.31 7.28 20.09
C THR B 509 -8.06 8.77 19.90
N THR B 510 -7.07 9.24 20.67
CA THR B 510 -6.76 10.61 20.84
C THR B 510 -5.27 10.74 20.51
N LEU B 511 -4.99 11.13 19.25
CA LEU B 511 -3.61 11.17 18.75
C LEU B 511 -3.53 12.32 17.80
N PHE B 512 -2.32 12.77 17.57
CA PHE B 512 -2.05 13.77 16.47
C PHE B 512 -3.03 14.90 16.45
N GLU B 513 -3.30 15.67 17.47
CA GLU B 513 -4.38 16.74 17.17
C GLU B 513 -5.87 16.31 16.99
N MET B 514 -6.22 15.03 16.89
CA MET B 514 -7.60 14.66 17.16
C MET B 514 -7.83 14.83 18.67
N LYS B 515 -8.88 15.57 19.00
CA LYS B 515 -9.36 15.76 20.35
C LYS B 515 -10.87 15.70 20.36
N ARG B 516 -11.46 15.02 21.33
CA ARG B 516 -12.87 14.88 21.31
C ARG B 516 -13.59 16.18 21.71
N SER B 517 -14.45 16.65 20.83
CA SER B 517 -15.29 17.85 21.07
C SER B 517 -16.46 17.56 21.96
N LYS B 518 -16.97 18.60 22.65
CA LYS B 518 -18.21 18.50 23.33
C LYS B 518 -19.29 18.07 22.36
N GLU B 519 -19.33 18.66 21.16
CA GLU B 519 -20.35 18.23 20.19
C GLU B 519 -20.30 16.72 19.84
N LEU B 520 -19.09 16.16 19.72
CA LEU B 520 -18.95 14.74 19.38
C LEU B 520 -19.40 13.88 20.59
N LEU B 521 -19.04 14.27 21.78
CA LEU B 521 -19.46 13.50 22.95
C LEU B 521 -21.04 13.44 23.01
N LEU B 522 -21.69 14.57 22.84
CA LEU B 522 -23.16 14.63 22.96
C LEU B 522 -23.87 13.84 21.83
N ARG B 523 -23.42 14.04 20.59
CA ARG B 523 -23.93 13.20 19.51
C ARG B 523 -23.71 11.71 19.78
N TRP B 524 -22.61 11.32 20.41
CA TRP B 524 -22.38 9.97 20.59
C TRP B 524 -23.26 9.43 21.71
N CYS B 525 -23.44 10.27 22.69
CA CYS B 525 -24.35 9.95 23.78
C CYS B 525 -25.81 9.73 23.28
N ASP B 526 -26.24 10.60 22.39
CA ASP B 526 -27.56 10.46 21.68
C ASP B 526 -27.65 9.09 20.96
N PHE B 527 -26.53 8.63 20.39
CA PHE B 527 -26.48 7.34 19.66
C PHE B 527 -26.61 6.22 20.68
N SER B 528 -25.73 6.20 21.67
CA SER B 528 -25.63 5.09 22.61
C SER B 528 -26.86 4.91 23.44
N ALA B 529 -27.61 5.99 23.71
CA ALA B 529 -28.91 5.86 24.42
C ALA B 529 -29.91 4.94 23.66
N PHE B 530 -29.64 4.71 22.36
CA PHE B 530 -30.42 3.78 21.51
C PHE B 530 -29.65 2.50 21.12
N THR B 531 -28.92 1.96 22.14
CA THR B 531 -28.20 0.70 22.02
C THR B 531 -28.49 0.06 23.36
N PRO B 532 -28.08 -1.19 23.52
CA PRO B 532 -28.34 -1.90 24.80
C PRO B 532 -27.38 -1.58 26.00
N MET B 533 -26.42 -0.66 25.84
CA MET B 533 -25.51 -0.29 26.94
C MET B 533 -24.88 1.06 26.73
N MET B 534 -24.97 1.91 27.76
CA MET B 534 -24.35 3.22 27.78
C MET B 534 -23.11 3.12 28.68
N ARG B 535 -21.98 3.42 28.10
CA ARG B 535 -20.67 3.39 28.77
C ARG B 535 -19.76 4.41 28.15
N THR B 536 -19.23 5.29 28.99
CA THR B 536 -18.31 6.31 28.50
C THR B 536 -16.84 5.81 28.64
N HIS B 537 -15.97 6.55 27.98
CA HIS B 537 -14.55 6.36 28.06
C HIS B 537 -13.88 7.69 28.01
N GLU B 538 -12.78 7.80 28.78
CA GLU B 538 -11.97 8.95 28.77
C GLU B 538 -11.14 9.11 27.56
N GLY B 539 -10.85 7.98 26.84
CA GLY B 539 -9.87 7.88 25.79
C GLY B 539 -8.44 7.74 26.30
N ASN B 540 -7.48 7.69 25.40
CA ASN B 540 -6.12 7.48 25.82
C ASN B 540 -5.43 8.70 26.40
N ARG B 541 -5.96 9.90 26.19
CA ARG B 541 -5.41 11.17 26.71
C ARG B 541 -6.58 11.96 27.28
N PRO B 542 -7.04 11.56 28.45
CA PRO B 542 -8.26 12.14 28.91
C PRO B 542 -8.25 13.63 28.99
N GLY B 543 -7.12 14.22 29.33
CA GLY B 543 -7.09 15.69 29.48
C GLY B 543 -7.17 16.41 28.15
N ASP B 544 -7.11 15.70 27.04
CA ASP B 544 -7.34 16.34 25.70
C ASP B 544 -8.78 16.23 25.16
N ASN B 545 -9.61 15.42 25.82
CA ASN B 545 -10.99 15.18 25.40
C ASN B 545 -12.02 15.86 26.32
N TRP B 546 -13.11 16.32 25.72
CA TRP B 546 -14.27 16.75 26.46
C TRP B 546 -14.86 15.49 27.14
N GLN B 547 -15.14 15.58 28.41
CA GLN B 547 -15.64 14.44 29.17
C GLN B 547 -17.08 14.70 29.62
N PHE B 548 -17.69 13.70 30.25
CA PHE B 548 -19.11 13.73 30.55
C PHE B 548 -19.55 14.80 31.57
N ASP B 549 -18.60 15.26 32.35
CA ASP B 549 -18.82 16.32 33.31
C ASP B 549 -18.15 17.59 32.86
N GLY B 550 -17.89 17.78 31.57
CA GLY B 550 -17.14 18.95 31.11
C GLY B 550 -17.77 20.30 31.48
N ASP B 551 -19.08 20.40 31.42
CA ASP B 551 -19.84 21.58 31.78
C ASP B 551 -21.25 21.18 32.05
N ALA B 552 -22.01 22.13 32.55
CA ALA B 552 -23.42 21.90 32.98
C ALA B 552 -24.32 21.42 31.85
N GLU B 553 -24.17 22.03 30.67
CA GLU B 553 -24.84 21.52 29.49
C GLU B 553 -24.58 20.04 29.16
N THR B 554 -23.34 19.59 29.31
CA THR B 554 -22.97 18.20 29.00
C THR B 554 -23.62 17.28 30.03
N ILE B 555 -23.58 17.69 31.28
CA ILE B 555 -24.18 16.88 32.40
C ILE B 555 -25.70 16.81 32.18
N ALA B 556 -26.32 17.94 31.85
CA ALA B 556 -27.79 18.00 31.58
C ALA B 556 -28.09 17.08 30.44
N HIS B 557 -27.24 17.12 29.39
CA HIS B 557 -27.42 16.21 28.22
C HIS B 557 -27.39 14.73 28.62
N PHE B 558 -26.41 14.34 29.39
CA PHE B 558 -26.38 13.03 30.00
C PHE B 558 -27.59 12.67 30.86
N ALA B 559 -28.04 13.61 31.68
CA ALA B 559 -29.29 13.42 32.42
C ALA B 559 -30.46 13.10 31.51
N ARG B 560 -30.61 13.89 30.46
CA ARG B 560 -31.69 13.65 29.50
C ARG B 560 -31.50 12.29 28.79
N MET B 561 -30.34 12.01 28.23
CA MET B 561 -30.22 10.81 27.38
C MET B 561 -30.22 9.50 28.20
N THR B 562 -29.70 9.53 29.39
CA THR B 562 -29.80 8.36 30.32
C THR B 562 -31.19 8.13 30.78
N THR B 563 -31.94 9.22 30.87
CA THR B 563 -33.34 9.11 31.19
C THR B 563 -34.15 8.49 30.11
N VAL B 564 -33.89 8.89 28.90
CA VAL B 564 -34.42 8.19 27.70
C VAL B 564 -34.03 6.72 27.69
N PHE B 565 -32.75 6.38 27.91
CA PHE B 565 -32.30 4.96 27.86
C PHE B 565 -33.00 4.10 28.95
N THR B 566 -33.09 4.61 30.15
CA THR B 566 -33.69 3.82 31.28
C THR B 566 -35.20 3.68 31.08
N THR B 567 -35.79 4.60 30.34
CA THR B 567 -37.22 4.57 29.94
C THR B 567 -37.46 3.37 29.01
N LEU B 568 -36.47 3.08 28.19
CA LEU B 568 -36.53 1.96 27.28
C LEU B 568 -36.28 0.62 27.91
N LYS B 569 -35.94 0.56 29.20
CA LYS B 569 -35.60 -0.73 29.82
C LYS B 569 -36.49 -1.90 29.47
N PRO B 570 -37.82 -1.79 29.70
CA PRO B 570 -38.59 -2.99 29.45
C PRO B 570 -38.58 -3.45 28.00
N TYR B 571 -38.48 -2.50 27.07
CA TYR B 571 -38.43 -2.75 25.65
C TYR B 571 -37.09 -3.40 25.29
N LEU B 572 -36.05 -2.85 25.87
CA LEU B 572 -34.71 -3.42 25.69
C LEU B 572 -34.63 -4.79 26.25
N LYS B 573 -35.16 -4.97 27.44
CA LYS B 573 -35.11 -6.29 28.02
C LYS B 573 -35.78 -7.37 27.18
N GLU B 574 -36.96 -7.05 26.65
CA GLU B 574 -37.66 -7.94 25.74
C GLU B 574 -36.78 -8.30 24.53
N ALA B 575 -36.15 -7.32 23.91
CA ALA B 575 -35.31 -7.58 22.79
C ALA B 575 -34.08 -8.47 23.11
N VAL B 576 -33.52 -8.23 24.29
CA VAL B 576 -32.36 -8.91 24.77
C VAL B 576 -32.72 -10.33 25.11
N ALA B 577 -33.96 -10.52 25.54
CA ALA B 577 -34.48 -11.90 25.79
C ALA B 577 -34.58 -12.65 24.49
N LEU B 578 -35.09 -11.97 23.45
CA LEU B 578 -35.18 -12.59 22.11
C LEU B 578 -33.83 -12.96 21.48
N ASN B 579 -32.86 -12.08 21.68
CA ASN B 579 -31.48 -12.39 21.34
C ASN B 579 -30.97 -13.65 22.02
N ALA B 580 -31.19 -13.76 23.32
CA ALA B 580 -30.74 -14.95 24.05
C ALA B 580 -31.45 -16.22 23.61
N LYS B 581 -32.74 -16.09 23.31
CA LYS B 581 -33.59 -17.24 22.97
C LYS B 581 -33.45 -17.71 21.57
N SER B 582 -33.16 -16.82 20.62
CA SER B 582 -33.35 -17.18 19.25
C SER B 582 -32.35 -16.51 18.35
N GLY B 583 -31.46 -15.68 18.90
CA GLY B 583 -30.35 -15.08 18.13
C GLY B 583 -30.78 -13.93 17.28
N LEU B 584 -31.94 -13.39 17.60
CA LEU B 584 -32.45 -12.21 16.95
C LEU B 584 -31.73 -11.03 17.61
N PRO B 585 -30.88 -10.30 16.86
CA PRO B 585 -29.99 -9.31 17.46
C PRO B 585 -30.74 -8.06 17.89
N VAL B 586 -30.18 -7.30 18.83
CA VAL B 586 -30.88 -6.20 19.43
C VAL B 586 -30.89 -5.05 18.40
N MET B 587 -29.76 -4.87 17.73
CA MET B 587 -29.60 -3.82 16.69
C MET B 587 -29.61 -4.57 15.41
N ARG B 588 -30.64 -4.28 14.60
CA ARG B 588 -31.08 -5.08 13.46
C ARG B 588 -30.91 -4.29 12.17
N PRO B 589 -30.39 -4.91 11.17
CA PRO B 589 -30.44 -4.30 9.88
C PRO B 589 -31.95 -4.19 9.44
N LEU B 590 -32.27 -3.15 8.69
CA LEU B 590 -33.71 -2.89 8.36
C LEU B 590 -34.32 -4.08 7.57
N PHE B 591 -33.49 -4.80 6.82
CA PHE B 591 -33.99 -5.87 6.02
C PHE B 591 -34.45 -7.11 6.79
N LEU B 592 -34.16 -7.20 8.08
CA LEU B 592 -34.73 -8.30 8.87
C LEU B 592 -36.23 -8.20 8.91
N HIS B 593 -36.73 -6.98 8.88
CA HIS B 593 -38.17 -6.79 8.99
C HIS B 593 -38.81 -6.22 7.75
N TYR B 594 -38.03 -5.71 6.82
CA TYR B 594 -38.54 -5.08 5.59
C TYR B 594 -37.83 -5.75 4.40
N GLU B 595 -37.97 -7.07 4.33
CA GLU B 595 -37.21 -7.87 3.35
C GLU B 595 -37.49 -7.51 1.90
N ASP B 596 -38.72 -7.10 1.65
CA ASP B 596 -39.20 -6.73 0.32
C ASP B 596 -38.79 -5.36 -0.13
N ASP B 597 -38.05 -4.60 0.69
CA ASP B 597 -37.66 -3.23 0.36
C ASP B 597 -36.22 -3.24 -0.05
N ALA B 598 -35.98 -3.19 -1.37
CA ALA B 598 -34.63 -3.23 -1.94
C ALA B 598 -33.73 -2.18 -1.31
N HIS B 599 -34.31 -1.04 -0.90
CA HIS B 599 -33.44 0.04 -0.41
C HIS B 599 -32.73 -0.33 0.91
N THR B 600 -33.33 -1.20 1.72
CA THR B 600 -32.78 -1.50 2.97
C THR B 600 -31.49 -2.31 2.95
N TYR B 601 -31.23 -2.99 1.83
CA TYR B 601 -30.06 -3.86 1.70
C TYR B 601 -28.76 -3.12 1.62
N THR B 602 -28.77 -1.87 1.15
CA THR B 602 -27.56 -1.07 1.08
C THR B 602 -27.36 0.04 2.17
N LEU B 603 -28.21 0.08 3.17
CA LEU B 603 -28.03 1.00 4.28
C LEU B 603 -26.93 0.44 5.15
N LYS B 604 -26.14 1.35 5.68
CA LYS B 604 -25.10 0.99 6.61
C LYS B 604 -25.03 1.83 7.89
N TYR B 605 -25.74 2.96 7.94
CA TYR B 605 -25.64 3.92 9.03
C TYR B 605 -26.97 4.15 9.69
N GLN B 606 -27.90 3.24 9.47
CA GLN B 606 -29.11 3.21 10.28
C GLN B 606 -29.44 1.81 10.60
N TYR B 607 -30.25 1.63 11.64
CA TYR B 607 -30.59 0.30 12.14
C TYR B 607 -31.91 0.34 12.83
N LEU B 608 -32.42 -0.84 13.15
CA LEU B 608 -33.54 -0.91 14.05
C LEU B 608 -33.10 -1.37 15.42
N LEU B 609 -33.63 -0.71 16.46
CA LEU B 609 -33.45 -1.16 17.81
C LEU B 609 -34.66 -1.96 18.22
N GLY B 610 -34.49 -3.28 18.36
CA GLY B 610 -35.56 -4.18 18.39
C GLY B 610 -36.43 -4.08 17.13
N ARG B 611 -37.69 -4.37 17.28
CA ARG B 611 -38.60 -4.31 16.12
C ARG B 611 -39.09 -2.94 15.75
N ASP B 612 -39.30 -2.11 16.76
CA ASP B 612 -40.17 -0.98 16.62
C ASP B 612 -39.51 0.36 16.57
N ILE B 613 -38.17 0.46 16.75
CA ILE B 613 -37.54 1.76 16.77
C ILE B 613 -36.53 1.77 15.67
N LEU B 614 -36.47 2.85 14.86
CA LEU B 614 -35.56 3.06 13.78
C LEU B 614 -34.69 4.19 14.19
N VAL B 615 -33.36 3.96 14.15
CA VAL B 615 -32.39 4.91 14.54
C VAL B 615 -31.49 5.26 13.34
N ALA B 616 -31.28 6.54 13.09
CA ALA B 616 -30.33 7.02 12.04
C ALA B 616 -29.37 8.05 12.66
N PRO B 617 -28.28 7.59 13.28
CA PRO B 617 -27.56 8.53 14.16
C PRO B 617 -26.89 9.69 13.39
N VAL B 618 -26.92 10.91 13.89
CA VAL B 618 -26.16 11.98 13.24
C VAL B 618 -24.67 11.67 13.46
N HIS B 619 -23.93 11.47 12.36
CA HIS B 619 -22.51 11.12 12.41
C HIS B 619 -21.59 12.12 11.68
N GLU B 620 -22.11 13.32 11.39
CA GLU B 620 -21.29 14.41 10.85
C GLU B 620 -21.35 15.60 11.79
N GLU B 621 -20.26 16.33 11.85
CA GLU B 621 -20.21 17.60 12.57
C GLU B 621 -21.09 18.66 11.98
N GLY B 622 -21.65 19.52 12.81
CA GLY B 622 -22.20 20.79 12.37
C GLY B 622 -23.58 20.66 11.77
N ARG B 623 -24.29 19.60 12.06
CA ARG B 623 -25.56 19.37 11.44
C ARG B 623 -26.64 19.82 12.33
N SER B 624 -27.71 20.35 11.73
CA SER B 624 -28.94 20.62 12.48
C SER B 624 -30.15 19.89 11.92
N ASP B 625 -29.95 19.23 10.81
CA ASP B 625 -30.91 18.28 10.34
C ASP B 625 -30.20 17.02 9.87
N TRP B 626 -30.98 16.01 9.53
CA TRP B 626 -30.45 14.75 9.07
C TRP B 626 -31.41 14.10 8.10
N THR B 627 -30.85 13.36 7.17
CA THR B 627 -31.60 12.69 6.13
C THR B 627 -31.34 11.19 6.27
N LEU B 628 -32.38 10.43 6.09
CA LEU B 628 -32.41 9.01 6.36
C LEU B 628 -33.54 8.39 5.54
N TYR B 629 -33.64 7.07 5.58
CA TYR B 629 -34.62 6.31 4.90
C TYR B 629 -35.56 5.66 5.91
N LEU B 630 -36.87 5.75 5.66
CA LEU B 630 -37.83 5.02 6.43
C LEU B 630 -38.44 4.02 5.50
N PRO B 631 -38.55 2.77 5.92
CA PRO B 631 -39.25 1.80 5.12
C PRO B 631 -40.76 2.05 5.29
N GLU B 632 -41.58 1.40 4.49
CA GLU B 632 -43.00 1.67 4.55
C GLU B 632 -43.61 1.09 5.83
N ASP B 633 -44.13 1.98 6.68
CA ASP B 633 -44.73 1.65 7.95
C ASP B 633 -45.24 3.00 8.44
N ASN B 634 -45.94 2.95 9.53
CA ASN B 634 -46.38 4.18 10.21
C ASN B 634 -45.37 4.53 11.24
N TRP B 635 -44.54 5.52 10.92
CA TRP B 635 -43.43 5.94 11.84
C TRP B 635 -43.83 7.16 12.56
N VAL B 636 -43.36 7.28 13.81
CA VAL B 636 -43.60 8.43 14.66
C VAL B 636 -42.25 8.94 15.11
N HIS B 637 -41.92 10.19 14.80
CA HIS B 637 -40.67 10.77 15.25
C HIS B 637 -40.71 10.94 16.76
N ALA B 638 -39.64 10.50 17.44
CA ALA B 638 -39.65 10.29 18.90
C ALA B 638 -39.84 11.59 19.66
N TRP B 639 -39.34 12.68 19.12
CA TRP B 639 -39.25 13.93 19.90
C TRP B 639 -40.38 14.89 19.65
N THR B 640 -41.11 14.67 18.56
CA THR B 640 -42.15 15.57 18.11
C THR B 640 -43.50 14.92 17.98
N GLY B 641 -43.52 13.59 17.88
CA GLY B 641 -44.72 12.82 17.62
C GLY B 641 -45.16 12.94 16.19
N GLU B 642 -44.34 13.49 15.31
CA GLU B 642 -44.76 13.74 14.00
C GLU B 642 -44.78 12.37 13.20
N ALA B 643 -45.84 12.11 12.45
CA ALA B 643 -45.99 10.84 11.66
C ALA B 643 -45.34 10.92 10.29
N PHE B 644 -44.67 9.85 9.92
CA PHE B 644 -44.09 9.70 8.62
C PHE B 644 -44.45 8.34 8.12
N ARG B 645 -44.43 8.24 6.81
CA ARG B 645 -44.61 6.97 6.11
C ARG B 645 -43.26 6.65 5.42
N GLY B 646 -43.21 5.67 4.55
CA GLY B 646 -41.95 5.29 3.97
C GLY B 646 -41.38 6.35 3.05
N GLY B 647 -40.09 6.31 2.83
CA GLY B 647 -39.42 7.18 1.89
C GLY B 647 -38.22 7.80 2.56
N GLU B 648 -37.42 8.45 1.76
CA GLU B 648 -36.30 9.17 2.29
C GLU B 648 -36.95 10.36 2.97
N VAL B 649 -36.37 10.82 4.08
CA VAL B 649 -36.95 11.88 4.86
C VAL B 649 -35.79 12.68 5.47
N THR B 650 -35.97 13.99 5.67
CA THR B 650 -35.06 14.87 6.36
C THR B 650 -35.75 15.40 7.56
N VAL B 651 -35.14 15.31 8.74
CA VAL B 651 -35.75 15.85 9.92
C VAL B 651 -34.83 16.79 10.63
N ASN B 652 -35.42 17.64 11.45
CA ASN B 652 -34.60 18.43 12.38
C ASN B 652 -33.88 17.46 13.35
N ALA B 653 -32.64 17.79 13.68
CA ALA B 653 -31.86 16.90 14.54
C ALA B 653 -30.84 17.67 15.33
N PRO B 654 -31.32 18.54 16.23
CA PRO B 654 -30.40 19.16 17.14
C PRO B 654 -29.89 18.15 18.13
N ILE B 655 -28.81 18.51 18.81
CA ILE B 655 -28.29 17.62 19.86
C ILE B 655 -29.37 17.30 20.87
N GLY B 656 -29.48 16.03 21.28
CA GLY B 656 -30.51 15.64 22.26
C GLY B 656 -31.84 15.25 21.60
N LYS B 657 -31.93 15.40 20.27
CA LYS B 657 -33.07 14.94 19.48
C LYS B 657 -32.63 14.12 18.29
N PRO B 658 -32.03 12.97 18.55
CA PRO B 658 -31.48 12.17 17.45
C PRO B 658 -32.57 11.68 16.47
N PRO B 659 -32.20 11.36 15.20
CA PRO B 659 -33.26 10.90 14.26
C PRO B 659 -33.67 9.50 14.66
N VAL B 660 -34.69 9.47 15.50
CA VAL B 660 -35.29 8.24 16.09
C VAL B 660 -36.79 8.25 15.85
N PHE B 661 -37.29 7.14 15.31
CA PHE B 661 -38.70 6.96 14.96
C PHE B 661 -39.22 5.68 15.52
N TYR B 662 -40.45 5.65 15.98
CA TYR B 662 -41.02 4.40 16.46
C TYR B 662 -42.29 4.02 15.70
N ARG B 663 -42.69 2.76 15.82
CA ARG B 663 -43.78 2.25 15.01
C ARG B 663 -45.00 2.61 15.77
N ALA B 664 -45.90 3.35 15.14
CA ALA B 664 -47.15 3.80 15.81
C ALA B 664 -47.96 2.59 16.22
N ASP B 665 -47.85 1.48 15.49
CA ASP B 665 -48.61 0.29 15.87
C ASP B 665 -48.02 -0.57 16.93
N SER B 666 -46.86 -0.19 17.45
CA SER B 666 -46.24 -0.94 18.51
C SER B 666 -47.05 -1.04 19.79
N GLU B 667 -47.04 -2.21 20.38
CA GLU B 667 -47.50 -2.36 21.76
C GLU B 667 -46.80 -1.48 22.73
N TRP B 668 -45.61 -0.99 22.37
CA TRP B 668 -44.85 -0.13 23.26
C TRP B 668 -45.09 1.33 22.96
N ALA B 669 -46.05 1.64 22.10
CA ALA B 669 -46.14 2.95 21.57
C ALA B 669 -46.42 4.03 22.65
N ALA B 670 -47.16 3.65 23.69
CA ALA B 670 -47.36 4.57 24.82
C ALA B 670 -46.10 4.79 25.63
N LEU B 671 -45.26 3.78 25.80
CA LEU B 671 -43.96 4.02 26.45
C LEU B 671 -43.14 4.95 25.53
N PHE B 672 -43.17 4.73 24.26
CA PHE B 672 -42.37 5.57 23.34
C PHE B 672 -42.83 6.98 23.30
N ALA B 673 -44.16 7.18 23.25
CA ALA B 673 -44.75 8.52 23.37
C ALA B 673 -44.28 9.24 24.58
N SER B 674 -43.98 8.53 25.68
CA SER B 674 -43.52 9.19 26.92
C SER B 674 -42.13 9.81 26.82
N LEU B 675 -41.34 9.47 25.80
CA LEU B 675 -39.96 10.00 25.69
C LEU B 675 -39.87 11.52 25.64
N LYS B 676 -40.66 12.19 24.83
CA LYS B 676 -40.67 13.66 25.00
C LYS B 676 -41.39 14.02 26.33
N SER B 677 -40.58 14.37 27.34
CA SER B 677 -40.93 14.58 28.77
C SER B 677 -39.68 14.45 29.60
CA CA C . 9.33 13.28 -8.87
CA CA D . 24.37 -37.14 -13.97
O12 NSQ E . 4.21 18.97 -19.78
S10 NSQ E . 4.74 20.35 -19.85
O13 NSQ E . 4.45 21.14 -21.08
O11 NSQ E . 4.36 21.03 -18.62
C6 NSQ E . 6.46 20.29 -19.88
C5 NSQ E . 7.13 19.62 -18.67
O5 NSQ E . 6.91 18.20 -18.89
C1 NSQ E . 7.60 17.32 -18.06
C2 NSQ E . 9.11 17.64 -18.01
O2 NSQ E . 9.69 16.68 -17.18
C3 NSQ E . 9.29 19.08 -17.58
O3 NSQ E . 10.64 19.45 -17.48
C4 NSQ E . 8.60 20.03 -18.53
O4 NSQ E . 8.74 21.38 -18.02
O1 NSQ E . 6.99 17.48 -16.79
C25 NSQ E . 5.78 16.93 -16.62
C26 NSQ E . 5.64 15.54 -16.76
C27 NSQ E . 4.39 15.01 -16.64
C28 NSQ E . 3.31 15.83 -16.32
N32 NSQ E . 2.03 15.24 -16.27
O33 NSQ E . 1.02 15.99 -16.37
O34 NSQ E . 1.90 13.97 -16.32
C29 NSQ E . 3.48 17.21 -16.21
C30 NSQ E . 4.74 17.77 -16.35
CA CA F . -9.80 2.77 15.21
C1 MPD G . -49.03 8.75 19.91
C2 MPD G . -48.93 7.24 19.76
O2 MPD G . -47.72 6.77 20.38
CM MPD G . -48.81 6.82 18.32
C3 MPD G . -50.20 6.62 20.35
C4 MPD G . -50.17 6.11 21.79
O4 MPD G . -49.08 6.59 22.59
C5 MPD G . -51.48 6.36 22.53
O12 NSQ H . -4.25 -0.50 29.07
S10 NSQ H . -4.56 -0.06 27.71
O13 NSQ H . -4.18 1.25 27.23
O11 NSQ H . -4.20 -1.08 26.69
C6 NSQ H . -6.30 -0.15 27.77
C5 NSQ H . -7.01 0.10 26.46
O5 NSQ H . -6.80 -1.02 25.57
C1 NSQ H . -7.61 -1.07 24.40
C2 NSQ H . -9.09 -0.85 24.62
O2 NSQ H . -9.71 -0.87 23.32
C3 NSQ H . -9.35 0.44 25.39
O3 NSQ H . -10.75 0.74 25.71
C4 NSQ H . -8.51 0.39 26.67
O4 NSQ H . -8.73 1.63 27.30
O1 NSQ H . -7.12 0.01 23.58
C25 NSQ H . -5.92 -0.13 23.04
C26 NSQ H . -5.67 -1.22 22.20
C27 NSQ H . -4.42 -1.36 21.71
C28 NSQ H . -3.40 -0.47 22.00
N32 NSQ H . -2.14 -0.69 21.48
O33 NSQ H . -1.30 0.20 21.72
O34 NSQ H . -1.85 -1.76 20.81
C29 NSQ H . -3.66 0.61 22.85
C30 NSQ H . -4.94 0.79 23.40
CL CL I . -9.06 -1.03 18.35
#